data_2CKB
#
_entry.id   2CKB
#
_cell.length_a   295.660
_cell.length_b   89.960
_cell.length_c   84.120
_cell.angle_alpha   90.00
_cell.angle_beta   90.00
_cell.angle_gamma   90.00
#
_symmetry.space_group_name_H-M   'P 21 21 2'
#
loop_
_entity.id
_entity.type
_entity.pdbx_description
1 polymer 'ALPHA, BETA T CELL RECEPTOR'
2 polymer 'ALPHA, BETA T CELL RECEPTOR'
3 polymer 'MAJOR HISTOCOMPATIBILITY COMPLEX CLASS I MOLECULE K(B)'
4 polymer 'DEV8 PEPTIDE'
5 polymer 'BETA-2 MICROGLOBULIN'
6 water water
#
loop_
_entity_poly.entity_id
_entity_poly.type
_entity_poly.pdbx_seq_one_letter_code
_entity_poly.pdbx_strand_id
1 'polypeptide(L)'
;QSVTQPDARVTVSEGASLQLRCKYSYSATPYLFWYVQYPRQGLQLLLKYYSGDPVVQGVNGFEAEFSKSNSSFHLRKASV
HWSDSAVYFCAVSGFASALTFGSGTKVIVLPYIQNPEPAVYALKDPRSQDSTLCLFTDFDSQINVPKTMESGTFITDATV
LDMKAMDSKSNGAIAWSNQTSFTCQDIFKETNATYPSSDVPC
;
A,C
2 'polypeptide(L)'
;EAAVTQSPRNKVAVTGGKVTLSCNQTNNHNNMYWYRQDTGHGLRLIHYSYGAGSTEKGDIPDGYKASRPSQENFSLILEL
ATPSQTSVYFCASGGGGTLYFGAGTRLSVLEDLRNVTPPKVSLFEPSKAEIANKQKATLVCLARGFFPDHVELSWWVNGK
EVHSGVSTDPQAYKESNYSYCLSSRLRVSATFWHNPRNHFRCQVQFHGLSEEDKWPEGSPKPVTQNISAEAWGRADC
;
B,D
3 'polypeptide(L)'
;GPHSLRYFVTAVSRPGLGEPRYMEVGYVDDTEFVRFDSDAENPRYEPRARWMEQEGPEYWERETQKAKGNEQSFRVDLRT
LLGYYNQSKGGSHTIQVISGCEVGSDGRLLRGYQQYAYDGCDYIALNEDLKTWTAADMAALITKHKWEQAGEAERLRAYL
EGTCVEWLRRYLKNGNATLLRTDSPKAHVTHHSRPEDKVTLRCWALGFYPADITLTWQLNGEELIQDMELVETRPAGDGT
FQKWASVVVPLGKEQYYTCHVYHQGLPEPLTLRW
;
H,I
4 'polypeptide(L)' EQYKFYSV P,Q
5 'polypeptide(L)'
;IQKTPQIQVYSRHPPENGKPNILNCYVTQFHPPHIEIQMLKNGKKIPKVEMSDMSFSKDWSFYILAHTEFTPTETDTYAC
RVKHDSMAEPKTVYWDRDM
;
L,M
#
# COMPACT_ATOMS: atom_id res chain seq x y z
N GLN A 1 -5.19 42.35 -97.47
CA GLN A 1 -4.62 42.33 -98.84
C GLN A 1 -3.80 43.58 -99.12
N SER A 2 -3.89 44.57 -98.24
CA SER A 2 -3.16 45.82 -98.43
C SER A 2 -2.16 46.08 -97.30
N VAL A 3 -1.00 46.63 -97.69
CA VAL A 3 0.09 46.97 -96.77
C VAL A 3 0.62 48.34 -97.12
N THR A 4 1.20 49.01 -96.14
CA THR A 4 1.74 50.35 -96.36
C THR A 4 2.86 50.69 -95.36
N GLN A 5 4.02 51.08 -95.87
CA GLN A 5 5.16 51.49 -95.05
C GLN A 5 5.30 52.94 -95.49
N PRO A 6 4.44 53.83 -94.97
CA PRO A 6 4.40 55.25 -95.30
C PRO A 6 5.73 55.85 -95.69
N ASP A 7 6.74 55.52 -94.89
CA ASP A 7 8.07 56.05 -95.10
C ASP A 7 9.06 54.95 -95.49
N ALA A 8 9.62 55.08 -96.69
CA ALA A 8 10.57 54.12 -97.22
C ALA A 8 12.00 54.43 -96.81
N ARG A 9 12.20 55.57 -96.17
CA ARG A 9 13.53 55.95 -95.74
C ARG A 9 13.50 56.69 -94.40
N VAL A 10 14.30 56.21 -93.46
CA VAL A 10 14.40 56.83 -92.14
C VAL A 10 15.82 56.69 -91.65
N THR A 11 16.40 57.81 -91.24
CA THR A 11 17.76 57.84 -90.76
C THR A 11 17.71 58.16 -89.29
N VAL A 12 18.51 57.43 -88.52
CA VAL A 12 18.54 57.67 -87.09
C VAL A 12 19.92 57.63 -86.54
N SER A 13 20.04 58.25 -85.38
CA SER A 13 21.28 58.36 -84.64
C SER A 13 21.50 57.01 -83.98
N GLU A 14 22.70 56.44 -84.11
CA GLU A 14 22.98 55.13 -83.52
C GLU A 14 22.59 55.14 -82.06
N GLY A 15 22.28 53.96 -81.53
CA GLY A 15 21.87 53.87 -80.15
C GLY A 15 20.36 54.01 -80.04
N ALA A 16 19.87 55.20 -80.35
CA ALA A 16 18.45 55.53 -80.28
C ALA A 16 17.41 54.47 -80.67
N SER A 17 16.18 54.79 -80.30
CA SER A 17 15.02 53.97 -80.56
C SER A 17 14.58 54.08 -82.01
N LEU A 18 14.03 52.98 -82.55
CA LEU A 18 13.56 52.92 -83.92
C LEU A 18 12.15 52.33 -84.04
N GLN A 19 11.29 53.02 -84.78
CA GLN A 19 9.93 52.57 -84.98
C GLN A 19 9.55 52.86 -86.42
N LEU A 20 9.38 51.77 -87.18
CA LEU A 20 9.00 51.84 -88.58
C LEU A 20 7.50 51.62 -88.73
N ARG A 21 6.78 52.64 -89.18
CA ARG A 21 5.34 52.49 -89.36
C ARG A 21 4.96 51.44 -90.41
N CYS A 22 3.78 50.86 -90.22
CA CYS A 22 3.20 49.87 -91.13
C CYS A 22 1.71 49.79 -90.89
N LYS A 23 0.95 49.85 -91.97
CA LYS A 23 -0.48 49.78 -91.91
C LYS A 23 -0.87 48.68 -92.86
N TYR A 24 -2.10 48.20 -92.75
CA TYR A 24 -2.58 47.14 -93.60
C TYR A 24 -4.09 47.26 -93.61
N SER A 25 -4.70 46.76 -94.68
CA SER A 25 -6.15 46.79 -94.83
C SER A 25 -6.60 45.40 -95.21
N TYR A 26 -7.56 44.88 -94.44
CA TYR A 26 -8.10 43.54 -94.62
C TYR A 26 -8.99 43.29 -93.43
N SER A 27 -10.30 43.32 -93.61
CA SER A 27 -11.22 43.12 -92.49
C SER A 27 -11.17 41.69 -91.95
N ALA A 28 -10.07 41.37 -91.27
CA ALA A 28 -9.85 40.07 -90.69
C ALA A 28 -8.42 40.03 -90.16
N THR A 29 -8.11 39.01 -89.35
CA THR A 29 -6.78 38.87 -88.78
C THR A 29 -5.80 38.22 -89.75
N PRO A 30 -5.03 39.04 -90.49
CA PRO A 30 -4.07 38.54 -91.46
C PRO A 30 -2.90 37.87 -90.78
N TYR A 31 -1.90 37.52 -91.58
CA TYR A 31 -0.67 36.94 -91.06
C TYR A 31 0.32 38.03 -91.40
N LEU A 32 0.77 38.77 -90.41
CA LEU A 32 1.71 39.85 -90.67
C LEU A 32 3.14 39.35 -90.43
N PHE A 33 4.14 40.02 -91.05
CA PHE A 33 5.56 39.66 -90.91
C PHE A 33 6.49 40.88 -91.14
N TRP A 34 7.78 40.67 -90.92
CA TRP A 34 8.83 41.68 -91.13
C TRP A 34 10.15 40.97 -91.45
N TYR A 35 10.69 41.26 -92.65
CA TYR A 35 11.94 40.67 -93.12
C TYR A 35 12.97 41.78 -93.20
N VAL A 36 14.25 41.42 -93.11
CA VAL A 36 15.33 42.38 -93.18
C VAL A 36 16.19 42.09 -94.39
N GLN A 37 16.66 43.13 -95.06
CA GLN A 37 17.52 42.90 -96.19
C GLN A 37 18.67 43.83 -96.15
N TYR A 38 19.87 43.29 -96.01
CA TYR A 38 21.02 44.16 -96.08
C TYR A 38 21.72 43.76 -97.37
N PRO A 39 22.75 44.51 -97.77
CA PRO A 39 23.57 44.35 -98.97
C PRO A 39 23.72 43.03 -99.70
N ARG A 40 23.05 42.94 -100.84
CA ARG A 40 23.15 41.78 -101.73
C ARG A 40 22.46 40.48 -101.35
N GLN A 41 22.67 40.01 -100.12
CA GLN A 41 21.99 38.79 -99.73
C GLN A 41 20.49 39.10 -99.99
N GLY A 42 19.63 38.11 -99.83
CA GLY A 42 18.23 38.39 -100.07
C GLY A 42 17.53 38.85 -98.81
N LEU A 43 16.36 38.29 -98.59
CA LEU A 43 15.59 38.65 -97.43
C LEU A 43 15.94 37.73 -96.29
N GLN A 44 15.61 38.20 -95.09
CA GLN A 44 15.86 37.52 -93.83
C GLN A 44 14.63 37.77 -92.95
N LEU A 45 14.14 36.73 -92.30
CA LEU A 45 12.97 36.95 -91.48
C LEU A 45 13.32 37.32 -90.08
N LEU A 46 12.53 38.23 -89.54
CA LEU A 46 12.70 38.68 -88.18
C LEU A 46 11.66 37.97 -87.33
N LEU A 47 10.41 37.98 -87.79
CA LEU A 47 9.36 37.34 -87.01
C LEU A 47 8.11 37.11 -87.82
N LYS A 48 7.08 36.60 -87.14
CA LYS A 48 5.80 36.30 -87.75
C LYS A 48 4.66 36.42 -86.75
N TYR A 49 3.52 36.96 -87.18
CA TYR A 49 2.34 37.06 -86.33
C TYR A 49 1.18 36.32 -87.00
N TYR A 50 0.71 35.27 -86.36
CA TYR A 50 -0.39 34.48 -86.89
C TYR A 50 -1.68 34.84 -86.16
N SER A 51 -1.59 34.77 -84.84
CA SER A 51 -2.68 35.07 -83.89
C SER A 51 -2.10 35.01 -82.48
N GLY A 52 -2.83 35.50 -81.49
CA GLY A 52 -2.28 35.41 -80.15
C GLY A 52 -1.86 36.75 -79.59
N ASP A 53 -0.73 36.77 -78.87
CA ASP A 53 -0.22 38.00 -78.25
C ASP A 53 0.23 39.09 -79.21
N PRO A 54 -0.50 40.21 -79.24
CA PRO A 54 -0.22 41.36 -80.09
C PRO A 54 1.23 41.85 -80.05
N VAL A 55 2.00 41.37 -79.09
CA VAL A 55 3.36 41.81 -78.98
C VAL A 55 4.35 40.69 -79.21
N VAL A 56 4.99 40.74 -80.35
CA VAL A 56 5.93 39.71 -80.75
C VAL A 56 7.36 40.07 -80.47
N GLN A 57 8.06 39.13 -79.86
CA GLN A 57 9.46 39.31 -79.48
C GLN A 57 10.29 38.51 -80.48
N GLY A 58 11.07 39.19 -81.30
CA GLY A 58 11.87 38.49 -82.29
C GLY A 58 13.38 38.64 -82.22
N VAL A 59 14.05 38.07 -83.22
CA VAL A 59 15.52 38.09 -83.31
C VAL A 59 16.14 39.48 -83.31
N ASN A 60 17.27 39.57 -82.62
CA ASN A 60 18.04 40.79 -82.51
C ASN A 60 17.26 42.03 -82.11
N GLY A 61 16.87 42.06 -80.84
CA GLY A 61 16.13 43.19 -80.32
C GLY A 61 14.99 43.68 -81.18
N PHE A 62 14.44 42.80 -82.01
CA PHE A 62 13.33 43.18 -82.86
C PHE A 62 11.99 42.63 -82.40
N GLU A 63 11.04 43.54 -82.22
CA GLU A 63 9.71 43.16 -81.76
C GLU A 63 8.67 44.09 -82.36
N ALA A 64 7.44 43.62 -82.46
CA ALA A 64 6.36 44.43 -83.00
C ALA A 64 5.06 44.19 -82.23
N GLU A 65 4.08 45.07 -82.45
CA GLU A 65 2.79 45.02 -81.76
C GLU A 65 1.62 45.05 -82.77
N PHE A 66 0.83 43.97 -82.90
CA PHE A 66 -0.32 43.96 -83.84
C PHE A 66 -1.47 44.74 -83.25
N SER A 67 -2.31 45.32 -84.10
CA SER A 67 -3.41 46.13 -83.58
C SER A 67 -4.55 46.23 -84.55
N LYS A 68 -5.75 46.35 -84.00
CA LYS A 68 -6.92 46.48 -84.82
C LYS A 68 -7.39 47.94 -84.87
N SER A 69 -8.50 48.27 -84.22
CA SER A 69 -8.99 49.64 -84.30
C SER A 69 -8.75 50.04 -85.76
N ASN A 70 -7.61 50.63 -86.09
CA ASN A 70 -7.35 50.89 -87.51
C ASN A 70 -6.00 50.39 -88.06
N SER A 71 -5.76 49.08 -87.91
CA SER A 71 -4.58 48.35 -88.42
C SER A 71 -3.13 48.80 -88.15
N SER A 72 -2.23 47.83 -87.97
CA SER A 72 -0.80 48.12 -87.73
C SER A 72 0.03 46.94 -87.22
N PHE A 73 1.30 46.92 -87.61
CA PHE A 73 2.24 45.89 -87.16
C PHE A 73 3.61 46.55 -87.11
N HIS A 74 3.64 47.77 -86.59
CA HIS A 74 4.88 48.55 -86.47
C HIS A 74 6.03 47.77 -85.83
N LEU A 75 7.16 47.76 -86.52
CA LEU A 75 8.32 47.05 -86.03
C LEU A 75 8.97 47.88 -84.97
N ARG A 76 9.81 47.24 -84.14
CA ARG A 76 10.51 47.97 -83.10
C ARG A 76 11.72 47.30 -82.51
N LYS A 77 12.76 48.12 -82.36
CA LYS A 77 14.06 47.79 -81.74
C LYS A 77 14.52 49.11 -81.14
N ALA A 78 14.81 49.14 -79.84
CA ALA A 78 15.23 50.37 -79.14
C ALA A 78 16.70 50.81 -79.26
N SER A 79 17.60 49.87 -79.02
CA SER A 79 19.03 50.16 -79.09
C SER A 79 19.50 49.93 -80.50
N VAL A 80 19.22 50.85 -81.41
CA VAL A 80 19.66 50.60 -82.77
C VAL A 80 21.18 50.50 -82.84
N HIS A 81 21.66 49.64 -83.71
CA HIS A 81 23.08 49.43 -83.88
C HIS A 81 23.35 49.48 -85.37
N TRP A 82 24.33 50.30 -85.69
CA TRP A 82 24.72 50.50 -87.05
C TRP A 82 24.32 49.37 -88.01
N SER A 83 24.90 48.19 -87.83
CA SER A 83 24.64 47.04 -88.71
C SER A 83 23.17 46.86 -89.11
N ASP A 84 22.28 47.46 -88.34
CA ASP A 84 20.86 47.37 -88.62
C ASP A 84 20.39 48.26 -89.77
N SER A 85 21.28 49.13 -90.23
CA SER A 85 20.94 50.01 -91.34
C SER A 85 20.59 49.05 -92.47
N ALA A 86 19.37 49.13 -93.00
CA ALA A 86 19.00 48.23 -94.09
C ALA A 86 17.61 48.46 -94.67
N VAL A 87 17.02 47.40 -95.21
CA VAL A 87 15.69 47.47 -95.76
C VAL A 87 14.89 46.46 -95.03
N TYR A 88 13.85 46.95 -94.42
CA TYR A 88 12.97 46.11 -93.64
C TYR A 88 11.63 46.12 -94.37
N PHE A 89 11.11 44.93 -94.64
CA PHE A 89 9.86 44.79 -95.36
C PHE A 89 8.83 44.17 -94.50
N CYS A 90 7.60 44.55 -94.72
CA CYS A 90 6.49 44.05 -93.95
C CYS A 90 5.47 43.33 -94.83
N ALA A 91 5.37 42.01 -94.68
CA ALA A 91 4.42 41.22 -95.48
C ALA A 91 3.17 40.68 -94.75
N VAL A 92 2.14 40.40 -95.54
CA VAL A 92 0.88 39.86 -95.03
C VAL A 92 0.52 38.65 -95.87
N SER A 93 -0.31 37.77 -95.31
CA SER A 93 -0.76 36.54 -95.99
C SER A 93 -2.29 36.57 -96.07
N GLY A 94 -2.81 37.15 -97.15
CA GLY A 94 -4.25 37.28 -97.34
C GLY A 94 -5.09 36.07 -97.68
N PHE A 95 -5.37 35.88 -98.97
CA PHE A 95 -6.18 34.74 -99.37
C PHE A 95 -5.40 33.50 -99.77
N ALA A 96 -4.49 33.03 -98.93
CA ALA A 96 -3.70 31.81 -99.20
C ALA A 96 -2.22 31.98 -99.54
N SER A 97 -1.44 31.04 -99.01
CA SER A 97 0.02 30.92 -99.14
C SER A 97 0.79 31.92 -99.99
N ALA A 98 0.37 33.17 -99.96
CA ALA A 98 1.00 34.22 -100.74
C ALA A 98 1.60 35.18 -99.74
N LEU A 99 2.46 36.09 -100.19
CA LEU A 99 3.06 37.05 -99.29
C LEU A 99 3.14 38.44 -99.89
N THR A 100 1.99 39.11 -99.91
CA THR A 100 1.85 40.45 -100.44
C THR A 100 2.70 41.55 -99.76
N PHE A 101 3.99 41.61 -100.10
CA PHE A 101 4.88 42.63 -99.52
C PHE A 101 4.46 44.03 -99.88
N GLY A 102 4.92 44.98 -99.08
CA GLY A 102 4.64 46.38 -99.31
C GLY A 102 5.95 47.05 -99.68
N SER A 103 5.88 48.28 -100.19
CA SER A 103 7.08 49.02 -100.62
C SER A 103 8.33 48.71 -99.83
N GLY A 104 8.42 49.20 -98.60
CA GLY A 104 9.58 48.90 -97.82
C GLY A 104 10.16 50.13 -97.18
N THR A 105 11.13 49.91 -96.29
CA THR A 105 11.76 51.00 -95.59
C THR A 105 13.24 50.75 -95.36
N LYS A 106 14.03 51.65 -95.96
CA LYS A 106 15.49 51.65 -95.88
C LYS A 106 15.75 52.51 -94.67
N VAL A 107 16.43 51.94 -93.68
CA VAL A 107 16.75 52.69 -92.48
C VAL A 107 18.22 52.90 -92.40
N ILE A 108 18.60 54.05 -91.87
CA ILE A 108 20.00 54.35 -91.77
C ILE A 108 20.39 54.85 -90.41
N VAL A 109 21.32 54.14 -89.77
CA VAL A 109 21.77 54.54 -88.46
C VAL A 109 23.21 55.05 -88.50
N LEU A 110 23.32 56.37 -88.49
CA LEU A 110 24.58 57.09 -88.51
C LEU A 110 25.32 56.77 -87.23
N PRO A 111 26.60 56.41 -87.31
CA PRO A 111 27.34 56.08 -86.08
C PRO A 111 27.70 57.27 -85.21
N TYR A 112 28.15 56.97 -84.00
CA TYR A 112 28.58 58.01 -83.11
C TYR A 112 30.03 58.23 -83.49
N ILE A 113 30.53 59.45 -83.29
CA ILE A 113 31.92 59.77 -83.62
C ILE A 113 32.47 60.87 -82.69
N GLN A 114 33.42 60.49 -81.84
CA GLN A 114 34.01 61.40 -80.87
C GLN A 114 34.64 62.65 -81.43
N ASN A 115 35.44 62.44 -82.47
CA ASN A 115 36.25 63.46 -83.13
C ASN A 115 35.87 64.03 -84.51
N PRO A 116 35.24 65.21 -84.57
CA PRO A 116 34.95 65.65 -85.94
C PRO A 116 36.19 66.28 -86.55
N GLU A 117 36.85 65.54 -87.42
CA GLU A 117 38.02 66.03 -88.12
C GLU A 117 37.65 66.15 -89.60
N PRO A 118 36.77 67.09 -89.93
CA PRO A 118 36.34 67.30 -91.32
C PRO A 118 37.47 67.68 -92.26
N ALA A 119 38.47 66.83 -92.36
CA ALA A 119 39.61 67.10 -93.23
C ALA A 119 39.42 66.47 -94.61
N VAL A 120 39.65 67.27 -95.64
CA VAL A 120 39.53 66.82 -97.03
C VAL A 120 40.90 66.47 -97.60
N TYR A 121 40.98 65.39 -98.35
CA TYR A 121 42.24 65.01 -98.97
C TYR A 121 42.09 64.91 -100.47
N ALA A 122 43.21 64.64 -101.15
CA ALA A 122 43.27 64.48 -102.61
C ALA A 122 44.23 63.34 -102.93
N LEU A 123 43.75 62.35 -103.67
CA LEU A 123 44.57 61.18 -103.99
C LEU A 123 44.78 61.06 -105.47
N LYS A 124 45.99 60.70 -105.86
CA LYS A 124 46.31 60.58 -107.28
C LYS A 124 46.57 59.14 -107.70
N ASP A 125 45.96 58.75 -108.82
CA ASP A 125 46.08 57.40 -109.39
C ASP A 125 47.44 57.18 -109.99
N PRO A 126 48.28 56.41 -109.30
CA PRO A 126 49.65 56.05 -109.67
C PRO A 126 49.88 55.44 -111.05
N ARG A 127 48.81 55.05 -111.73
CA ARG A 127 48.98 54.43 -113.04
C ARG A 127 48.63 55.27 -114.26
N SER A 128 48.86 56.57 -114.18
CA SER A 128 48.59 57.49 -115.29
C SER A 128 48.92 58.90 -114.83
N GLN A 129 48.64 59.88 -115.69
CA GLN A 129 48.89 61.27 -115.33
C GLN A 129 47.61 61.76 -114.68
N ASP A 130 47.64 63.00 -114.18
CA ASP A 130 46.48 63.61 -113.52
C ASP A 130 45.24 62.75 -113.32
N SER A 131 45.30 61.81 -112.39
CA SER A 131 44.13 60.98 -112.08
C SER A 131 43.87 61.12 -110.60
N THR A 132 43.28 62.24 -110.25
CA THR A 132 43.01 62.54 -108.87
C THR A 132 41.54 62.45 -108.49
N LEU A 133 41.32 62.73 -107.22
CA LEU A 133 39.99 62.73 -106.66
C LEU A 133 39.99 63.33 -105.25
N CYS A 134 38.82 63.87 -104.90
CA CYS A 134 38.60 64.51 -103.62
C CYS A 134 37.92 63.56 -102.65
N LEU A 135 38.61 63.26 -101.55
CA LEU A 135 38.09 62.34 -100.54
C LEU A 135 37.71 63.02 -99.23
N PHE A 136 36.41 63.26 -99.04
CA PHE A 136 35.92 63.85 -97.80
C PHE A 136 36.10 62.69 -96.86
N THR A 137 36.34 62.94 -95.58
CA THR A 137 36.57 61.84 -94.64
C THR A 137 36.44 62.33 -93.22
N ASP A 138 36.25 61.38 -92.31
CA ASP A 138 36.09 61.63 -90.88
C ASP A 138 35.36 62.91 -90.58
N PHE A 139 34.09 62.96 -90.94
CA PHE A 139 33.31 64.13 -90.63
C PHE A 139 32.17 63.64 -89.75
N ASP A 140 31.32 64.58 -89.33
CA ASP A 140 30.21 64.29 -88.43
C ASP A 140 28.96 63.71 -89.08
N SER A 141 28.63 62.48 -88.71
CA SER A 141 27.46 61.83 -89.24
C SER A 141 26.44 62.88 -89.59
N GLN A 142 26.00 63.63 -88.60
CA GLN A 142 25.03 64.67 -88.88
C GLN A 142 25.66 65.85 -89.57
N ILE A 143 25.60 65.83 -90.89
CA ILE A 143 26.13 66.89 -91.72
C ILE A 143 25.59 66.56 -93.10
N ASN A 144 25.91 67.38 -94.10
CA ASN A 144 25.41 67.10 -95.44
C ASN A 144 26.38 67.55 -96.54
N VAL A 145 27.04 66.59 -97.19
CA VAL A 145 27.96 66.94 -98.27
C VAL A 145 27.17 67.51 -99.44
N PRO A 146 27.58 68.66 -99.97
CA PRO A 146 26.92 69.32 -101.09
C PRO A 146 26.66 68.46 -102.34
N LYS A 147 25.64 68.83 -103.12
CA LYS A 147 25.25 68.11 -104.32
C LYS A 147 26.06 68.53 -105.55
N THR A 148 25.78 67.86 -106.67
CA THR A 148 26.48 68.13 -107.91
C THR A 148 25.61 68.76 -109.00
N MET A 149 26.12 69.84 -109.59
CA MET A 149 25.43 70.56 -110.67
C MET A 149 26.50 70.80 -111.73
N GLU A 150 27.64 70.14 -111.55
CA GLU A 150 28.78 70.24 -112.45
C GLU A 150 29.00 68.89 -113.12
N SER A 151 28.76 68.81 -114.42
CA SER A 151 28.94 67.57 -115.16
C SER A 151 30.38 67.05 -115.05
N GLY A 152 30.54 65.72 -115.08
CA GLY A 152 31.87 65.13 -114.97
C GLY A 152 32.41 65.19 -113.55
N THR A 153 31.86 66.12 -112.78
CA THR A 153 32.25 66.33 -111.39
C THR A 153 31.24 65.59 -110.52
N PHE A 154 31.62 64.39 -110.09
CA PHE A 154 30.77 63.52 -109.31
C PHE A 154 31.21 63.29 -107.86
N ILE A 155 30.26 63.37 -106.92
CA ILE A 155 30.53 63.12 -105.51
C ILE A 155 29.71 61.89 -105.11
N THR A 156 30.34 60.95 -104.42
CA THR A 156 29.64 59.76 -104.01
C THR A 156 28.82 60.02 -102.77
N ASP A 157 28.17 58.97 -102.27
CA ASP A 157 27.34 59.11 -101.09
C ASP A 157 28.12 58.71 -99.85
N ALA A 158 27.83 59.41 -98.74
CA ALA A 158 28.47 59.15 -97.46
C ALA A 158 28.50 57.66 -97.27
N THR A 159 29.70 57.10 -97.17
CA THR A 159 29.83 55.66 -96.99
C THR A 159 30.58 55.33 -95.69
N VAL A 160 29.85 55.19 -94.58
CA VAL A 160 30.50 54.90 -93.32
C VAL A 160 31.41 53.69 -93.41
N LEU A 161 32.40 53.64 -92.53
CA LEU A 161 33.38 52.56 -92.53
C LEU A 161 33.87 52.26 -91.12
N ASP A 162 34.34 51.04 -90.90
CA ASP A 162 34.83 50.63 -89.58
C ASP A 162 36.02 49.66 -89.74
N MET A 163 37.11 49.92 -89.02
CA MET A 163 38.28 49.05 -89.07
C MET A 163 38.20 47.96 -87.99
N LYS A 164 39.37 47.48 -87.56
CA LYS A 164 39.50 46.42 -86.56
C LYS A 164 39.83 46.96 -85.18
N ALA A 165 40.54 48.08 -85.10
CA ALA A 165 40.90 48.58 -83.79
C ALA A 165 40.58 50.02 -83.47
N MET A 166 39.84 50.12 -82.38
CA MET A 166 39.36 51.34 -81.76
C MET A 166 37.98 51.71 -82.20
N ASP A 167 37.91 52.43 -83.29
CA ASP A 167 36.62 52.85 -83.73
C ASP A 167 36.75 52.95 -85.22
N SER A 168 37.02 54.18 -85.64
CA SER A 168 37.19 54.48 -87.05
C SER A 168 35.83 54.73 -87.66
N LYS A 169 34.79 54.78 -86.83
CA LYS A 169 33.46 55.06 -87.36
C LYS A 169 33.64 56.38 -88.12
N SER A 170 33.86 56.29 -89.43
CA SER A 170 34.09 57.48 -90.22
C SER A 170 33.27 57.52 -91.48
N ASN A 171 32.69 58.68 -91.73
CA ASN A 171 31.89 58.89 -92.91
C ASN A 171 32.94 59.29 -93.92
N GLY A 172 32.56 59.36 -95.19
CA GLY A 172 33.50 59.75 -96.20
C GLY A 172 32.81 59.80 -97.54
N ALA A 173 33.10 60.83 -98.34
CA ALA A 173 32.48 60.97 -99.66
C ALA A 173 33.52 61.30 -100.73
N ILE A 174 33.58 60.45 -101.73
CA ILE A 174 34.51 60.62 -102.81
C ILE A 174 33.92 61.55 -103.84
N ALA A 175 34.83 62.23 -104.54
CA ALA A 175 34.51 63.19 -105.58
C ALA A 175 35.60 63.16 -106.65
N TRP A 176 35.21 63.50 -107.89
CA TRP A 176 36.14 63.57 -109.02
C TRP A 176 35.50 64.25 -110.24
N SER A 177 36.31 65.01 -110.95
CA SER A 177 35.86 65.72 -112.13
C SER A 177 36.90 65.65 -113.23
N ASN A 178 36.43 65.86 -114.45
CA ASN A 178 37.30 65.86 -115.62
C ASN A 178 37.64 67.31 -115.93
N GLN A 179 37.22 68.21 -115.04
CA GLN A 179 37.44 69.64 -115.23
C GLN A 179 38.73 70.19 -114.64
N THR A 180 39.60 70.65 -115.54
CA THR A 180 40.91 71.23 -115.24
C THR A 180 41.39 70.91 -113.85
N SER A 181 42.19 71.80 -113.29
CA SER A 181 42.62 71.57 -111.94
C SER A 181 41.53 72.23 -111.14
N PHE A 182 40.60 71.42 -110.67
CA PHE A 182 39.54 71.94 -109.84
C PHE A 182 40.07 71.56 -108.49
N THR A 183 39.80 72.36 -107.50
CA THR A 183 40.31 72.01 -106.21
C THR A 183 39.24 71.34 -105.39
N CYS A 184 39.60 70.23 -104.77
CA CYS A 184 38.68 69.52 -103.91
C CYS A 184 38.22 70.67 -103.05
N GLN A 185 39.22 71.46 -102.67
CA GLN A 185 39.05 72.65 -101.86
C GLN A 185 37.86 73.43 -102.38
N ASP A 186 37.71 73.45 -103.70
CA ASP A 186 36.64 74.17 -104.34
C ASP A 186 35.36 73.38 -104.31
N ILE A 187 35.38 72.23 -104.97
CA ILE A 187 34.20 71.37 -105.07
C ILE A 187 33.45 71.20 -103.76
N PHE A 188 34.18 71.00 -102.66
CA PHE A 188 33.52 70.84 -101.38
C PHE A 188 33.35 72.26 -100.77
N LYS A 189 32.44 73.05 -101.36
CA LYS A 189 32.15 74.44 -100.95
C LYS A 189 31.98 74.65 -99.46
N GLU A 190 30.86 74.17 -98.94
CA GLU A 190 30.59 74.30 -97.52
C GLU A 190 31.08 73.03 -96.83
N THR A 191 32.38 73.01 -96.52
CA THR A 191 33.03 71.88 -95.85
C THR A 191 34.14 72.37 -94.93
N ASN A 192 35.05 71.49 -94.52
CA ASN A 192 36.11 71.91 -93.61
C ASN A 192 37.54 71.38 -93.78
N ALA A 193 38.47 72.05 -93.07
CA ALA A 193 39.92 71.81 -92.97
C ALA A 193 40.63 71.03 -94.06
N THR A 194 40.86 71.68 -95.21
CA THR A 194 41.52 71.01 -96.32
C THR A 194 43.04 71.10 -96.30
N TYR A 195 43.69 69.95 -96.32
CA TYR A 195 45.15 69.91 -96.35
C TYR A 195 45.51 69.50 -97.81
N PRO A 196 46.34 70.31 -98.54
CA PRO A 196 46.83 70.18 -99.93
C PRO A 196 48.01 69.26 -100.24
N SER A 197 48.35 69.18 -101.51
CA SER A 197 49.47 68.35 -101.95
C SER A 197 50.79 69.09 -101.90
N SER A 198 51.30 69.26 -100.69
CA SER A 198 52.57 69.95 -100.49
C SER A 198 53.43 69.12 -99.53
N ASP A 199 53.85 67.95 -100.02
CA ASP A 199 54.66 67.00 -99.27
C ASP A 199 55.78 67.65 -98.46
N VAL A 200 55.47 68.06 -97.24
CA VAL A 200 56.45 68.69 -96.36
C VAL A 200 57.52 67.70 -95.93
N PRO A 201 58.75 68.17 -95.65
CA PRO A 201 59.85 67.30 -95.22
C PRO A 201 59.67 66.82 -93.78
N CYS A 202 59.13 67.70 -92.93
CA CYS A 202 58.89 67.38 -91.52
C CYS A 202 57.75 68.23 -90.99
N GLU B 1 19.84 22.97 -91.95
CA GLU B 1 20.25 23.41 -93.33
C GLU B 1 19.10 24.14 -94.02
N ALA B 2 18.44 23.44 -94.96
CA ALA B 2 17.32 24.00 -95.72
C ALA B 2 17.79 25.09 -96.70
N ALA B 3 18.52 24.69 -97.73
CA ALA B 3 19.06 25.65 -98.71
C ALA B 3 18.14 26.02 -99.89
N VAL B 4 18.12 27.31 -100.23
CA VAL B 4 17.33 27.83 -101.36
C VAL B 4 18.32 28.23 -102.44
N THR B 5 18.76 27.26 -103.20
CA THR B 5 19.70 27.49 -104.27
C THR B 5 19.00 28.15 -105.45
N GLN B 6 19.46 29.35 -105.82
CA GLN B 6 18.84 30.09 -106.92
C GLN B 6 19.82 30.43 -108.04
N SER B 7 19.76 29.67 -109.12
CA SER B 7 20.65 29.88 -110.25
C SER B 7 19.96 30.02 -111.61
N PRO B 8 20.53 30.85 -112.50
CA PRO B 8 21.75 31.61 -112.25
C PRO B 8 21.47 32.76 -111.31
N ARG B 9 22.51 33.45 -110.88
CA ARG B 9 22.31 34.57 -109.99
C ARG B 9 22.47 35.88 -110.78
N ASN B 10 22.80 35.77 -112.06
CA ASN B 10 22.96 36.95 -112.88
C ASN B 10 23.00 36.60 -114.36
N LYS B 11 22.49 37.51 -115.19
CA LYS B 11 22.44 37.31 -116.62
C LYS B 11 22.18 38.61 -117.36
N VAL B 12 22.87 38.77 -118.48
CA VAL B 12 22.70 39.92 -119.35
C VAL B 12 22.13 39.23 -120.57
N ALA B 13 20.84 39.41 -120.80
CA ALA B 13 20.25 38.75 -121.94
C ALA B 13 19.76 39.79 -122.91
N VAL B 14 19.41 39.32 -124.11
CA VAL B 14 18.92 40.15 -125.21
C VAL B 14 17.40 40.25 -125.21
N THR B 15 16.86 41.29 -125.84
CA THR B 15 15.42 41.44 -125.92
C THR B 15 14.96 40.19 -126.70
N GLY B 16 13.67 39.90 -126.65
CA GLY B 16 13.14 38.73 -127.33
C GLY B 16 13.96 37.48 -127.05
N GLY B 17 14.42 37.34 -125.82
CA GLY B 17 15.23 36.19 -125.47
C GLY B 17 14.50 35.34 -124.47
N LYS B 18 14.62 34.03 -124.60
CA LYS B 18 13.96 33.13 -123.67
C LYS B 18 14.96 32.79 -122.58
N VAL B 19 14.67 33.30 -121.40
CA VAL B 19 15.49 33.11 -120.20
C VAL B 19 14.76 32.37 -119.10
N THR B 20 15.43 31.35 -118.58
CA THR B 20 14.88 30.55 -117.52
C THR B 20 15.83 30.52 -116.32
N LEU B 21 15.26 30.82 -115.16
CA LEU B 21 16.00 30.81 -113.91
C LEU B 21 15.40 29.63 -113.18
N SER B 22 16.25 28.88 -112.48
CA SER B 22 15.81 27.70 -111.73
C SER B 22 16.08 27.89 -110.27
N CYS B 23 15.30 27.19 -109.44
CA CYS B 23 15.47 27.27 -107.98
C CYS B 23 15.46 25.87 -107.36
N ASN B 24 16.57 25.46 -106.79
CA ASN B 24 16.66 24.15 -106.17
C ASN B 24 16.57 24.37 -104.69
N GLN B 25 15.85 23.51 -104.00
CA GLN B 25 15.70 23.65 -102.56
C GLN B 25 16.02 22.35 -101.86
N THR B 26 15.85 22.32 -100.55
CA THR B 26 16.10 21.15 -99.71
C THR B 26 15.39 21.43 -98.40
N ASN B 27 14.25 22.10 -98.51
CA ASN B 27 13.41 22.45 -97.37
C ASN B 27 12.19 21.56 -97.38
N ASN B 28 12.00 20.86 -98.50
CA ASN B 28 10.87 19.98 -98.66
C ASN B 28 9.57 20.77 -98.63
N HIS B 29 9.69 22.09 -98.63
CA HIS B 29 8.53 22.96 -98.60
C HIS B 29 7.79 22.88 -99.89
N ASN B 30 6.54 22.40 -99.84
CA ASN B 30 5.73 22.28 -101.04
C ASN B 30 5.57 23.62 -101.77
N ASN B 31 5.27 24.67 -101.01
CA ASN B 31 5.06 25.99 -101.61
C ASN B 31 6.31 26.78 -102.05
N MET B 32 6.47 26.88 -103.37
CA MET B 32 7.57 27.57 -104.05
C MET B 32 7.08 28.89 -104.61
N TYR B 33 7.99 29.84 -104.82
CA TYR B 33 7.57 31.12 -105.40
C TYR B 33 8.60 31.85 -106.27
N TRP B 34 8.12 32.93 -106.90
CA TRP B 34 8.96 33.80 -107.73
C TRP B 34 8.42 35.23 -107.55
N TYR B 35 9.22 36.05 -106.88
CA TYR B 35 8.89 37.43 -106.57
C TYR B 35 9.91 38.33 -107.24
N ARG B 36 9.56 39.60 -107.45
CA ARG B 36 10.51 40.49 -108.09
C ARG B 36 10.80 41.79 -107.33
N GLN B 37 12.07 41.94 -106.92
CA GLN B 37 12.52 43.11 -106.15
C GLN B 37 12.78 44.32 -107.07
N ASP B 38 11.92 45.33 -107.00
CA ASP B 38 12.07 46.54 -107.80
C ASP B 38 11.62 47.71 -106.91
N THR B 39 12.35 48.81 -106.99
CA THR B 39 12.05 50.00 -106.18
C THR B 39 10.65 50.58 -106.36
N GLY B 40 10.13 51.20 -105.30
CA GLY B 40 8.81 51.81 -105.35
C GLY B 40 7.69 50.79 -105.27
N HIS B 41 8.06 49.51 -105.38
CA HIS B 41 7.12 48.40 -105.33
C HIS B 41 7.65 47.29 -104.46
N GLY B 42 8.89 47.43 -104.01
CA GLY B 42 9.50 46.39 -103.21
C GLY B 42 9.39 45.09 -103.99
N LEU B 43 9.14 44.00 -103.27
CA LEU B 43 9.00 42.70 -103.91
C LEU B 43 7.58 42.48 -104.40
N ARG B 44 7.42 41.60 -105.39
CA ARG B 44 6.09 41.30 -105.93
C ARG B 44 6.02 39.87 -106.43
N LEU B 45 4.84 39.26 -106.28
CA LEU B 45 4.64 37.87 -106.67
C LEU B 45 4.36 37.59 -108.12
N ILE B 46 5.22 36.75 -108.67
CA ILE B 46 5.10 36.34 -110.04
C ILE B 46 4.28 35.08 -110.13
N HIS B 47 4.87 33.95 -109.75
CA HIS B 47 4.18 32.66 -109.81
C HIS B 47 4.37 31.78 -108.55
N TYR B 48 3.43 30.87 -108.32
CA TYR B 48 3.52 29.98 -107.17
C TYR B 48 2.96 28.57 -107.34
N SER B 49 3.58 27.60 -106.65
CA SER B 49 3.21 26.20 -106.71
C SER B 49 2.94 25.60 -105.36
N TYR B 50 2.34 24.41 -105.36
CA TYR B 50 2.00 23.66 -104.16
C TYR B 50 2.60 22.22 -104.16
N GLY B 51 3.35 21.91 -105.21
CA GLY B 51 3.96 20.59 -105.34
C GLY B 51 3.97 20.29 -106.83
N ALA B 52 4.87 19.42 -107.26
CA ALA B 52 4.96 19.07 -108.68
C ALA B 52 3.66 19.20 -109.45
N GLY B 53 3.67 20.02 -110.49
CA GLY B 53 2.48 20.20 -111.29
C GLY B 53 1.63 21.37 -110.88
N SER B 54 1.33 21.46 -109.60
CA SER B 54 0.50 22.55 -109.12
C SER B 54 1.17 23.85 -109.53
N THR B 55 0.45 24.67 -110.29
CA THR B 55 0.97 25.94 -110.74
C THR B 55 -0.15 26.96 -110.93
N GLU B 56 0.10 28.18 -110.47
CA GLU B 56 -0.87 29.25 -110.58
C GLU B 56 -0.23 30.62 -110.81
N LYS B 57 -1.06 31.60 -111.11
CA LYS B 57 -0.62 32.96 -111.38
C LYS B 57 -0.52 33.84 -110.13
N GLY B 58 0.50 34.70 -110.09
CA GLY B 58 0.69 35.59 -108.97
C GLY B 58 -0.03 36.91 -109.19
N ASP B 59 0.70 38.03 -109.07
CA ASP B 59 0.12 39.36 -109.28
C ASP B 59 0.79 40.04 -110.45
N ILE B 60 2.01 39.61 -110.75
CA ILE B 60 2.74 40.12 -111.88
C ILE B 60 2.88 38.89 -112.76
N PRO B 61 1.92 38.69 -113.67
CA PRO B 61 1.91 37.54 -114.57
C PRO B 61 2.41 37.74 -116.00
N ASP B 62 2.03 38.85 -116.62
CA ASP B 62 2.41 39.14 -117.98
C ASP B 62 3.84 38.72 -118.35
N GLY B 63 3.96 37.87 -119.38
CA GLY B 63 5.26 37.42 -119.85
C GLY B 63 5.96 36.28 -119.11
N TYR B 64 5.62 36.07 -117.85
CA TYR B 64 6.25 35.02 -117.08
C TYR B 64 5.44 33.75 -117.06
N LYS B 65 6.17 32.64 -117.03
CA LYS B 65 5.60 31.29 -116.99
C LYS B 65 6.41 30.49 -115.97
N ALA B 66 5.94 29.32 -115.56
CA ALA B 66 6.70 28.55 -114.58
C ALA B 66 6.52 27.03 -114.67
N SER B 67 7.54 26.30 -114.20
CA SER B 67 7.51 24.85 -114.24
C SER B 67 7.80 24.22 -112.89
N ARG B 68 7.07 23.15 -112.58
CA ARG B 68 7.23 22.43 -111.32
C ARG B 68 7.33 20.93 -111.57
N PRO B 69 8.53 20.44 -111.94
CA PRO B 69 8.75 19.01 -112.21
C PRO B 69 9.02 18.18 -110.96
N SER B 70 9.92 18.65 -110.12
CA SER B 70 10.29 17.94 -108.88
C SER B 70 9.78 18.66 -107.65
N GLN B 71 9.86 18.01 -106.50
CA GLN B 71 9.43 18.63 -105.25
C GLN B 71 10.58 19.57 -104.96
N GLU B 72 11.42 19.75 -105.97
CA GLU B 72 12.59 20.59 -105.81
C GLU B 72 12.69 21.69 -106.85
N ASN B 73 12.93 21.30 -108.10
CA ASN B 73 13.11 22.29 -109.16
C ASN B 73 11.89 23.12 -109.55
N PHE B 74 11.99 24.44 -109.34
CA PHE B 74 10.94 25.37 -109.75
C PHE B 74 11.66 26.30 -110.72
N SER B 75 10.93 26.99 -111.59
CA SER B 75 11.59 27.82 -112.57
C SER B 75 10.71 28.84 -113.27
N LEU B 76 11.11 30.10 -113.16
CA LEU B 76 10.40 31.21 -113.79
C LEU B 76 10.95 31.32 -115.19
N ILE B 77 10.06 31.25 -116.18
CA ILE B 77 10.42 31.30 -117.60
C ILE B 77 9.93 32.52 -118.40
N LEU B 78 10.89 33.23 -119.00
CA LEU B 78 10.60 34.40 -119.84
C LEU B 78 11.03 34.14 -121.30
N GLU B 79 10.05 34.07 -122.22
CA GLU B 79 10.30 33.81 -123.65
C GLU B 79 10.42 35.09 -124.47
N LEU B 80 9.36 35.88 -124.38
CA LEU B 80 9.26 37.16 -125.05
C LEU B 80 9.86 38.21 -124.11
N ALA B 81 11.15 38.08 -123.83
CA ALA B 81 11.83 38.98 -122.91
C ALA B 81 11.88 40.45 -123.33
N THR B 82 11.56 41.32 -122.39
CA THR B 82 11.58 42.77 -122.61
C THR B 82 12.22 43.34 -121.35
N PRO B 83 13.03 44.41 -121.48
CA PRO B 83 13.70 45.00 -120.31
C PRO B 83 12.82 45.35 -119.11
N SER B 84 11.49 45.43 -119.31
CA SER B 84 10.59 45.74 -118.21
C SER B 84 10.83 44.66 -117.19
N GLN B 85 11.23 43.49 -117.69
CA GLN B 85 11.51 42.34 -116.85
C GLN B 85 12.94 42.45 -116.34
N THR B 86 13.36 43.67 -116.06
CA THR B 86 14.70 43.89 -115.54
C THR B 86 14.55 44.03 -114.05
N SER B 87 15.23 43.20 -113.29
CA SER B 87 15.12 43.28 -111.84
C SER B 87 15.88 42.18 -111.11
N VAL B 88 15.77 42.18 -109.78
CA VAL B 88 16.41 41.18 -108.96
C VAL B 88 15.30 40.20 -108.73
N TYR B 89 15.52 38.99 -109.21
CA TYR B 89 14.51 38.01 -109.06
C TYR B 89 14.81 37.17 -107.84
N PHE B 90 13.75 36.85 -107.11
CA PHE B 90 13.84 36.04 -105.91
C PHE B 90 12.74 34.97 -105.98
N CYS B 91 13.08 33.78 -105.52
CA CYS B 91 12.15 32.66 -105.45
C CYS B 91 12.11 32.30 -103.98
N ALA B 92 11.37 31.27 -103.61
CA ALA B 92 11.29 30.89 -102.21
C ALA B 92 10.39 29.68 -101.94
N SER B 93 10.68 29.00 -100.84
CA SER B 93 9.92 27.84 -100.43
C SER B 93 9.11 28.31 -99.24
N GLY B 94 8.00 27.64 -98.91
CA GLY B 94 7.22 28.09 -97.77
C GLY B 94 6.05 27.31 -97.22
N GLY B 95 6.06 27.13 -95.91
CA GLY B 95 4.98 26.41 -95.25
C GLY B 95 4.03 27.35 -94.51
N GLY B 96 2.90 27.64 -95.15
CA GLY B 96 1.88 28.50 -94.57
C GLY B 96 2.19 29.98 -94.57
N GLY B 97 3.47 30.30 -94.40
CA GLY B 97 3.92 31.68 -94.36
C GLY B 97 5.31 31.82 -93.74
N THR B 98 6.14 30.80 -93.92
CA THR B 98 7.50 30.82 -93.42
C THR B 98 8.39 30.76 -94.63
N LEU B 99 8.26 31.77 -95.49
CA LEU B 99 9.00 31.85 -96.73
C LEU B 99 10.52 31.88 -96.54
N TYR B 100 11.21 31.01 -97.25
CA TYR B 100 12.65 30.94 -97.19
C TYR B 100 13.13 31.41 -98.55
N PHE B 101 13.60 32.64 -98.59
CA PHE B 101 14.08 33.26 -99.80
C PHE B 101 15.47 32.81 -100.21
N GLY B 102 15.87 33.21 -101.42
CA GLY B 102 17.17 32.85 -101.93
C GLY B 102 18.11 34.00 -102.28
N ALA B 103 19.32 33.67 -102.73
CA ALA B 103 20.37 34.63 -103.09
C ALA B 103 19.96 35.75 -104.04
N GLY B 104 19.12 35.42 -105.02
CA GLY B 104 18.68 36.43 -105.96
C GLY B 104 19.24 36.23 -107.35
N THR B 105 18.90 37.16 -108.27
CA THR B 105 19.37 37.11 -109.65
C THR B 105 19.27 38.49 -110.23
N ARG B 106 20.37 38.99 -110.78
CA ARG B 106 20.38 40.31 -111.38
C ARG B 106 19.95 40.10 -112.83
N LEU B 107 18.72 40.49 -113.13
CA LEU B 107 18.23 40.30 -114.49
C LEU B 107 18.31 41.57 -115.33
N SER B 108 19.24 41.53 -116.28
CA SER B 108 19.48 42.65 -117.18
C SER B 108 19.36 42.24 -118.66
N VAL B 109 18.17 42.46 -119.20
CA VAL B 109 17.93 42.15 -120.59
C VAL B 109 18.06 43.48 -121.26
N LEU B 110 18.63 43.50 -122.46
CA LEU B 110 18.83 44.74 -123.18
C LEU B 110 18.35 44.83 -124.61
N GLU B 111 18.33 46.07 -125.10
CA GLU B 111 17.92 46.37 -126.46
C GLU B 111 19.11 46.08 -127.38
N ASP B 112 20.33 46.25 -126.87
CA ASP B 112 21.51 45.98 -127.68
C ASP B 112 22.57 45.31 -126.83
N LEU B 113 22.93 44.09 -127.20
CA LEU B 113 23.92 43.39 -126.43
C LEU B 113 25.31 43.94 -126.62
N ARG B 114 25.46 44.92 -127.50
CA ARG B 114 26.78 45.51 -127.75
C ARG B 114 27.05 46.70 -126.85
N ASN B 115 25.98 47.38 -126.43
CA ASN B 115 26.13 48.54 -125.55
C ASN B 115 26.70 47.97 -124.27
N VAL B 116 28.00 47.84 -124.20
CA VAL B 116 28.55 47.26 -123.00
C VAL B 116 29.86 47.87 -122.62
N THR B 117 30.55 47.22 -121.70
CA THR B 117 31.82 47.68 -121.25
C THR B 117 32.31 47.08 -119.95
N PRO B 118 33.27 46.15 -120.01
CA PRO B 118 33.80 45.59 -118.77
C PRO B 118 34.34 46.82 -118.03
N PRO B 119 34.31 46.82 -116.70
CA PRO B 119 34.77 47.93 -115.88
C PRO B 119 36.22 48.35 -116.09
N LYS B 120 36.44 49.64 -116.05
CA LYS B 120 37.78 50.17 -116.17
C LYS B 120 38.01 50.67 -114.76
N VAL B 121 38.78 49.93 -113.98
CA VAL B 121 39.04 50.35 -112.61
C VAL B 121 40.51 50.68 -112.46
N SER B 122 40.80 51.57 -111.51
CA SER B 122 42.16 51.99 -111.27
C SER B 122 42.34 52.26 -109.78
N LEU B 123 43.54 52.00 -109.28
CA LEU B 123 43.85 52.19 -107.87
C LEU B 123 44.51 53.53 -107.55
N PHE B 124 43.93 54.27 -106.61
CA PHE B 124 44.48 55.54 -106.17
C PHE B 124 45.29 55.25 -104.92
N GLU B 125 45.98 56.24 -104.38
CA GLU B 125 46.80 56.02 -103.20
C GLU B 125 46.51 57.08 -102.15
N PRO B 126 46.90 56.82 -100.88
CA PRO B 126 46.73 57.65 -99.68
C PRO B 126 47.40 59.00 -99.61
N SER B 127 46.63 60.03 -99.27
CA SER B 127 47.15 61.39 -99.15
C SER B 127 48.10 61.36 -97.95
N LYS B 128 49.37 61.63 -98.19
CA LYS B 128 50.36 61.62 -97.13
C LYS B 128 49.87 62.36 -95.89
N ALA B 129 49.06 63.40 -96.09
CA ALA B 129 48.52 64.16 -94.97
C ALA B 129 47.76 63.14 -94.12
N GLU B 130 46.80 62.43 -94.71
CA GLU B 130 46.07 61.41 -93.97
C GLU B 130 47.10 60.51 -93.34
N ILE B 131 48.00 60.01 -94.17
CA ILE B 131 49.05 59.11 -93.73
C ILE B 131 49.72 59.58 -92.46
N ALA B 132 50.38 60.73 -92.55
CA ALA B 132 51.08 61.31 -91.42
C ALA B 132 50.08 61.85 -90.40
N ASN B 133 49.39 62.88 -90.86
CA ASN B 133 48.36 63.56 -90.09
C ASN B 133 47.45 62.64 -89.25
N LYS B 134 47.32 61.36 -89.61
CA LYS B 134 46.44 60.47 -88.84
C LYS B 134 46.82 59.00 -88.73
N GLN B 135 48.02 58.67 -89.14
CA GLN B 135 48.53 57.31 -89.05
C GLN B 135 47.73 56.13 -89.58
N LYS B 136 46.82 56.37 -90.53
CA LYS B 136 46.04 55.29 -91.15
C LYS B 136 46.15 55.55 -92.63
N ALA B 137 45.59 54.67 -93.45
CA ALA B 137 45.70 54.88 -94.89
C ALA B 137 44.52 54.43 -95.75
N THR B 138 43.64 55.35 -96.13
CA THR B 138 42.52 55.01 -96.99
C THR B 138 43.12 54.88 -98.39
N LEU B 139 42.58 53.98 -99.19
CA LEU B 139 43.06 53.78 -100.54
C LEU B 139 41.85 53.45 -101.39
N VAL B 140 41.01 54.44 -101.65
CA VAL B 140 39.79 54.21 -102.45
C VAL B 140 40.07 53.48 -103.77
N CYS B 141 39.03 52.82 -104.31
CA CYS B 141 39.15 52.09 -105.57
C CYS B 141 38.00 52.48 -106.47
N LEU B 142 38.33 53.07 -107.61
CA LEU B 142 37.33 53.52 -108.57
C LEU B 142 37.15 52.53 -109.70
N ALA B 143 35.95 52.56 -110.28
CA ALA B 143 35.59 51.69 -111.39
C ALA B 143 34.74 52.50 -112.34
N ARG B 144 35.06 52.45 -113.62
CA ARG B 144 34.30 53.22 -114.61
C ARG B 144 33.93 52.48 -115.91
N GLY B 145 33.06 53.10 -116.68
CA GLY B 145 32.63 52.55 -117.95
C GLY B 145 32.25 51.09 -118.04
N PHE B 146 31.10 50.72 -117.47
CA PHE B 146 30.63 49.34 -117.56
C PHE B 146 29.13 49.30 -117.80
N PHE B 147 28.66 48.30 -118.53
CA PHE B 147 27.23 48.22 -118.85
C PHE B 147 26.35 47.49 -117.86
N PRO B 148 26.60 46.20 -117.62
CA PRO B 148 25.68 45.59 -116.68
C PRO B 148 26.31 45.72 -115.31
N ASP B 149 25.66 46.51 -114.46
CA ASP B 149 26.11 46.76 -113.09
C ASP B 149 26.21 45.49 -112.28
N HIS B 150 26.25 44.34 -112.94
CA HIS B 150 26.37 43.08 -112.26
C HIS B 150 27.83 42.98 -111.90
N VAL B 151 28.21 43.80 -110.91
CA VAL B 151 29.57 43.88 -110.40
C VAL B 151 29.59 43.77 -108.88
N GLU B 152 30.74 43.33 -108.36
CA GLU B 152 30.95 43.13 -106.93
C GLU B 152 32.43 43.35 -106.69
N LEU B 153 32.78 44.43 -105.99
CA LEU B 153 34.19 44.73 -105.75
C LEU B 153 34.76 44.28 -104.41
N SER B 154 35.83 43.50 -104.44
CA SER B 154 36.46 43.01 -103.23
C SER B 154 37.88 43.53 -103.07
N TRP B 155 38.44 43.41 -101.86
CA TRP B 155 39.80 43.84 -101.62
C TRP B 155 40.70 42.65 -101.33
N TRP B 156 41.98 42.77 -101.68
CA TRP B 156 42.93 41.66 -101.49
C TRP B 156 44.31 42.03 -100.97
N VAL B 157 44.43 42.06 -99.64
CA VAL B 157 45.69 42.36 -99.00
C VAL B 157 46.51 41.08 -98.81
N ASN B 158 47.83 41.22 -98.88
CA ASN B 158 48.81 40.14 -98.77
C ASN B 158 48.38 38.74 -99.21
N GLY B 159 47.34 38.66 -100.02
CA GLY B 159 46.91 37.36 -100.49
C GLY B 159 45.55 36.88 -100.04
N LYS B 160 44.91 37.56 -99.09
CA LYS B 160 43.59 37.14 -98.62
C LYS B 160 42.56 38.23 -98.76
N GLU B 161 41.29 37.85 -98.91
CA GLU B 161 40.23 38.83 -99.08
C GLU B 161 40.15 39.73 -97.87
N VAL B 162 39.57 40.90 -98.04
CA VAL B 162 39.46 41.88 -96.96
C VAL B 162 38.04 42.30 -96.63
N HIS B 163 37.85 42.66 -95.37
CA HIS B 163 36.56 43.10 -94.84
C HIS B 163 36.86 44.11 -93.72
N SER B 164 38.11 44.10 -93.26
CA SER B 164 38.54 45.00 -92.21
C SER B 164 38.53 46.42 -92.75
N GLY B 165 37.80 47.30 -92.08
CA GLY B 165 37.74 48.68 -92.53
C GLY B 165 37.61 48.84 -94.03
N VAL B 166 36.65 48.14 -94.62
CA VAL B 166 36.42 48.22 -96.05
C VAL B 166 34.99 48.63 -96.32
N SER B 167 34.75 49.61 -97.18
CA SER B 167 33.38 50.00 -97.52
C SER B 167 33.21 50.47 -98.96
N THR B 168 32.29 49.79 -99.65
CA THR B 168 31.92 50.03 -101.04
C THR B 168 30.46 50.51 -101.09
N ASP B 169 30.10 51.44 -101.98
CA ASP B 169 28.69 51.84 -102.07
C ASP B 169 28.16 50.54 -102.68
N PRO B 170 27.20 49.88 -102.04
CA PRO B 170 26.77 48.63 -102.68
C PRO B 170 26.25 48.87 -104.10
N GLN B 171 25.54 49.99 -104.29
CA GLN B 171 24.98 50.34 -105.59
C GLN B 171 25.88 51.25 -106.44
N ALA B 172 26.28 50.77 -107.61
CA ALA B 172 27.11 51.55 -108.52
C ALA B 172 26.27 52.72 -109.02
N TYR B 173 26.90 53.88 -109.17
CA TYR B 173 26.19 55.07 -109.60
C TYR B 173 26.23 55.37 -111.09
N LYS B 174 25.29 56.22 -111.51
CA LYS B 174 25.15 56.63 -112.89
C LYS B 174 26.36 57.40 -113.34
N GLU B 175 27.04 56.95 -114.37
CA GLU B 175 28.12 57.80 -114.81
C GLU B 175 27.48 58.53 -115.96
N SER B 176 27.23 57.82 -117.05
CA SER B 176 26.61 58.46 -118.19
C SER B 176 25.23 57.92 -118.39
N ASN B 177 24.64 58.31 -119.50
CA ASN B 177 23.34 57.78 -119.77
C ASN B 177 23.56 56.29 -119.87
N TYR B 178 24.83 55.89 -119.80
CA TYR B 178 25.10 54.47 -119.81
C TYR B 178 26.24 53.92 -118.98
N SER B 179 27.30 54.67 -118.77
CA SER B 179 28.41 54.13 -118.01
C SER B 179 28.13 54.23 -116.52
N TYR B 180 28.09 53.10 -115.80
CA TYR B 180 27.88 53.14 -114.35
C TYR B 180 29.27 53.26 -113.81
N CYS B 181 29.40 53.56 -112.51
CA CYS B 181 30.71 53.64 -111.89
C CYS B 181 30.57 53.18 -110.43
N LEU B 182 31.64 52.58 -109.90
CA LEU B 182 31.68 52.04 -108.51
C LEU B 182 32.95 52.46 -107.75
N SER B 183 32.86 52.60 -106.42
CA SER B 183 34.02 52.99 -105.60
C SER B 183 33.97 52.46 -104.16
N SER B 184 35.13 52.38 -103.50
CA SER B 184 35.20 51.88 -102.12
C SER B 184 36.46 52.39 -101.49
N ARG B 185 36.58 52.32 -100.16
CA ARG B 185 37.79 52.83 -99.51
C ARG B 185 38.52 52.04 -98.43
N LEU B 186 39.30 51.02 -98.81
CA LEU B 186 40.09 50.24 -97.86
C LEU B 186 40.96 51.21 -97.08
N ARG B 187 41.16 50.98 -95.78
CA ARG B 187 41.99 51.88 -94.96
C ARG B 187 42.83 51.18 -93.92
N VAL B 188 44.08 50.87 -94.23
CA VAL B 188 44.93 50.23 -93.25
C VAL B 188 45.82 51.28 -92.66
N SER B 189 46.49 50.89 -91.58
CA SER B 189 47.38 51.74 -90.81
C SER B 189 48.58 52.35 -91.52
N ALA B 190 49.42 52.99 -90.73
CA ALA B 190 50.62 53.59 -91.25
C ALA B 190 51.64 52.46 -91.27
N THR B 191 51.90 51.94 -90.07
CA THR B 191 52.84 50.85 -89.90
C THR B 191 52.64 49.82 -90.99
N PHE B 192 51.38 49.41 -91.19
CA PHE B 192 51.07 48.43 -92.20
C PHE B 192 51.29 48.97 -93.61
N TRP B 193 50.79 50.17 -93.89
CA TRP B 193 50.94 50.76 -95.22
C TRP B 193 52.40 50.88 -95.58
N HIS B 194 53.17 51.33 -94.61
CA HIS B 194 54.58 51.52 -94.84
C HIS B 194 55.42 50.28 -94.98
N ASN B 195 54.88 49.20 -95.50
CA ASN B 195 55.73 48.04 -95.67
C ASN B 195 55.70 47.49 -97.07
N PRO B 196 56.73 47.83 -97.87
CA PRO B 196 56.87 47.41 -99.26
C PRO B 196 56.65 45.93 -99.50
N ARG B 197 56.50 45.17 -98.41
CA ARG B 197 56.26 43.74 -98.55
C ARG B 197 54.77 43.47 -98.64
N ASN B 198 53.99 43.96 -97.66
CA ASN B 198 52.56 43.69 -97.71
C ASN B 198 51.88 44.40 -98.87
N HIS B 199 51.31 43.54 -99.69
CA HIS B 199 50.64 43.87 -100.93
C HIS B 199 49.16 44.30 -100.81
N PHE B 200 48.66 45.01 -101.80
CA PHE B 200 47.27 45.44 -101.78
C PHE B 200 46.70 45.23 -103.14
N ARG B 201 45.51 44.65 -103.22
CA ARG B 201 44.90 44.38 -104.48
C ARG B 201 43.44 44.80 -104.47
N CYS B 202 42.92 45.14 -105.63
CA CYS B 202 41.54 45.56 -105.76
C CYS B 202 40.90 44.82 -106.92
N GLN B 203 39.88 44.03 -106.63
CA GLN B 203 39.24 43.23 -107.67
C GLN B 203 37.74 43.52 -107.89
N VAL B 204 37.33 43.69 -109.16
CA VAL B 204 35.93 43.95 -109.50
C VAL B 204 35.28 42.88 -110.39
N GLN B 205 34.80 41.81 -109.78
CA GLN B 205 34.18 40.77 -110.56
C GLN B 205 33.05 41.43 -111.30
N PHE B 206 33.03 41.24 -112.63
CA PHE B 206 32.01 41.80 -113.54
C PHE B 206 31.22 40.68 -114.23
N HIS B 207 29.94 40.91 -114.45
CA HIS B 207 29.09 39.93 -115.09
C HIS B 207 28.33 40.44 -116.32
N GLY B 208 28.69 39.90 -117.48
CA GLY B 208 28.03 40.29 -118.73
C GLY B 208 27.53 39.11 -119.56
N LEU B 209 28.25 38.80 -120.63
CA LEU B 209 27.89 37.69 -121.51
C LEU B 209 28.71 36.47 -121.18
N SER B 210 28.13 35.31 -121.45
CA SER B 210 28.82 34.08 -121.18
C SER B 210 29.23 33.43 -122.46
N GLU B 211 29.99 32.36 -122.29
CA GLU B 211 30.53 31.58 -123.38
C GLU B 211 29.78 31.55 -124.71
N GLU B 212 28.53 31.10 -124.73
CA GLU B 212 27.81 31.00 -125.99
C GLU B 212 26.96 32.16 -126.47
N ASP B 213 27.07 33.33 -125.84
CA ASP B 213 26.26 34.47 -126.25
C ASP B 213 26.64 35.10 -127.59
N LYS B 214 25.72 35.84 -128.19
CA LYS B 214 25.96 36.48 -129.48
C LYS B 214 26.74 37.79 -129.40
N TRP B 215 28.03 37.71 -129.74
CA TRP B 215 28.91 38.87 -129.76
C TRP B 215 29.25 39.16 -131.21
N PRO B 216 28.31 39.80 -131.93
CA PRO B 216 28.46 40.12 -133.36
C PRO B 216 29.46 41.23 -133.64
N GLU B 217 30.62 41.17 -133.00
CA GLU B 217 31.62 42.19 -133.23
C GLU B 217 33.02 41.60 -133.37
N GLY B 218 33.91 42.32 -134.05
CA GLY B 218 35.27 41.87 -134.23
C GLY B 218 36.14 42.39 -133.09
N SER B 219 35.48 43.02 -132.11
CA SER B 219 36.16 43.60 -130.95
C SER B 219 36.09 42.72 -129.70
N PRO B 220 37.03 42.91 -128.76
CA PRO B 220 37.10 42.16 -127.51
C PRO B 220 35.74 41.80 -126.87
N LYS B 221 35.58 40.53 -126.53
CA LYS B 221 34.35 40.03 -125.92
C LYS B 221 34.16 40.49 -124.46
N PRO B 222 33.00 41.06 -124.13
CA PRO B 222 32.64 41.55 -122.79
C PRO B 222 31.91 40.51 -121.92
N VAL B 223 32.64 39.46 -121.55
CA VAL B 223 32.11 38.37 -120.74
C VAL B 223 32.40 38.55 -119.27
N THR B 224 31.91 37.65 -118.43
CA THR B 224 32.17 37.74 -117.00
C THR B 224 33.68 37.68 -116.81
N GLN B 225 34.27 38.81 -116.41
CA GLN B 225 35.70 38.90 -116.21
C GLN B 225 36.04 39.51 -114.85
N ASN B 226 37.33 39.65 -114.56
CA ASN B 226 37.76 40.22 -113.30
C ASN B 226 38.97 41.16 -113.46
N ILE B 227 38.68 42.36 -113.95
CA ILE B 227 39.68 43.40 -114.14
C ILE B 227 40.05 43.97 -112.76
N SER B 228 41.34 44.17 -112.47
CA SER B 228 41.72 44.68 -111.16
C SER B 228 42.98 45.55 -111.07
N ALA B 229 43.02 46.40 -110.06
CA ALA B 229 44.15 47.28 -109.86
C ALA B 229 44.99 46.78 -108.70
N GLU B 230 46.23 47.24 -108.62
CA GLU B 230 47.14 46.81 -107.57
C GLU B 230 47.99 47.94 -107.02
N ALA B 231 48.39 47.78 -105.76
CA ALA B 231 49.22 48.76 -105.06
C ALA B 231 50.12 48.05 -104.05
N TRP B 232 51.08 48.79 -103.49
CA TRP B 232 51.99 48.21 -102.52
C TRP B 232 52.34 49.19 -101.41
N GLY B 233 52.80 48.66 -100.28
CA GLY B 233 53.16 49.50 -99.16
C GLY B 233 54.34 50.40 -99.44
N ARG B 234 54.11 51.71 -99.37
CA ARG B 234 55.18 52.68 -99.63
C ARG B 234 55.91 53.04 -98.34
N ALA B 235 57.19 53.39 -98.48
CA ALA B 235 58.02 53.74 -97.33
C ALA B 235 57.52 54.96 -96.59
N ASP B 236 58.26 55.36 -95.56
CA ASP B 236 57.91 56.52 -94.74
C ASP B 236 59.10 57.47 -94.62
N CYS B 237 59.28 58.29 -95.66
CA CYS B 237 60.36 59.26 -95.71
C CYS B 237 60.47 59.75 -97.14
N GLY C 1 -22.98 26.82 -72.00
CA GLY C 1 -22.66 25.39 -72.34
C GLY C 1 -21.61 25.31 -73.43
N PRO C 2 -20.88 24.18 -73.55
CA PRO C 2 -19.85 24.08 -74.59
C PRO C 2 -20.40 24.45 -75.96
N HIS C 3 -19.52 24.86 -76.86
CA HIS C 3 -19.92 25.23 -78.20
C HIS C 3 -18.77 24.90 -79.10
N SER C 4 -19.05 24.77 -80.40
CA SER C 4 -18.01 24.45 -81.35
C SER C 4 -18.14 25.22 -82.65
N LEU C 5 -17.13 25.05 -83.50
CA LEU C 5 -17.08 25.66 -84.81
C LEU C 5 -16.10 24.75 -85.52
N ARG C 6 -16.63 23.71 -86.13
CA ARG C 6 -15.82 22.74 -86.83
C ARG C 6 -15.99 22.92 -88.33
N TYR C 7 -15.00 22.46 -89.07
CA TYR C 7 -15.04 22.57 -90.51
C TYR C 7 -14.80 21.19 -91.09
N PHE C 8 -15.64 20.86 -92.06
CA PHE C 8 -15.62 19.58 -92.75
C PHE C 8 -15.21 19.80 -94.17
N VAL C 9 -14.07 19.22 -94.54
CA VAL C 9 -13.59 19.37 -95.91
C VAL C 9 -13.51 18.02 -96.60
N THR C 10 -13.77 18.02 -97.90
CA THR C 10 -13.73 16.79 -98.67
C THR C 10 -13.46 17.01 -100.12
N ALA C 11 -12.47 16.28 -100.61
CA ALA C 11 -12.10 16.34 -102.02
C ALA C 11 -12.13 14.90 -102.51
N VAL C 12 -12.84 14.66 -103.60
CA VAL C 12 -12.92 13.32 -104.14
C VAL C 12 -12.54 13.39 -105.60
N SER C 13 -11.49 12.65 -105.97
CA SER C 13 -11.01 12.64 -107.34
C SER C 13 -11.90 11.74 -108.14
N ARG C 14 -12.31 12.23 -109.30
CA ARG C 14 -13.15 11.47 -110.18
C ARG C 14 -12.34 11.42 -111.44
N PRO C 15 -11.36 10.52 -111.47
CA PRO C 15 -10.49 10.36 -112.62
C PRO C 15 -11.35 10.18 -113.87
N GLY C 16 -11.10 10.99 -114.88
CA GLY C 16 -11.86 10.89 -116.11
C GLY C 16 -13.05 11.82 -116.18
N LEU C 17 -13.87 11.78 -115.15
CA LEU C 17 -15.04 12.62 -115.07
C LEU C 17 -14.61 14.04 -114.71
N GLY C 18 -13.30 14.27 -114.86
CA GLY C 18 -12.72 15.58 -114.60
C GLY C 18 -11.84 15.75 -113.37
N GLU C 19 -11.99 16.93 -112.77
CA GLU C 19 -11.26 17.31 -111.58
C GLU C 19 -12.11 16.96 -110.35
N PRO C 20 -11.47 16.58 -109.24
CA PRO C 20 -12.18 16.21 -108.02
C PRO C 20 -13.25 17.15 -107.48
N ARG C 21 -14.25 16.57 -106.82
CA ARG C 21 -15.28 17.39 -106.22
C ARG C 21 -14.65 17.80 -104.91
N TYR C 22 -14.78 19.09 -104.60
CA TYR C 22 -14.24 19.65 -103.37
C TYR C 22 -15.29 20.58 -102.77
N MET C 23 -15.40 20.51 -101.45
CA MET C 23 -16.34 21.36 -100.76
C MET C 23 -16.08 21.29 -99.28
N GLU C 24 -16.37 22.38 -98.61
CA GLU C 24 -16.17 22.45 -97.18
C GLU C 24 -17.48 22.95 -96.63
N VAL C 25 -17.80 22.49 -95.43
CA VAL C 25 -19.04 22.85 -94.79
C VAL C 25 -18.72 23.40 -93.43
N GLY C 26 -19.39 24.48 -93.06
CA GLY C 26 -19.13 25.09 -91.78
C GLY C 26 -20.20 24.78 -90.75
N TYR C 27 -19.78 24.40 -89.55
CA TYR C 27 -20.72 24.09 -88.48
C TYR C 27 -20.41 24.72 -87.13
N VAL C 28 -21.22 25.70 -86.76
CA VAL C 28 -21.13 26.33 -85.45
C VAL C 28 -22.08 25.46 -84.66
N ASP C 29 -21.51 24.59 -83.83
CA ASP C 29 -22.27 23.63 -83.04
C ASP C 29 -22.66 22.55 -84.02
N ASP C 30 -23.94 22.27 -84.16
CA ASP C 30 -24.28 21.25 -85.12
C ASP C 30 -25.18 21.82 -86.19
N THR C 31 -25.21 23.14 -86.24
CA THR C 31 -26.00 23.82 -87.24
C THR C 31 -25.07 24.07 -88.44
N GLU C 32 -25.62 24.03 -89.64
CA GLU C 32 -24.83 24.28 -90.83
C GLU C 32 -24.84 25.78 -91.07
N PHE C 33 -23.69 26.44 -91.00
CA PHE C 33 -23.67 27.88 -91.22
C PHE C 33 -23.05 28.33 -92.50
N VAL C 34 -22.34 27.45 -93.18
CA VAL C 34 -21.73 27.87 -94.42
C VAL C 34 -21.10 26.69 -95.12
N ARG C 35 -21.27 26.65 -96.43
CA ARG C 35 -20.68 25.58 -97.21
C ARG C 35 -20.21 26.14 -98.53
N PHE C 36 -19.47 25.33 -99.26
CA PHE C 36 -18.96 25.76 -100.54
C PHE C 36 -18.83 24.49 -101.34
N ASP C 37 -19.21 24.54 -102.61
CA ASP C 37 -19.21 23.37 -103.48
C ASP C 37 -18.49 23.64 -104.80
N SER C 38 -17.70 22.67 -105.24
CA SER C 38 -16.99 22.86 -106.51
C SER C 38 -17.98 22.80 -107.67
N ASP C 39 -18.91 21.85 -107.62
CA ASP C 39 -19.90 21.68 -108.68
C ASP C 39 -20.99 22.75 -108.63
N ALA C 40 -20.75 23.82 -107.90
CA ALA C 40 -21.72 24.88 -107.77
C ALA C 40 -21.81 25.65 -109.07
N GLU C 41 -22.97 26.22 -109.34
CA GLU C 41 -23.14 27.00 -110.57
C GLU C 41 -22.09 28.10 -110.53
N ASN C 42 -22.21 28.95 -109.52
CA ASN C 42 -21.30 30.08 -109.30
C ASN C 42 -20.51 29.77 -108.02
N PRO C 43 -19.39 29.06 -108.11
CA PRO C 43 -18.60 28.74 -106.92
C PRO C 43 -18.38 29.96 -106.02
N ARG C 44 -18.83 29.83 -104.78
CA ARG C 44 -18.73 30.91 -103.81
C ARG C 44 -19.17 30.37 -102.46
N TYR C 45 -18.55 30.83 -101.37
CA TYR C 45 -18.96 30.38 -100.05
C TYR C 45 -20.39 30.83 -99.89
N GLU C 46 -21.24 29.93 -99.42
CA GLU C 46 -22.64 30.29 -99.26
C GLU C 46 -23.20 30.23 -97.84
N PRO C 47 -23.93 31.29 -97.44
CA PRO C 47 -24.59 31.47 -96.13
C PRO C 47 -25.70 30.45 -95.94
N ARG C 48 -25.52 29.50 -95.03
CA ARG C 48 -26.56 28.50 -94.79
C ARG C 48 -27.41 28.81 -93.56
N ALA C 49 -27.69 30.10 -93.34
CA ALA C 49 -28.48 30.53 -92.19
C ALA C 49 -28.85 32.00 -92.33
N ARG C 50 -30.07 32.38 -91.95
CA ARG C 50 -30.49 33.76 -92.10
C ARG C 50 -29.51 34.72 -91.47
N TRP C 51 -29.26 34.57 -90.16
CA TRP C 51 -28.32 35.45 -89.49
C TRP C 51 -26.96 35.66 -90.18
N MET C 52 -26.47 34.68 -90.94
CA MET C 52 -25.19 34.84 -91.61
C MET C 52 -25.27 35.99 -92.58
N GLU C 53 -26.45 36.59 -92.65
CA GLU C 53 -26.72 37.73 -93.49
C GLU C 53 -25.92 38.92 -93.01
N GLN C 54 -25.67 38.97 -91.71
CA GLN C 54 -24.94 40.07 -91.11
C GLN C 54 -23.44 40.10 -91.44
N GLU C 55 -23.00 39.13 -92.25
CA GLU C 55 -21.60 39.05 -92.67
C GLU C 55 -21.44 39.76 -94.01
N GLY C 56 -20.48 40.67 -94.07
CA GLY C 56 -20.24 41.43 -95.28
C GLY C 56 -19.82 40.71 -96.55
N PRO C 57 -20.04 41.35 -97.72
CA PRO C 57 -19.70 40.80 -99.03
C PRO C 57 -18.21 40.49 -99.03
N GLU C 58 -17.50 41.27 -98.23
CA GLU C 58 -16.06 41.08 -98.06
C GLU C 58 -15.80 39.68 -97.49
N TYR C 59 -16.54 39.33 -96.42
CA TYR C 59 -16.44 38.03 -95.74
C TYR C 59 -16.55 36.93 -96.78
N TRP C 60 -17.63 37.00 -97.54
CA TRP C 60 -17.86 36.01 -98.57
C TRP C 60 -16.63 35.98 -99.45
N GLU C 61 -16.44 37.04 -100.22
CA GLU C 61 -15.32 37.15 -101.13
C GLU C 61 -14.11 36.50 -100.51
N ARG C 62 -13.76 37.00 -99.32
CA ARG C 62 -12.60 36.50 -98.59
C ARG C 62 -12.54 34.97 -98.59
N GLU C 63 -13.40 34.35 -97.78
CA GLU C 63 -13.41 32.90 -97.67
C GLU C 63 -13.61 32.28 -99.04
N THR C 64 -14.39 32.96 -99.89
CA THR C 64 -14.61 32.47 -101.25
C THR C 64 -13.22 32.11 -101.75
N GLN C 65 -12.36 33.11 -101.70
CA GLN C 65 -10.99 32.98 -102.12
C GLN C 65 -10.32 31.86 -101.36
N LYS C 66 -10.15 32.08 -100.08
CA LYS C 66 -9.52 31.09 -99.23
C LYS C 66 -9.93 29.70 -99.63
N ALA C 67 -11.18 29.53 -99.99
CA ALA C 67 -11.69 28.23 -100.38
C ALA C 67 -11.02 27.73 -101.64
N LYS C 68 -11.22 28.48 -102.72
CA LYS C 68 -10.65 28.14 -104.02
C LYS C 68 -9.19 27.74 -103.87
N GLY C 69 -8.52 28.39 -102.93
CA GLY C 69 -7.14 28.05 -102.69
C GLY C 69 -7.14 26.59 -102.29
N ASN C 70 -7.70 26.35 -101.11
CA ASN C 70 -7.81 25.00 -100.55
C ASN C 70 -8.35 24.05 -101.60
N GLU C 71 -9.10 24.60 -102.54
CA GLU C 71 -9.63 23.78 -103.59
C GLU C 71 -8.46 23.07 -104.22
N GLN C 72 -7.68 23.83 -105.00
CA GLN C 72 -6.54 23.24 -105.65
C GLN C 72 -5.51 22.82 -104.61
N SER C 73 -5.70 23.26 -103.39
CA SER C 73 -4.77 22.88 -102.35
C SER C 73 -4.93 21.38 -102.18
N PHE C 74 -6.16 20.92 -102.08
CA PHE C 74 -6.35 19.52 -101.88
C PHE C 74 -6.08 18.74 -103.14
N ARG C 75 -6.39 19.33 -104.29
CA ARG C 75 -6.14 18.64 -105.55
C ARG C 75 -4.78 17.97 -105.44
N VAL C 76 -3.85 18.71 -104.86
CA VAL C 76 -2.49 18.23 -104.67
C VAL C 76 -2.49 16.98 -103.81
N ASP C 77 -2.93 17.15 -102.57
CA ASP C 77 -2.98 16.07 -101.61
C ASP C 77 -3.25 14.79 -102.38
N LEU C 78 -4.41 14.76 -103.01
CA LEU C 78 -4.84 13.62 -103.79
C LEU C 78 -3.69 12.96 -104.53
N ARG C 79 -3.02 13.72 -105.39
CA ARG C 79 -1.90 13.17 -106.12
C ARG C 79 -0.94 12.58 -105.11
N THR C 80 -0.41 13.43 -104.24
CA THR C 80 0.54 13.03 -103.20
C THR C 80 0.21 11.73 -102.46
N LEU C 81 -1.03 11.59 -102.01
CA LEU C 81 -1.50 10.40 -101.31
C LEU C 81 -1.33 9.22 -102.21
N LEU C 82 -1.77 9.39 -103.46
CA LEU C 82 -1.70 8.37 -104.50
C LEU C 82 -0.28 7.83 -104.68
N GLY C 83 0.65 8.76 -104.80
CA GLY C 83 2.03 8.39 -104.99
C GLY C 83 2.55 7.60 -103.81
N TYR C 84 2.23 8.11 -102.63
CA TYR C 84 2.64 7.51 -101.36
C TYR C 84 2.22 6.05 -101.21
N TYR C 85 1.05 5.71 -101.74
CA TYR C 85 0.52 4.36 -101.59
C TYR C 85 0.85 3.40 -102.71
N ASN C 86 1.45 3.89 -103.78
CA ASN C 86 1.83 3.03 -104.89
C ASN C 86 0.68 2.63 -105.79
N GLN C 87 -0.45 3.29 -105.62
CA GLN C 87 -1.62 2.98 -106.43
C GLN C 87 -1.71 3.89 -107.63
N SER C 88 -1.82 3.28 -108.82
CA SER C 88 -1.90 4.04 -110.06
C SER C 88 -3.20 4.81 -110.19
N LYS C 89 -3.24 5.73 -111.14
CA LYS C 89 -4.43 6.54 -111.37
C LYS C 89 -5.61 5.63 -111.69
N GLY C 90 -6.83 6.16 -111.55
CA GLY C 90 -8.00 5.36 -111.86
C GLY C 90 -9.05 5.30 -110.76
N GLY C 91 -8.67 4.74 -109.61
CA GLY C 91 -9.61 4.63 -108.50
C GLY C 91 -9.99 5.96 -107.87
N SER C 92 -11.25 6.35 -108.02
CA SER C 92 -11.72 7.61 -107.45
C SER C 92 -11.52 7.57 -105.95
N HIS C 93 -10.87 8.60 -105.41
CA HIS C 93 -10.63 8.62 -104.00
C HIS C 93 -11.21 9.82 -103.30
N THR C 94 -11.31 9.70 -101.99
CA THR C 94 -11.89 10.74 -101.16
C THR C 94 -11.06 11.16 -99.98
N ILE C 95 -10.65 12.42 -100.00
CA ILE C 95 -9.89 12.95 -98.90
C ILE C 95 -10.91 13.75 -98.10
N GLN C 96 -10.81 13.67 -96.78
CA GLN C 96 -11.73 14.38 -95.92
C GLN C 96 -11.02 14.86 -94.67
N VAL C 97 -11.52 15.94 -94.09
CA VAL C 97 -10.91 16.44 -92.86
C VAL C 97 -11.88 17.21 -91.98
N ILE C 98 -11.53 17.19 -90.70
CA ILE C 98 -12.29 17.89 -89.72
C ILE C 98 -11.22 18.64 -88.96
N SER C 99 -11.38 19.95 -88.96
CA SER C 99 -10.50 20.86 -88.30
C SER C 99 -11.49 21.57 -87.40
N GLY C 100 -11.08 21.92 -86.18
CA GLY C 100 -12.01 22.59 -85.31
C GLY C 100 -11.53 22.81 -83.91
N CYS C 101 -12.41 23.41 -83.11
CA CYS C 101 -12.13 23.74 -81.72
C CYS C 101 -13.44 23.67 -80.92
N GLU C 102 -13.32 23.82 -79.59
CA GLU C 102 -14.47 23.77 -78.69
C GLU C 102 -14.28 24.65 -77.44
N VAL C 103 -15.01 25.77 -77.36
CA VAL C 103 -14.95 26.69 -76.20
C VAL C 103 -16.09 26.42 -75.23
N GLY C 104 -15.84 26.66 -73.94
CA GLY C 104 -16.89 26.35 -73.00
C GLY C 104 -17.32 27.32 -71.93
N SER C 105 -18.30 28.16 -72.24
CA SER C 105 -18.85 29.11 -71.28
C SER C 105 -17.84 30.15 -70.79
N ASP C 106 -16.75 29.67 -70.21
CA ASP C 106 -15.71 30.58 -69.74
C ASP C 106 -14.89 31.04 -70.97
N GLY C 107 -15.06 30.32 -72.08
CA GLY C 107 -14.34 30.68 -73.27
C GLY C 107 -13.07 29.86 -73.38
N ARG C 108 -12.69 29.23 -72.28
CA ARG C 108 -11.49 28.40 -72.27
C ARG C 108 -11.58 27.42 -73.42
N LEU C 109 -10.44 27.00 -73.95
CA LEU C 109 -10.47 26.04 -75.07
C LEU C 109 -10.47 24.60 -74.62
N LEU C 110 -11.60 23.94 -74.82
CA LEU C 110 -11.77 22.55 -74.44
C LEU C 110 -11.01 21.60 -75.35
N ARG C 111 -11.26 21.69 -76.66
CA ARG C 111 -10.55 20.83 -77.58
C ARG C 111 -10.33 21.36 -78.98
N GLY C 112 -9.16 21.04 -79.52
CA GLY C 112 -8.81 21.46 -80.86
C GLY C 112 -8.42 20.23 -81.65
N TYR C 113 -9.00 20.07 -82.85
CA TYR C 113 -8.71 18.92 -83.71
C TYR C 113 -8.64 19.23 -85.17
N GLN C 114 -7.79 18.45 -85.82
CA GLN C 114 -7.55 18.51 -87.24
C GLN C 114 -7.28 17.05 -87.54
N GLN C 115 -8.19 16.43 -88.28
CA GLN C 115 -8.03 15.02 -88.64
C GLN C 115 -8.20 14.74 -90.12
N TYR C 116 -7.22 14.03 -90.66
CA TYR C 116 -7.20 13.67 -92.06
C TYR C 116 -7.66 12.27 -92.29
N ALA C 117 -8.73 12.15 -93.07
CA ALA C 117 -9.35 10.87 -93.43
C ALA C 117 -9.15 10.57 -94.89
N TYR C 118 -8.54 9.44 -95.19
CA TYR C 118 -8.32 9.07 -96.57
C TYR C 118 -9.14 7.86 -96.96
N ASP C 119 -9.97 8.04 -97.98
CA ASP C 119 -10.82 6.97 -98.49
C ASP C 119 -11.62 6.27 -97.39
N GLY C 120 -11.85 6.96 -96.29
CA GLY C 120 -12.63 6.36 -95.22
C GLY C 120 -11.87 5.77 -94.06
N CYS C 121 -10.54 5.77 -94.11
CA CYS C 121 -9.77 5.23 -92.99
C CYS C 121 -8.69 6.22 -92.51
N ASP C 122 -8.74 6.53 -91.22
CA ASP C 122 -7.82 7.48 -90.56
C ASP C 122 -6.40 7.65 -91.15
N TYR C 123 -6.07 8.85 -91.62
CA TYR C 123 -4.76 9.09 -92.17
C TYR C 123 -3.83 9.61 -91.11
N ILE C 124 -4.08 10.83 -90.70
CA ILE C 124 -3.24 11.45 -89.70
C ILE C 124 -4.08 12.44 -88.89
N ALA C 125 -3.52 12.94 -87.79
CA ALA C 125 -4.21 13.92 -86.96
C ALA C 125 -3.38 14.54 -85.84
N LEU C 126 -3.78 15.76 -85.49
CA LEU C 126 -3.14 16.54 -84.46
C LEU C 126 -3.62 16.12 -83.09
N ASN C 127 -2.68 15.65 -82.31
CA ASN C 127 -2.95 15.18 -80.97
C ASN C 127 -3.57 16.23 -80.05
N GLU C 128 -4.01 15.78 -78.87
CA GLU C 128 -4.66 16.66 -77.88
C GLU C 128 -3.84 17.89 -77.53
N ASP C 129 -2.55 17.68 -77.32
CA ASP C 129 -1.66 18.77 -76.94
C ASP C 129 -1.63 19.91 -77.94
N LEU C 130 -1.74 19.59 -79.22
CA LEU C 130 -1.73 20.58 -80.29
C LEU C 130 -0.30 20.84 -80.71
N LYS C 131 0.54 19.83 -80.57
CA LYS C 131 1.95 19.96 -80.94
C LYS C 131 2.47 18.85 -81.82
N THR C 132 1.97 17.64 -81.65
CA THR C 132 2.43 16.53 -82.46
C THR C 132 1.36 16.04 -83.42
N TRP C 133 1.70 14.97 -84.13
CA TRP C 133 0.78 14.38 -85.06
C TRP C 133 0.84 12.89 -84.84
N THR C 134 -0.25 12.20 -85.14
CA THR C 134 -0.28 10.76 -85.00
C THR C 134 -0.75 10.21 -86.32
N ALA C 135 0.00 9.26 -86.86
CA ALA C 135 -0.35 8.69 -88.15
C ALA C 135 -0.19 7.17 -88.21
N ALA C 136 -0.98 6.55 -89.07
CA ALA C 136 -0.94 5.11 -89.26
C ALA C 136 -0.17 4.84 -90.55
N ASP C 137 0.15 3.58 -90.80
CA ASP C 137 0.88 3.16 -92.00
C ASP C 137 2.19 3.91 -92.30
N MET C 138 3.18 3.14 -92.74
CA MET C 138 4.51 3.64 -93.07
C MET C 138 4.47 4.88 -93.94
N ALA C 139 3.36 5.07 -94.64
CA ALA C 139 3.22 6.22 -95.53
C ALA C 139 2.92 7.49 -94.77
N ALA C 140 1.79 7.50 -94.07
CA ALA C 140 1.40 8.68 -93.32
C ALA C 140 2.54 9.17 -92.44
N LEU C 141 3.59 8.35 -92.36
CA LEU C 141 4.79 8.67 -91.59
C LEU C 141 5.47 9.83 -92.30
N ILE C 142 5.68 9.64 -93.58
CA ILE C 142 6.29 10.63 -94.41
C ILE C 142 5.62 11.99 -94.23
N THR C 143 4.30 11.99 -94.12
CA THR C 143 3.55 13.22 -93.98
C THR C 143 3.78 13.99 -92.70
N LYS C 144 3.88 13.30 -91.57
CA LYS C 144 4.11 14.02 -90.30
C LYS C 144 5.39 14.86 -90.40
N HIS C 145 6.50 14.16 -90.58
CA HIS C 145 7.80 14.79 -90.70
C HIS C 145 7.65 16.09 -91.46
N LYS C 146 6.77 16.08 -92.45
CA LYS C 146 6.51 17.26 -93.27
C LYS C 146 5.86 18.38 -92.44
N TRP C 147 4.59 18.19 -92.06
CA TRP C 147 3.87 19.20 -91.30
C TRP C 147 4.67 19.68 -90.09
N GLU C 148 5.51 18.81 -89.52
CA GLU C 148 6.28 19.25 -88.37
C GLU C 148 7.46 20.10 -88.76
N GLN C 149 8.26 19.62 -89.71
CA GLN C 149 9.43 20.38 -90.16
C GLN C 149 9.04 21.64 -90.93
N ALA C 150 7.84 22.16 -90.68
CA ALA C 150 7.37 23.36 -91.36
C ALA C 150 6.59 24.29 -90.42
N GLY C 151 6.46 23.87 -89.16
CA GLY C 151 5.77 24.67 -88.18
C GLY C 151 4.27 24.41 -88.07
N GLU C 152 3.73 23.76 -89.07
CA GLU C 152 2.31 23.45 -89.15
C GLU C 152 1.61 23.40 -87.80
N ALA C 153 2.10 22.54 -86.93
CA ALA C 153 1.54 22.37 -85.59
C ALA C 153 1.24 23.72 -84.96
N GLU C 154 2.28 24.55 -84.93
CA GLU C 154 2.18 25.88 -84.37
C GLU C 154 1.13 26.71 -85.09
N ARG C 155 1.34 26.96 -86.37
CA ARG C 155 0.40 27.76 -87.15
C ARG C 155 -1.02 27.30 -87.03
N LEU C 156 -1.16 25.99 -86.95
CA LEU C 156 -2.46 25.37 -86.82
C LEU C 156 -2.98 25.75 -85.47
N ARG C 157 -2.10 25.55 -84.51
CA ARG C 157 -2.42 25.81 -83.14
C ARG C 157 -2.94 27.23 -82.95
N ALA C 158 -2.42 28.17 -83.71
CA ALA C 158 -2.88 29.55 -83.53
C ALA C 158 -4.33 29.72 -83.98
N TYR C 159 -4.66 29.11 -85.10
CA TYR C 159 -6.00 29.17 -85.67
C TYR C 159 -6.99 28.74 -84.63
N LEU C 160 -6.75 27.54 -84.13
CA LEU C 160 -7.58 26.88 -83.12
C LEU C 160 -7.74 27.66 -81.84
N GLU C 161 -6.59 28.02 -81.24
CA GLU C 161 -6.57 28.74 -79.98
C GLU C 161 -7.00 30.19 -80.09
N GLY C 162 -6.82 30.77 -81.28
CA GLY C 162 -7.17 32.18 -81.46
C GLY C 162 -8.23 32.50 -82.48
N THR C 163 -8.03 32.06 -83.70
CA THR C 163 -9.00 32.37 -84.72
C THR C 163 -10.36 31.72 -84.54
N CYS C 164 -10.42 30.40 -84.65
CA CYS C 164 -11.71 29.74 -84.55
C CYS C 164 -12.49 30.18 -83.35
N VAL C 165 -11.77 30.54 -82.32
CA VAL C 165 -12.41 30.95 -81.11
C VAL C 165 -13.00 32.34 -81.23
N GLU C 166 -12.16 33.32 -81.55
CA GLU C 166 -12.62 34.70 -81.66
C GLU C 166 -13.84 34.78 -82.55
N TRP C 167 -13.84 33.91 -83.56
CA TRP C 167 -14.92 33.87 -84.51
C TRP C 167 -16.13 33.12 -83.96
N LEU C 168 -15.90 31.89 -83.48
CA LEU C 168 -16.97 31.07 -82.92
C LEU C 168 -17.86 31.96 -82.06
N ARG C 169 -17.21 32.83 -81.31
CA ARG C 169 -17.92 33.76 -80.46
C ARG C 169 -18.79 34.57 -81.40
N ARG C 170 -18.17 35.44 -82.20
CA ARG C 170 -18.91 36.29 -83.13
C ARG C 170 -20.11 35.62 -83.75
N TYR C 171 -19.92 34.40 -84.27
CA TYR C 171 -21.02 33.68 -84.90
C TYR C 171 -22.16 33.59 -83.89
N LEU C 172 -21.85 33.10 -82.71
CA LEU C 172 -22.86 32.99 -81.69
C LEU C 172 -23.50 34.33 -81.43
N LYS C 173 -22.70 35.38 -81.42
CA LYS C 173 -23.24 36.70 -81.14
C LYS C 173 -24.48 36.98 -81.97
N ASN C 174 -24.42 36.62 -83.24
CA ASN C 174 -25.54 36.89 -84.12
C ASN C 174 -26.48 35.73 -84.42
N GLY C 175 -26.04 34.51 -84.17
CA GLY C 175 -26.88 33.35 -84.45
C GLY C 175 -27.77 32.92 -83.30
N ASN C 176 -27.41 33.34 -82.10
CA ASN C 176 -28.12 33.04 -80.87
C ASN C 176 -29.49 32.40 -81.04
N ALA C 177 -30.55 33.20 -80.99
CA ALA C 177 -31.91 32.71 -81.14
C ALA C 177 -31.89 31.45 -81.97
N THR C 178 -31.55 31.58 -83.25
CA THR C 178 -31.48 30.43 -84.13
C THR C 178 -30.72 29.25 -83.56
N LEU C 179 -29.66 29.51 -82.81
CA LEU C 179 -28.86 28.44 -82.23
C LEU C 179 -29.31 28.07 -80.83
N LEU C 180 -29.86 29.05 -80.11
CA LEU C 180 -30.32 28.86 -78.72
C LEU C 180 -31.79 28.49 -78.56
N ARG C 181 -32.57 28.55 -79.63
CA ARG C 181 -33.99 28.25 -79.59
C ARG C 181 -34.29 26.78 -79.29
N THR C 182 -35.51 26.52 -78.83
CA THR C 182 -35.89 25.17 -78.48
C THR C 182 -37.27 24.86 -79.05
N ASP C 183 -37.57 23.57 -79.16
CA ASP C 183 -38.85 23.08 -79.64
C ASP C 183 -39.08 21.76 -78.92
N SER C 184 -40.15 21.69 -78.12
CA SER C 184 -40.49 20.50 -77.34
C SER C 184 -41.06 19.34 -78.15
N PRO C 185 -40.44 18.16 -78.06
CA PRO C 185 -40.93 17.01 -78.83
C PRO C 185 -42.38 16.76 -78.57
N LYS C 186 -43.04 16.18 -79.56
CA LYS C 186 -44.44 15.84 -79.44
C LYS C 186 -44.45 14.33 -79.58
N ALA C 187 -44.93 13.69 -78.51
CA ALA C 187 -44.99 12.26 -78.43
C ALA C 187 -46.39 11.74 -78.40
N HIS C 188 -46.49 10.43 -78.54
CA HIS C 188 -47.76 9.72 -78.48
C HIS C 188 -47.33 8.28 -78.58
N VAL C 189 -48.27 7.36 -78.42
CA VAL C 189 -47.92 5.95 -78.50
C VAL C 189 -48.80 5.17 -79.48
N THR C 190 -48.33 4.00 -79.86
CA THR C 190 -49.07 3.18 -80.79
C THR C 190 -49.12 1.73 -80.34
N HIS C 191 -50.25 1.11 -80.62
CA HIS C 191 -50.51 -0.25 -80.26
C HIS C 191 -50.53 -1.07 -81.54
N HIS C 192 -49.53 -1.94 -81.69
CA HIS C 192 -49.44 -2.75 -82.89
C HIS C 192 -49.72 -4.21 -82.61
N SER C 193 -50.93 -4.63 -82.99
CA SER C 193 -51.41 -6.00 -82.80
C SER C 193 -50.39 -7.01 -83.27
N ARG C 194 -50.37 -8.18 -82.63
CA ARG C 194 -49.40 -9.18 -83.00
C ARG C 194 -49.78 -10.57 -82.53
N PRO C 195 -49.44 -11.58 -83.32
CA PRO C 195 -49.73 -12.99 -83.01
C PRO C 195 -49.15 -13.44 -81.67
N GLU C 196 -49.95 -14.20 -80.93
CA GLU C 196 -49.59 -14.75 -79.63
C GLU C 196 -49.96 -13.86 -78.47
N ASP C 197 -51.06 -13.12 -78.65
CA ASP C 197 -51.59 -12.22 -77.62
C ASP C 197 -50.58 -11.21 -77.10
N LYS C 198 -49.79 -10.65 -78.02
CA LYS C 198 -48.77 -9.65 -77.72
C LYS C 198 -48.93 -8.45 -78.64
N VAL C 199 -48.43 -7.30 -78.22
CA VAL C 199 -48.53 -6.09 -79.04
C VAL C 199 -47.29 -5.22 -78.99
N THR C 200 -47.06 -4.46 -80.05
CA THR C 200 -45.92 -3.59 -80.09
C THR C 200 -46.32 -2.18 -79.68
N LEU C 201 -45.68 -1.70 -78.63
CA LEU C 201 -45.93 -0.37 -78.09
C LEU C 201 -44.80 0.51 -78.56
N ARG C 202 -45.13 1.49 -79.38
CA ARG C 202 -44.12 2.39 -79.92
C ARG C 202 -44.29 3.80 -79.43
N CYS C 203 -43.20 4.34 -78.87
CA CYS C 203 -43.20 5.71 -78.38
C CYS C 203 -42.62 6.65 -79.43
N TRP C 204 -43.50 7.52 -79.90
CA TRP C 204 -43.18 8.52 -80.92
C TRP C 204 -42.78 9.84 -80.29
N ALA C 205 -41.80 10.50 -80.90
CA ALA C 205 -41.35 11.80 -80.45
C ALA C 205 -40.99 12.50 -81.75
N LEU C 206 -41.52 13.71 -81.93
CA LEU C 206 -41.25 14.47 -83.15
C LEU C 206 -41.75 15.91 -83.14
N GLY C 207 -40.98 16.78 -83.79
CA GLY C 207 -41.32 18.20 -83.86
C GLY C 207 -40.40 18.95 -82.92
N PHE C 208 -39.48 18.20 -82.32
CA PHE C 208 -38.53 18.70 -81.37
C PHE C 208 -37.30 19.27 -82.01
N TYR C 209 -36.70 20.28 -81.37
CA TYR C 209 -35.49 20.85 -81.92
C TYR C 209 -34.20 20.13 -81.44
N PRO C 210 -33.20 20.81 -80.83
CA PRO C 210 -32.01 20.03 -80.47
C PRO C 210 -32.07 18.55 -80.81
N ALA C 211 -31.19 18.08 -81.68
CA ALA C 211 -31.25 16.68 -82.10
C ALA C 211 -30.94 15.61 -81.08
N ASP C 212 -30.47 15.98 -79.90
CA ASP C 212 -30.20 14.94 -78.91
C ASP C 212 -31.43 14.72 -78.04
N ILE C 213 -31.75 13.46 -77.81
CA ILE C 213 -32.89 13.09 -77.01
C ILE C 213 -32.70 11.67 -76.55
N THR C 214 -33.44 11.27 -75.53
CA THR C 214 -33.35 9.92 -75.02
C THR C 214 -34.74 9.39 -74.80
N LEU C 215 -34.94 8.11 -75.11
CA LEU C 215 -36.25 7.52 -74.93
C LEU C 215 -36.08 6.23 -74.19
N THR C 216 -37.06 5.91 -73.35
CA THR C 216 -37.01 4.69 -72.56
C THR C 216 -38.39 4.12 -72.30
N TRP C 217 -38.45 2.79 -72.18
CA TRP C 217 -39.71 2.11 -71.91
C TRP C 217 -39.61 1.47 -70.55
N GLN C 218 -40.70 1.53 -69.79
CA GLN C 218 -40.65 0.97 -68.46
C GLN C 218 -41.85 0.13 -68.10
N LEU C 219 -41.63 -0.71 -67.10
CA LEU C 219 -42.65 -1.60 -66.58
C LEU C 219 -42.57 -1.50 -65.06
N ASN C 220 -42.99 -0.34 -64.56
CA ASN C 220 -42.98 -0.05 -63.13
C ASN C 220 -41.55 0.21 -62.62
N GLY C 221 -41.05 1.41 -62.88
CA GLY C 221 -39.73 1.82 -62.42
C GLY C 221 -38.51 1.00 -62.77
N GLU C 222 -38.48 0.39 -63.96
CA GLU C 222 -37.33 -0.40 -64.41
C GLU C 222 -37.06 -0.21 -65.90
N GLU C 223 -35.81 0.11 -66.21
CA GLU C 223 -35.39 0.36 -67.58
C GLU C 223 -35.58 -0.83 -68.51
N LEU C 224 -35.93 -0.55 -69.76
CA LEU C 224 -36.15 -1.59 -70.74
C LEU C 224 -35.41 -1.33 -72.03
N ILE C 225 -34.53 -0.34 -72.01
CA ILE C 225 -33.74 0.01 -73.19
C ILE C 225 -33.07 -1.25 -73.75
N GLN C 226 -32.95 -2.26 -72.89
CA GLN C 226 -32.33 -3.54 -73.24
C GLN C 226 -32.85 -4.19 -74.53
N ASP C 227 -33.78 -5.14 -74.39
CA ASP C 227 -34.34 -5.85 -75.54
C ASP C 227 -35.34 -4.99 -76.31
N MET C 228 -35.11 -3.68 -76.27
CA MET C 228 -35.98 -2.70 -76.90
C MET C 228 -35.62 -2.53 -78.39
N GLU C 229 -36.37 -1.65 -79.08
CA GLU C 229 -36.11 -1.36 -80.50
C GLU C 229 -36.00 0.15 -80.75
N LEU C 230 -34.87 0.56 -81.32
CA LEU C 230 -34.60 1.98 -81.58
C LEU C 230 -34.32 2.28 -83.03
N VAL C 231 -34.34 3.57 -83.34
CA VAL C 231 -34.08 4.08 -84.68
C VAL C 231 -33.20 5.31 -84.58
N GLU C 232 -32.15 5.44 -85.40
CA GLU C 232 -31.31 6.64 -85.33
C GLU C 232 -32.26 7.82 -85.56
N THR C 233 -31.99 8.96 -84.96
CA THR C 233 -32.87 10.11 -85.13
C THR C 233 -33.08 10.52 -86.60
N ARG C 234 -34.34 10.81 -86.91
CA ARG C 234 -34.73 11.18 -88.24
C ARG C 234 -34.76 12.69 -88.47
N PRO C 235 -34.01 13.20 -89.47
CA PRO C 235 -34.06 14.64 -89.70
C PRO C 235 -35.49 14.83 -90.15
N ALA C 236 -36.31 15.52 -89.37
CA ALA C 236 -37.71 15.69 -89.77
C ALA C 236 -37.83 16.45 -91.08
N GLY C 237 -36.73 16.96 -91.58
CA GLY C 237 -36.78 17.70 -92.83
C GLY C 237 -37.59 18.99 -92.75
N ASP C 238 -37.16 19.88 -91.87
CA ASP C 238 -37.79 21.20 -91.66
C ASP C 238 -37.29 21.84 -90.38
N GLY C 239 -36.00 21.63 -90.11
CA GLY C 239 -35.37 22.22 -88.94
C GLY C 239 -35.66 21.52 -87.64
N THR C 240 -36.33 20.38 -87.74
CA THR C 240 -36.68 19.61 -86.55
C THR C 240 -36.47 18.12 -86.81
N PHE C 241 -36.65 17.30 -85.77
CA PHE C 241 -36.45 15.87 -85.92
C PHE C 241 -37.57 14.90 -85.51
N GLN C 242 -37.21 13.62 -85.50
CA GLN C 242 -38.15 12.58 -85.19
C GLN C 242 -37.40 11.38 -84.65
N LYS C 243 -38.05 10.69 -83.70
CA LYS C 243 -37.48 9.49 -83.11
C LYS C 243 -38.54 8.67 -82.40
N TRP C 244 -38.39 7.36 -82.46
CA TRP C 244 -39.29 6.47 -81.74
C TRP C 244 -38.59 5.22 -81.28
N ALA C 245 -39.26 4.53 -80.36
CA ALA C 245 -38.75 3.30 -79.79
C ALA C 245 -39.98 2.53 -79.36
N SER C 246 -39.82 1.23 -79.23
CA SER C 246 -40.94 0.41 -78.83
C SER C 246 -40.50 -0.90 -78.23
N VAL C 247 -41.48 -1.67 -77.79
CA VAL C 247 -41.18 -2.94 -77.17
C VAL C 247 -42.43 -3.78 -77.17
N VAL C 248 -42.23 -5.09 -77.11
CA VAL C 248 -43.33 -6.05 -77.11
C VAL C 248 -43.79 -6.33 -75.68
N VAL C 249 -45.10 -6.30 -75.48
CA VAL C 249 -45.68 -6.55 -74.17
C VAL C 249 -46.95 -7.37 -74.31
N PRO C 250 -47.21 -8.28 -73.35
CA PRO C 250 -48.42 -9.10 -73.45
C PRO C 250 -49.66 -8.23 -73.64
N LEU C 251 -50.64 -8.77 -74.36
CA LEU C 251 -51.86 -8.03 -74.60
C LEU C 251 -52.52 -7.85 -73.24
N GLY C 252 -53.24 -6.74 -73.07
CA GLY C 252 -53.86 -6.47 -71.78
C GLY C 252 -52.90 -5.81 -70.81
N LYS C 253 -51.65 -6.28 -70.80
CA LYS C 253 -50.60 -5.76 -69.92
C LYS C 253 -50.06 -4.39 -70.35
N GLU C 254 -50.81 -3.67 -71.17
CA GLU C 254 -50.35 -2.37 -71.68
C GLU C 254 -50.24 -1.30 -70.61
N GLN C 255 -51.35 -1.03 -69.92
CA GLN C 255 -51.43 -0.01 -68.87
C GLN C 255 -50.25 0.02 -67.90
N TYR C 256 -49.52 -1.10 -67.80
CA TYR C 256 -48.39 -1.23 -66.89
C TYR C 256 -47.07 -0.80 -67.52
N TYR C 257 -47.13 -0.30 -68.74
CA TYR C 257 -45.92 0.12 -69.41
C TYR C 257 -45.87 1.61 -69.66
N THR C 258 -44.69 2.20 -69.46
CA THR C 258 -44.54 3.63 -69.62
C THR C 258 -43.30 4.07 -70.36
N CYS C 259 -43.50 5.00 -71.27
CA CYS C 259 -42.38 5.51 -72.01
C CYS C 259 -42.02 6.87 -71.51
N HIS C 260 -40.73 7.21 -71.62
CA HIS C 260 -40.21 8.48 -71.18
C HIS C 260 -39.41 9.25 -72.23
N VAL C 261 -39.75 10.52 -72.38
CA VAL C 261 -39.08 11.40 -73.33
C VAL C 261 -38.37 12.52 -72.60
N TYR C 262 -37.04 12.44 -72.49
CA TYR C 262 -36.27 13.51 -71.86
C TYR C 262 -35.64 14.37 -72.97
N HIS C 263 -36.03 15.65 -73.04
CA HIS C 263 -35.47 16.55 -74.03
C HIS C 263 -35.29 17.94 -73.46
N GLN C 264 -34.08 18.48 -73.59
CA GLN C 264 -33.74 19.78 -73.04
C GLN C 264 -34.73 20.93 -73.19
N GLY C 265 -35.72 20.79 -74.07
CA GLY C 265 -36.72 21.84 -74.24
C GLY C 265 -37.97 21.48 -73.47
N LEU C 266 -37.81 20.62 -72.48
CA LEU C 266 -38.92 20.16 -71.66
C LEU C 266 -38.88 20.41 -70.14
N PRO C 267 -39.74 21.31 -69.64
CA PRO C 267 -39.74 21.53 -68.20
C PRO C 267 -40.54 20.34 -67.71
N GLU C 268 -39.85 19.29 -67.30
CA GLU C 268 -40.45 18.03 -66.84
C GLU C 268 -40.37 17.07 -68.00
N PRO C 269 -39.69 15.93 -67.83
CA PRO C 269 -39.64 14.99 -68.94
C PRO C 269 -41.08 14.65 -69.36
N LEU C 270 -41.27 14.16 -70.58
CA LEU C 270 -42.61 13.79 -71.04
C LEU C 270 -42.86 12.34 -70.62
N THR C 271 -44.08 12.05 -70.18
CA THR C 271 -44.41 10.69 -69.75
C THR C 271 -45.71 10.18 -70.30
N LEU C 272 -45.63 9.08 -71.03
CA LEU C 272 -46.81 8.50 -71.64
C LEU C 272 -46.97 7.04 -71.27
N ARG C 273 -48.22 6.60 -71.26
CA ARG C 273 -48.61 5.22 -70.92
C ARG C 273 -49.83 4.85 -71.78
N TRP C 274 -50.13 3.56 -71.92
CA TRP C 274 -51.29 3.19 -72.74
C TRP C 274 -52.48 2.92 -71.84
N GLU D 1 -14.74 31.32 -90.08
CA GLU D 1 -13.52 31.70 -90.84
C GLU D 1 -12.61 30.48 -90.86
N GLN D 2 -12.20 30.07 -92.04
CA GLN D 2 -11.41 28.86 -92.13
C GLN D 2 -9.92 28.93 -92.29
N TYR D 3 -9.31 27.81 -91.95
CA TYR D 3 -7.87 27.61 -92.03
C TYR D 3 -7.39 27.60 -93.48
N LYS D 4 -6.07 27.59 -93.64
CA LYS D 4 -5.41 27.56 -94.93
C LYS D 4 -4.53 26.29 -94.94
N PHE D 5 -5.17 25.14 -94.86
CA PHE D 5 -4.52 23.83 -94.85
C PHE D 5 -3.21 23.67 -95.61
N TYR D 6 -2.40 22.72 -95.14
CA TYR D 6 -1.11 22.41 -95.76
C TYR D 6 -1.28 21.10 -96.54
N SER D 7 -0.32 20.80 -97.41
CA SER D 7 -0.35 19.60 -98.25
C SER D 7 0.06 18.37 -97.47
N VAL D 8 0.48 17.30 -98.14
CA VAL D 8 0.81 16.09 -97.42
C VAL D 8 1.98 15.21 -97.89
N ILE E 1 -13.81 3.30 -98.18
CA ILE E 1 -13.95 1.83 -98.02
C ILE E 1 -15.41 1.42 -98.16
N GLN E 2 -15.65 0.13 -98.33
CA GLN E 2 -17.00 -0.38 -98.49
C GLN E 2 -17.75 -0.28 -97.18
N LYS E 3 -18.84 0.48 -97.18
CA LYS E 3 -19.67 0.65 -96.00
C LYS E 3 -21.12 0.74 -96.44
N THR E 4 -21.88 -0.33 -96.20
CA THR E 4 -23.28 -0.39 -96.59
C THR E 4 -24.15 0.69 -95.95
N PRO E 5 -24.88 1.47 -96.78
CA PRO E 5 -25.78 2.57 -96.42
C PRO E 5 -27.03 2.21 -95.65
N GLN E 6 -27.35 3.04 -94.66
CA GLN E 6 -28.54 2.84 -93.83
C GLN E 6 -29.66 3.70 -94.39
N ILE E 7 -30.82 3.09 -94.59
CA ILE E 7 -31.94 3.82 -95.15
C ILE E 7 -33.19 3.80 -94.33
N GLN E 8 -33.80 4.97 -94.22
CA GLN E 8 -35.04 5.11 -93.49
C GLN E 8 -35.88 5.97 -94.39
N VAL E 9 -37.18 5.70 -94.37
CA VAL E 9 -38.13 6.40 -95.21
C VAL E 9 -39.24 6.81 -94.29
N TYR E 10 -39.77 8.01 -94.47
CA TYR E 10 -40.86 8.44 -93.63
C TYR E 10 -41.35 9.80 -94.05
N SER E 11 -42.42 10.25 -93.40
CA SER E 11 -43.00 11.55 -93.70
C SER E 11 -42.70 12.49 -92.55
N ARG E 12 -43.01 13.77 -92.76
CA ARG E 12 -42.80 14.74 -91.71
C ARG E 12 -43.89 14.52 -90.71
N HIS E 13 -45.03 15.13 -90.98
CA HIS E 13 -46.16 15.02 -90.10
C HIS E 13 -46.63 13.57 -90.04
N PRO E 14 -47.73 13.31 -89.33
CA PRO E 14 -48.21 11.93 -89.26
C PRO E 14 -48.84 11.59 -90.59
N PRO E 15 -48.77 10.31 -90.99
CA PRO E 15 -49.34 9.89 -92.26
C PRO E 15 -50.87 9.95 -92.30
N GLU E 16 -51.41 11.15 -92.47
CA GLU E 16 -52.86 11.29 -92.56
C GLU E 16 -53.22 10.70 -93.92
N ASN E 17 -54.21 11.29 -94.60
CA ASN E 17 -54.62 10.80 -95.92
C ASN E 17 -55.44 11.85 -96.65
N GLY E 18 -55.31 11.90 -97.97
CA GLY E 18 -56.05 12.90 -98.72
C GLY E 18 -55.70 14.28 -98.21
N LYS E 19 -54.54 14.37 -97.56
CA LYS E 19 -54.02 15.62 -96.99
C LYS E 19 -52.53 15.67 -97.33
N PRO E 20 -52.06 16.78 -97.96
CA PRO E 20 -50.65 16.92 -98.34
C PRO E 20 -49.65 16.79 -97.20
N ASN E 21 -48.52 16.17 -97.52
CA ASN E 21 -47.42 15.96 -96.57
C ASN E 21 -46.14 15.96 -97.40
N ILE E 22 -45.14 15.23 -96.93
CA ILE E 22 -43.85 15.15 -97.60
C ILE E 22 -43.21 13.82 -97.25
N LEU E 23 -42.30 13.35 -98.09
CA LEU E 23 -41.66 12.07 -97.84
C LEU E 23 -40.13 12.12 -97.95
N ASN E 24 -39.43 11.43 -97.06
CA ASN E 24 -37.97 11.41 -97.10
C ASN E 24 -37.34 10.04 -97.30
N CYS E 25 -36.03 10.04 -97.54
CA CYS E 25 -35.26 8.83 -97.76
C CYS E 25 -33.82 9.07 -97.23
N TYR E 26 -33.73 9.13 -95.90
CA TYR E 26 -32.49 9.35 -95.18
C TYR E 26 -31.57 8.14 -95.37
N VAL E 27 -30.43 8.34 -96.02
CA VAL E 27 -29.46 7.26 -96.19
C VAL E 27 -28.18 7.69 -95.54
N THR E 28 -27.57 6.78 -94.82
CA THR E 28 -26.34 7.08 -94.10
C THR E 28 -25.41 5.87 -94.05
N GLN E 29 -24.43 5.96 -93.14
CA GLN E 29 -23.41 4.94 -92.90
C GLN E 29 -22.83 4.22 -94.10
N PHE E 30 -22.69 4.91 -95.24
CA PHE E 30 -22.14 4.34 -96.46
C PHE E 30 -20.87 5.09 -96.81
N HIS E 31 -19.90 4.47 -97.48
CA HIS E 31 -18.78 5.32 -97.79
C HIS E 31 -18.60 6.01 -99.15
N PRO E 32 -17.79 5.46 -100.10
CA PRO E 32 -17.65 6.20 -101.37
C PRO E 32 -18.89 7.04 -101.60
N PRO E 33 -18.80 8.33 -101.22
CA PRO E 33 -19.76 9.43 -101.26
C PRO E 33 -20.76 9.41 -102.38
N HIS E 34 -20.37 8.81 -103.50
CA HIS E 34 -21.21 8.71 -104.71
C HIS E 34 -22.34 7.69 -104.64
N ILE E 35 -23.57 8.17 -104.81
CA ILE E 35 -24.72 7.28 -104.72
C ILE E 35 -25.92 7.67 -105.53
N GLU E 36 -26.71 6.65 -105.86
CA GLU E 36 -27.94 6.83 -106.61
C GLU E 36 -29.05 6.48 -105.63
N ILE E 37 -29.93 7.45 -105.44
CA ILE E 37 -31.05 7.31 -104.53
C ILE E 37 -32.31 7.58 -105.32
N GLN E 38 -33.22 6.59 -105.38
CA GLN E 38 -34.49 6.72 -106.10
C GLN E 38 -35.78 6.51 -105.31
N MET E 39 -36.62 7.55 -105.34
CA MET E 39 -37.91 7.58 -104.67
C MET E 39 -39.00 7.23 -105.68
N LEU E 40 -39.70 6.11 -105.43
CA LEU E 40 -40.74 5.66 -106.34
C LEU E 40 -42.15 5.60 -105.76
N LYS E 41 -43.13 5.63 -106.65
CA LYS E 41 -44.55 5.55 -106.28
C LYS E 41 -45.21 4.47 -107.16
N ASN E 42 -45.08 3.22 -106.73
CA ASN E 42 -45.62 2.07 -107.43
C ASN E 42 -44.61 1.42 -108.37
N GLY E 43 -43.35 1.42 -107.96
CA GLY E 43 -42.33 0.82 -108.79
C GLY E 43 -41.86 1.81 -109.84
N LYS E 44 -42.56 2.93 -109.95
CA LYS E 44 -42.22 3.97 -110.91
C LYS E 44 -41.61 5.22 -110.24
N LYS E 45 -40.44 5.67 -110.71
CA LYS E 45 -39.77 6.83 -110.13
C LYS E 45 -40.63 8.07 -110.15
N ILE E 46 -40.34 8.99 -109.23
CA ILE E 46 -41.07 10.24 -109.12
C ILE E 46 -40.24 11.31 -109.80
N PRO E 47 -40.90 12.35 -110.37
CA PRO E 47 -40.21 13.45 -111.05
C PRO E 47 -39.29 14.31 -110.14
N LYS E 48 -39.85 14.86 -109.08
CA LYS E 48 -39.10 15.72 -108.15
C LYS E 48 -38.38 14.97 -107.02
N VAL E 49 -37.10 14.67 -107.22
CA VAL E 49 -36.32 13.95 -106.22
C VAL E 49 -35.56 14.89 -105.28
N GLU E 50 -36.14 16.05 -105.02
CA GLU E 50 -35.56 17.05 -104.13
C GLU E 50 -34.45 16.51 -103.21
N MET E 51 -33.19 16.57 -103.64
CA MET E 51 -32.12 16.03 -102.82
C MET E 51 -31.31 17.10 -102.08
N SER E 52 -30.74 16.71 -100.94
CA SER E 52 -29.96 17.61 -100.11
C SER E 52 -28.46 17.64 -100.44
N ASP E 53 -27.77 18.65 -99.93
CA ASP E 53 -26.33 18.82 -100.15
C ASP E 53 -25.56 17.85 -99.27
N MET E 54 -24.68 17.08 -99.92
CA MET E 54 -23.87 16.05 -99.27
C MET E 54 -23.11 16.46 -97.99
N SER E 55 -23.01 15.50 -97.07
CA SER E 55 -22.31 15.74 -95.82
C SER E 55 -21.58 14.49 -95.35
N PHE E 56 -21.19 14.48 -94.07
CA PHE E 56 -20.46 13.35 -93.48
C PHE E 56 -20.47 13.47 -91.96
N SER E 57 -20.02 12.41 -91.28
CA SER E 57 -19.99 12.42 -89.83
C SER E 57 -18.69 11.88 -89.28
N LYS E 58 -18.44 12.22 -88.01
CA LYS E 58 -17.26 11.85 -87.25
C LYS E 58 -16.52 10.54 -87.55
N ASP E 59 -17.18 9.58 -88.19
CA ASP E 59 -16.49 8.33 -88.48
C ASP E 59 -16.25 8.27 -89.96
N TRP E 60 -16.18 9.44 -90.59
CA TRP E 60 -15.94 9.57 -92.02
C TRP E 60 -17.12 9.31 -92.95
N SER E 61 -18.11 8.56 -92.48
CA SER E 61 -19.29 8.21 -93.28
C SER E 61 -20.06 9.40 -93.88
N PHE E 62 -20.94 9.11 -94.85
CA PHE E 62 -21.72 10.15 -95.53
C PHE E 62 -23.22 10.05 -95.36
N TYR E 63 -23.85 11.17 -95.09
CA TYR E 63 -25.29 11.20 -94.93
C TYR E 63 -25.93 12.06 -96.00
N ILE E 64 -27.21 11.84 -96.24
CA ILE E 64 -27.91 12.62 -97.24
C ILE E 64 -29.42 12.38 -97.11
N LEU E 65 -30.20 13.45 -97.25
CA LEU E 65 -31.65 13.37 -97.11
C LEU E 65 -32.48 13.62 -98.36
N ALA E 66 -32.89 12.55 -99.05
CA ALA E 66 -33.73 12.72 -100.23
C ALA E 66 -35.14 12.98 -99.73
N HIS E 67 -35.89 13.80 -100.46
CA HIS E 67 -37.26 14.09 -100.06
C HIS E 67 -38.14 14.49 -101.22
N THR E 68 -39.21 13.75 -101.47
CA THR E 68 -40.12 14.07 -102.54
C THR E 68 -41.13 15.12 -102.07
N GLU E 69 -42.39 14.70 -101.99
CA GLU E 69 -43.50 15.58 -101.59
C GLU E 69 -44.74 14.83 -102.01
N PHE E 70 -45.75 14.72 -101.14
CA PHE E 70 -46.96 13.99 -101.52
C PHE E 70 -48.20 14.15 -100.68
N THR E 71 -49.25 13.51 -101.19
CA THR E 71 -50.55 13.46 -100.55
C THR E 71 -50.79 11.97 -100.67
N PRO E 72 -50.81 11.27 -99.54
CA PRO E 72 -51.03 9.81 -99.55
C PRO E 72 -52.49 9.34 -99.43
N THR E 73 -52.69 8.10 -99.81
CA THR E 73 -53.98 7.43 -99.74
C THR E 73 -53.65 5.93 -99.55
N GLU E 74 -54.34 5.30 -98.61
CA GLU E 74 -54.09 3.90 -98.26
C GLU E 74 -53.74 2.97 -99.42
N THR E 75 -54.22 3.29 -100.61
CA THR E 75 -54.00 2.48 -101.81
C THR E 75 -52.56 2.31 -102.35
N ASP E 76 -51.85 3.43 -102.48
CA ASP E 76 -50.49 3.43 -103.02
C ASP E 76 -49.44 2.55 -102.33
N THR E 77 -48.16 2.85 -102.59
CA THR E 77 -47.03 2.12 -102.02
C THR E 77 -45.74 2.83 -102.39
N TYR E 78 -45.29 3.74 -101.54
CA TYR E 78 -44.06 4.48 -101.78
C TYR E 78 -42.88 3.71 -101.20
N ALA E 79 -41.69 3.89 -101.78
CA ALA E 79 -40.48 3.22 -101.27
C ALA E 79 -39.21 3.87 -101.81
N CYS E 80 -38.08 3.19 -101.68
CA CYS E 80 -36.83 3.75 -102.21
C CYS E 80 -35.73 2.74 -102.45
N ARG E 81 -35.02 2.93 -103.54
CA ARG E 81 -33.96 2.01 -103.88
C ARG E 81 -32.73 2.84 -103.81
N VAL E 82 -31.62 2.23 -103.44
CA VAL E 82 -30.39 2.97 -103.32
C VAL E 82 -29.19 2.24 -103.90
N LYS E 83 -28.73 2.72 -105.06
CA LYS E 83 -27.59 2.13 -105.75
C LYS E 83 -26.30 2.61 -105.12
N HIS E 84 -25.48 1.65 -104.72
CA HIS E 84 -24.22 1.95 -104.09
C HIS E 84 -23.32 0.76 -104.25
N ASP E 85 -22.01 1.01 -104.27
CA ASP E 85 -21.02 -0.04 -104.47
C ASP E 85 -20.74 -0.95 -103.28
N SER E 86 -21.44 -0.75 -102.17
CA SER E 86 -21.23 -1.62 -101.02
C SER E 86 -22.03 -2.89 -101.23
N MET E 87 -23.31 -2.72 -101.56
CA MET E 87 -24.23 -3.83 -101.84
C MET E 87 -24.18 -4.16 -103.34
N ALA E 88 -24.51 -5.40 -103.69
CA ALA E 88 -24.51 -5.85 -105.08
C ALA E 88 -25.74 -5.28 -105.76
N GLU E 89 -26.90 -5.67 -105.27
CA GLU E 89 -28.13 -5.17 -105.83
C GLU E 89 -28.69 -4.07 -104.92
N PRO E 90 -29.19 -2.99 -105.54
CA PRO E 90 -29.79 -1.73 -105.06
C PRO E 90 -30.60 -1.58 -103.75
N LYS E 91 -31.06 -2.67 -103.14
CA LYS E 91 -31.86 -2.58 -101.90
C LYS E 91 -32.99 -1.54 -101.94
N THR E 92 -34.22 -2.01 -101.81
CA THR E 92 -35.35 -1.10 -101.79
C THR E 92 -35.81 -1.05 -100.37
N VAL E 93 -36.55 0.00 -100.05
CA VAL E 93 -37.08 0.13 -98.71
C VAL E 93 -38.47 0.72 -98.87
N TYR E 94 -39.42 0.12 -98.18
CA TYR E 94 -40.82 0.54 -98.26
C TYR E 94 -41.29 1.48 -97.17
N TRP E 95 -41.97 2.55 -97.57
CA TRP E 95 -42.50 3.52 -96.64
C TRP E 95 -43.50 2.77 -95.78
N ASP E 96 -43.24 2.67 -94.46
CA ASP E 96 -44.16 1.94 -93.57
C ASP E 96 -45.19 2.78 -92.81
N ARG E 97 -45.65 3.88 -93.38
CA ARG E 97 -46.67 4.69 -92.72
C ARG E 97 -46.46 4.75 -91.21
N ASP E 98 -47.48 4.35 -90.46
CA ASP E 98 -47.39 4.32 -89.01
C ASP E 98 -46.34 3.26 -88.73
N MET E 99 -45.08 3.60 -88.97
CA MET E 99 -44.01 2.63 -88.76
C MET E 99 -44.11 2.05 -87.37
N GLN F 1 -8.97 -21.93 99.03
CA GLN F 1 -8.63 -21.64 97.63
C GLN F 1 -8.01 -20.25 97.47
N SER F 2 -8.06 -19.46 98.54
CA SER F 2 -7.50 -18.12 98.52
C SER F 2 -6.33 -17.93 99.50
N VAL F 3 -5.33 -17.18 99.08
CA VAL F 3 -4.14 -16.89 99.90
C VAL F 3 -3.79 -15.42 99.77
N THR F 4 -3.14 -14.88 100.79
CA THR F 4 -2.79 -13.46 100.78
C THR F 4 -1.58 -13.18 101.66
N GLN F 5 -0.57 -12.56 101.06
CA GLN F 5 0.66 -12.17 101.77
C GLN F 5 0.59 -10.64 101.63
N PRO F 6 -0.26 -9.98 102.42
CA PRO F 6 -0.48 -8.54 102.41
C PRO F 6 0.70 -7.72 101.95
N ASP F 7 1.86 -8.03 102.51
CA ASP F 7 3.07 -7.30 102.22
C ASP F 7 4.06 -8.18 101.48
N ALA F 8 4.43 -7.76 100.29
CA ALA F 8 5.37 -8.47 99.45
C ALA F 8 6.80 -8.06 99.71
N ARG F 9 6.99 -7.04 100.54
CA ARG F 9 8.32 -6.58 100.86
C ARG F 9 8.43 -6.12 102.30
N VAL F 10 9.43 -6.65 102.99
CA VAL F 10 9.68 -6.28 104.38
C VAL F 10 11.16 -6.34 104.65
N THR F 11 11.69 -5.24 105.17
CA THR F 11 13.10 -5.12 105.46
C THR F 11 13.26 -5.07 106.96
N VAL F 12 14.23 -5.84 107.46
CA VAL F 12 14.46 -5.88 108.89
C VAL F 12 15.91 -5.82 109.22
N SER F 13 16.16 -5.43 110.46
CA SER F 13 17.49 -5.31 111.01
C SER F 13 17.95 -6.73 111.35
N GLU F 14 19.15 -7.11 110.91
CA GLU F 14 19.65 -8.45 111.20
C GLU F 14 19.52 -8.75 112.69
N GLY F 15 19.43 -10.03 113.02
CA GLY F 15 19.27 -10.45 114.41
C GLY F 15 17.79 -10.53 114.79
N ALA F 16 17.12 -9.37 114.81
CA ALA F 16 15.71 -9.24 115.14
C ALA F 16 14.74 -10.34 114.64
N SER F 17 13.54 -10.26 115.21
CA SER F 17 12.44 -11.16 114.95
C SER F 17 11.76 -10.82 113.64
N LEU F 18 11.25 -11.85 112.97
CA LEU F 18 10.58 -11.70 111.69
C LEU F 18 9.24 -12.45 111.66
N GLN F 19 8.20 -11.75 111.20
CA GLN F 19 6.87 -12.33 111.10
C GLN F 19 6.23 -11.85 109.81
N LEU F 20 6.05 -12.79 108.89
CA LEU F 20 5.45 -12.51 107.60
C LEU F 20 3.99 -12.92 107.61
N ARG F 21 3.10 -11.95 107.48
CA ARG F 21 1.66 -12.24 107.49
C ARG F 21 1.22 -13.08 106.30
N CYS F 22 0.15 -13.83 106.52
CA CYS F 22 -0.46 -14.69 105.52
C CYS F 22 -1.87 -15.02 105.97
N LYS F 23 -2.81 -14.84 105.04
CA LYS F 23 -4.20 -15.14 105.29
C LYS F 23 -4.61 -16.08 104.18
N TYR F 24 -5.75 -16.73 104.37
CA TYR F 24 -6.27 -17.67 103.39
C TYR F 24 -7.77 -17.73 103.63
N SER F 25 -8.50 -18.11 102.58
CA SER F 25 -9.95 -18.24 102.67
C SER F 25 -10.30 -19.58 102.08
N TYR F 26 -11.08 -20.35 102.82
CA TYR F 26 -11.50 -21.69 102.41
C TYR F 26 -12.15 -22.26 103.65
N SER F 27 -13.48 -22.37 103.67
CA SER F 27 -14.15 -22.90 104.86
C SER F 27 -13.88 -24.39 105.07
N ALA F 28 -12.66 -24.68 105.51
CA ALA F 28 -12.22 -26.04 105.77
C ALA F 28 -10.73 -26.01 106.11
N THR F 29 -10.20 -27.10 106.62
CA THR F 29 -8.79 -27.15 106.98
C THR F 29 -7.93 -27.49 105.77
N PRO F 30 -7.35 -26.46 105.12
CA PRO F 30 -6.51 -26.63 103.93
C PRO F 30 -5.18 -27.24 104.28
N TYR F 31 -4.31 -27.29 103.28
CA TYR F 31 -2.96 -27.80 103.48
C TYR F 31 -2.16 -26.53 103.25
N LEU F 32 -1.61 -25.96 104.32
CA LEU F 32 -0.84 -24.74 104.16
C LEU F 32 0.64 -25.09 104.11
N PHE F 33 1.44 -24.21 103.47
CA PHE F 33 2.91 -24.39 103.32
C PHE F 33 3.66 -23.03 103.23
N TRP F 34 5.00 -23.09 103.23
CA TRP F 34 5.88 -21.93 103.07
C TRP F 34 7.20 -22.38 102.42
N TYR F 35 7.49 -21.82 101.25
CA TYR F 35 8.70 -22.14 100.51
C TYR F 35 9.62 -20.92 100.50
N VAL F 36 10.92 -21.14 100.35
CA VAL F 36 11.86 -20.03 100.32
C VAL F 36 12.55 -20.01 98.99
N GLN F 37 12.77 -18.82 98.47
CA GLN F 37 13.46 -18.71 97.20
C GLN F 37 14.52 -17.65 97.27
N TYR F 38 15.77 -18.05 97.15
CA TYR F 38 16.80 -17.04 97.09
C TYR F 38 17.33 -17.11 95.65
N PRO F 39 18.20 -16.16 95.27
CA PRO F 39 18.83 -16.00 93.96
C PRO F 39 18.99 -17.12 92.96
N ARG F 40 18.14 -17.09 91.94
CA ARG F 40 18.22 -18.04 90.83
C ARG F 40 17.74 -19.47 91.04
N GLN F 41 18.18 -20.13 92.09
CA GLN F 41 17.69 -21.48 92.32
C GLN F 41 16.16 -21.30 92.36
N GLY F 42 15.43 -22.40 92.41
CA GLY F 42 13.99 -22.27 92.43
C GLY F 42 13.46 -22.16 93.83
N LEU F 43 12.40 -22.90 94.10
CA LEU F 43 11.81 -22.88 95.40
C LEU F 43 12.43 -23.94 96.29
N GLN F 44 12.25 -23.72 97.59
CA GLN F 44 12.77 -24.59 98.65
C GLN F 44 11.69 -24.66 99.71
N LEU F 45 11.40 -25.86 100.21
CA LEU F 45 10.37 -25.96 101.21
C LEU F 45 10.89 -25.82 102.61
N LEU F 46 10.10 -25.14 103.41
CA LEU F 46 10.44 -24.91 104.80
C LEU F 46 9.64 -25.91 105.62
N LEU F 47 8.34 -25.99 105.36
CA LEU F 47 7.49 -26.89 106.11
C LEU F 47 6.14 -27.13 105.45
N LYS F 48 5.30 -27.88 106.16
CA LYS F 48 3.97 -28.23 105.68
C LYS F 48 3.01 -28.46 106.84
N TYR F 49 1.78 -28.00 106.68
CA TYR F 49 0.75 -28.22 107.68
C TYR F 49 -0.45 -28.95 107.05
N TYR F 50 -0.72 -30.16 107.51
CA TYR F 50 -1.84 -30.95 106.97
C TYR F 50 -3.00 -30.92 107.96
N SER F 51 -2.66 -31.17 109.23
CA SER F 51 -3.61 -31.21 110.35
C SER F 51 -2.80 -31.47 111.63
N GLY F 52 -3.39 -31.26 112.80
CA GLY F 52 -2.62 -31.52 114.00
C GLY F 52 -2.25 -30.27 114.75
N ASP F 53 -1.03 -30.24 115.29
CA ASP F 53 -0.54 -29.10 116.07
C ASP F 53 -0.36 -27.79 115.32
N PRO F 54 -1.19 -26.80 115.63
CA PRO F 54 -1.16 -25.47 115.00
C PRO F 54 0.21 -24.83 114.91
N VAL F 55 1.17 -25.37 115.66
CA VAL F 55 2.49 -24.77 115.64
C VAL F 55 3.52 -25.70 115.05
N VAL F 56 3.94 -25.35 113.86
CA VAL F 56 4.90 -26.16 113.14
C VAL F 56 6.32 -25.69 113.32
N GLN F 57 7.20 -26.63 113.63
CA GLN F 57 8.61 -26.35 113.83
C GLN F 57 9.37 -26.83 112.59
N GLY F 58 9.91 -25.89 111.79
CA GLY F 58 10.61 -26.29 110.58
C GLY F 58 12.09 -25.97 110.46
N VAL F 59 12.64 -26.25 109.28
CA VAL F 59 14.06 -26.03 109.00
C VAL F 59 14.55 -24.60 109.20
N ASN F 60 15.76 -24.49 109.75
CA ASN F 60 16.41 -23.23 109.99
C ASN F 60 15.59 -22.20 110.72
N GLY F 61 15.39 -22.47 112.00
CA GLY F 61 14.65 -21.56 112.85
C GLY F 61 13.35 -21.06 112.29
N PHE F 62 12.77 -21.83 111.38
CA PHE F 62 11.50 -21.45 110.77
C PHE F 62 10.30 -22.23 111.32
N GLU F 63 9.32 -21.49 111.82
CA GLU F 63 8.14 -22.12 112.35
C GLU F 63 6.92 -21.23 112.11
N ALA F 64 5.74 -21.84 112.02
CA ALA F 64 4.50 -21.10 111.83
C ALA F 64 3.36 -21.65 112.72
N GLU F 65 2.29 -20.87 112.81
CA GLU F 65 1.13 -21.19 113.65
C GLU F 65 -0.19 -21.13 112.87
N PHE F 66 -0.87 -22.27 112.64
CA PHE F 66 -2.15 -22.27 111.91
C PHE F 66 -3.25 -21.76 112.81
N SER F 67 -4.26 -21.14 112.24
CA SER F 67 -5.36 -20.60 113.04
C SER F 67 -6.64 -20.47 112.27
N LYS F 68 -7.75 -20.59 112.99
CA LYS F 68 -9.03 -20.47 112.37
C LYS F 68 -9.64 -19.12 112.67
N SER F 69 -10.66 -19.04 113.53
CA SER F 69 -11.30 -17.76 113.80
C SER F 69 -11.34 -17.08 112.43
N ASN F 70 -10.34 -16.30 112.06
CA ASN F 70 -10.35 -15.74 110.69
C ASN F 70 -9.06 -15.95 109.88
N SER F 71 -8.67 -17.23 109.72
CA SER F 71 -7.51 -17.68 108.92
C SER F 71 -6.10 -17.11 109.08
N SER F 72 -5.08 -17.98 108.94
CA SER F 72 -3.68 -17.57 109.03
C SER F 72 -2.65 -18.69 109.17
N PHE F 73 -1.47 -18.47 108.59
CA PHE F 73 -0.36 -19.43 108.70
C PHE F 73 0.94 -18.63 108.70
N HIS F 74 0.94 -17.53 109.45
CA HIS F 74 2.08 -16.63 109.58
C HIS F 74 3.37 -17.37 109.84
N LEU F 75 4.39 -17.09 109.01
CA LEU F 75 5.69 -17.72 109.16
C LEU F 75 6.45 -17.03 110.26
N ARG F 76 7.44 -17.72 110.82
CA ARG F 76 8.21 -17.12 111.88
C ARG F 76 9.58 -17.74 112.17
N LYS F 77 10.54 -16.82 112.33
CA LYS F 77 11.94 -17.08 112.69
C LYS F 77 12.36 -15.82 113.46
N ALA F 78 12.86 -15.98 114.70
CA ALA F 78 13.24 -14.85 115.56
C ALA F 78 14.61 -14.25 115.34
N SER F 79 15.62 -15.09 115.27
CA SER F 79 16.98 -14.62 115.07
C SER F 79 17.26 -14.51 113.58
N VAL F 80 16.72 -13.48 112.91
CA VAL F 80 16.97 -13.42 111.47
C VAL F 80 18.46 -13.31 111.17
N HIS F 81 18.87 -13.93 110.06
CA HIS F 81 20.26 -13.91 109.68
C HIS F 81 20.30 -13.55 108.23
N TRP F 82 21.13 -12.57 107.95
CA TRP F 82 21.26 -12.09 106.63
C TRP F 82 20.84 -13.05 105.52
N SER F 83 21.57 -14.15 105.35
CA SER F 83 21.28 -15.11 104.30
C SER F 83 19.80 -15.42 104.09
N ASP F 84 18.97 -15.09 105.07
CA ASP F 84 17.53 -15.33 105.00
C ASP F 84 16.78 -14.30 104.14
N SER F 85 17.50 -13.25 103.73
CA SER F 85 16.90 -12.24 102.89
C SER F 85 16.50 -13.01 101.63
N ALA F 86 15.19 -13.00 101.30
CA ALA F 86 14.74 -13.70 100.12
C ALA F 86 13.26 -13.55 99.81
N VAL F 87 12.72 -14.56 99.14
CA VAL F 87 11.33 -14.57 98.82
C VAL F 87 10.71 -15.82 99.45
N TYR F 88 9.74 -15.58 100.31
CA TYR F 88 9.09 -16.65 100.99
C TYR F 88 7.67 -16.65 100.46
N PHE F 89 7.23 -17.81 100.00
CA PHE F 89 5.90 -17.98 99.45
C PHE F 89 5.11 -18.87 100.35
N CYS F 90 3.81 -18.66 100.35
CA CYS F 90 2.88 -19.43 101.18
C CYS F 90 1.79 -20.10 100.33
N ALA F 91 1.85 -21.42 100.22
CA ALA F 91 0.87 -22.14 99.39
C ALA F 91 -0.16 -22.97 100.17
N VAL F 92 -1.27 -23.25 99.49
CA VAL F 92 -2.37 -24.03 100.05
C VAL F 92 -2.73 -25.12 99.03
N SER F 93 -3.40 -26.17 99.51
CA SER F 93 -3.81 -27.30 98.68
C SER F 93 -5.33 -27.44 98.82
N GLY F 94 -6.06 -26.74 97.97
CA GLY F 94 -7.52 -26.76 98.00
C GLY F 94 -8.28 -27.99 97.52
N PHE F 95 -8.74 -27.97 96.27
CA PHE F 95 -9.49 -29.11 95.77
C PHE F 95 -8.65 -30.16 95.04
N ALA F 96 -7.58 -30.64 95.64
CA ALA F 96 -6.73 -31.67 95.04
C ALA F 96 -5.36 -31.26 94.53
N SER F 97 -4.43 -32.19 94.72
CA SER F 97 -3.02 -32.10 94.37
C SER F 97 -2.50 -30.85 93.67
N ALA F 98 -3.05 -29.69 93.99
CA ALA F 98 -2.63 -28.43 93.36
C ALA F 98 -1.95 -27.61 94.43
N LEU F 99 -1.28 -26.53 94.05
CA LEU F 99 -0.65 -25.70 95.06
C LEU F 99 -0.82 -24.22 94.78
N THR F 100 -2.03 -23.73 95.03
CA THR F 100 -2.37 -22.34 94.79
C THR F 100 -1.52 -21.27 95.51
N PHE F 101 -0.31 -20.98 95.02
CA PHE F 101 0.55 -19.99 95.65
C PHE F 101 -0.06 -18.61 95.67
N GLY F 102 0.44 -17.77 96.56
CA GLY F 102 -0.02 -16.40 96.66
C GLY F 102 1.14 -15.51 96.27
N SER F 103 0.87 -14.22 96.07
CA SER F 103 1.89 -13.27 95.65
C SER F 103 3.28 -13.58 96.18
N GLY F 104 3.53 -13.29 97.44
CA GLY F 104 4.83 -13.59 97.95
C GLY F 104 5.37 -12.43 98.74
N THR F 105 6.48 -12.69 99.43
CA THR F 105 7.10 -11.67 100.23
C THR F 105 8.62 -11.73 100.20
N LYS F 106 9.21 -10.66 99.66
CA LYS F 106 10.64 -10.52 99.56
C LYS F 106 11.02 -9.92 100.88
N VAL F 107 11.93 -10.55 101.62
CA VAL F 107 12.35 -9.99 102.90
C VAL F 107 13.80 -9.60 102.81
N ILE F 108 14.15 -8.53 103.52
CA ILE F 108 15.50 -8.05 103.47
C ILE F 108 16.04 -7.75 104.85
N VAL F 109 17.11 -8.45 105.21
CA VAL F 109 17.74 -8.25 106.50
C VAL F 109 19.11 -7.56 106.34
N LEU F 110 19.09 -6.25 106.61
CA LEU F 110 20.26 -5.39 106.53
C LEU F 110 21.19 -5.84 107.64
N PRO F 111 22.47 -6.07 107.32
CA PRO F 111 23.43 -6.52 108.33
C PRO F 111 23.88 -5.44 109.29
N TYR F 112 24.42 -5.87 110.41
CA TYR F 112 24.92 -4.96 111.40
C TYR F 112 26.26 -4.46 110.87
N ILE F 113 26.67 -3.27 111.27
CA ILE F 113 27.96 -2.71 110.82
C ILE F 113 28.54 -1.77 111.88
N GLN F 114 29.61 -2.20 112.51
CA GLN F 114 30.24 -1.39 113.54
C GLN F 114 30.66 0.02 113.12
N ASN F 115 31.32 0.09 111.96
CA ASN F 115 31.91 1.31 111.41
C ASN F 115 31.25 2.06 110.25
N PRO F 116 30.52 3.15 110.51
CA PRO F 116 29.95 3.81 109.33
C PRO F 116 31.00 4.70 108.67
N GLU F 117 31.58 4.21 107.58
CA GLU F 117 32.58 4.96 106.84
C GLU F 117 31.99 5.28 105.47
N PRO F 118 30.96 6.15 105.43
CA PRO F 118 30.30 6.54 104.19
C PRO F 118 31.23 7.27 103.19
N ALA F 119 32.33 6.62 102.84
CA ALA F 119 33.29 7.18 101.89
C ALA F 119 32.95 6.81 100.46
N VAL F 120 32.92 7.81 99.58
CA VAL F 120 32.61 7.57 98.18
C VAL F 120 33.91 7.57 97.36
N TYR F 121 33.99 6.64 96.41
CA TYR F 121 35.15 6.53 95.54
C TYR F 121 34.81 6.72 94.06
N ALA F 122 35.84 6.60 93.23
CA ALA F 122 35.64 6.75 91.81
C ALA F 122 36.63 5.78 91.16
N LEU F 123 36.11 4.97 90.24
CA LEU F 123 36.94 3.99 89.56
C LEU F 123 36.85 4.15 88.05
N LYS F 124 38.03 4.07 87.42
CA LYS F 124 38.12 4.23 85.99
C LYS F 124 38.41 2.90 85.29
N ASP F 125 37.72 2.66 84.17
CA ASP F 125 37.90 1.44 83.37
C ASP F 125 39.19 1.52 82.56
N PRO F 126 40.18 0.74 82.98
CA PRO F 126 41.52 0.67 82.35
C PRO F 126 41.54 0.36 80.84
N ARG F 127 40.41 -0.04 80.26
CA ARG F 127 40.40 -0.39 78.83
C ARG F 127 39.73 0.59 77.87
N SER F 128 39.90 1.88 78.15
CA SER F 128 39.35 2.96 77.34
C SER F 128 39.68 4.30 78.01
N GLN F 129 39.20 5.40 77.41
CA GLN F 129 39.40 6.73 77.99
C GLN F 129 38.17 6.96 78.89
N ASP F 130 38.19 8.03 79.69
CA ASP F 130 37.08 8.34 80.59
C ASP F 130 35.92 7.31 80.74
N SER F 131 36.20 6.21 81.45
CA SER F 131 35.15 5.21 81.72
C SER F 131 35.11 5.07 83.23
N THR F 132 34.53 6.06 83.88
CA THR F 132 34.47 6.09 85.33
C THR F 132 33.14 5.71 85.89
N LEU F 133 33.13 5.67 87.22
CA LEU F 133 31.94 5.33 87.99
C LEU F 133 32.00 5.59 89.50
N CYS F 134 30.87 6.07 90.02
CA CYS F 134 30.77 6.38 91.42
C CYS F 134 30.38 5.15 92.25
N LEU F 135 31.26 4.76 93.15
CA LEU F 135 31.05 3.61 94.01
C LEU F 135 30.80 4.01 95.45
N PHE F 136 29.54 4.03 95.86
CA PHE F 136 29.23 4.36 97.25
C PHE F 136 29.76 3.12 97.92
N THR F 137 30.13 3.20 99.19
CA THR F 137 30.63 2.00 99.89
C THR F 137 30.68 2.15 101.40
N ASP F 138 30.64 1.00 102.08
CA ASP F 138 30.68 0.96 103.53
C ASP F 138 29.89 2.07 104.19
N PHE F 139 28.59 2.06 103.99
CA PHE F 139 27.75 3.04 104.64
C PHE F 139 26.82 2.24 105.56
N ASP F 140 26.01 2.94 106.34
CA ASP F 140 25.11 2.31 107.30
C ASP F 140 23.84 1.72 106.70
N SER F 141 23.66 0.43 106.92
CA SER F 141 22.49 -0.24 106.39
C SER F 141 21.32 0.73 106.38
N GLN F 142 20.98 1.25 107.56
CA GLN F 142 19.88 2.18 107.66
C GLN F 142 20.25 3.56 107.14
N ILE F 143 20.04 3.75 105.85
CA ILE F 143 20.30 5.01 105.16
C ILE F 143 19.58 4.85 103.84
N ASN F 144 19.65 5.87 103.00
CA ASN F 144 18.96 5.78 101.73
C ASN F 144 19.70 6.53 100.63
N VAL F 145 20.29 5.80 99.68
CA VAL F 145 20.99 6.46 98.58
C VAL F 145 19.96 7.13 97.66
N PRO F 146 20.17 8.42 97.35
CA PRO F 146 19.28 9.19 96.49
C PRO F 146 18.93 8.54 95.14
N LYS F 147 17.77 8.93 94.60
CA LYS F 147 17.28 8.40 93.32
C LYS F 147 17.83 9.11 92.09
N THR F 148 17.43 8.64 90.92
CA THR F 148 17.88 9.22 89.66
C THR F 148 16.78 9.90 88.88
N MET F 149 17.09 11.12 88.45
CA MET F 149 16.18 11.94 87.65
C MET F 149 17.03 12.50 86.50
N GLU F 150 18.25 11.98 86.41
CA GLU F 150 19.21 12.38 85.40
C GLU F 150 19.45 11.19 84.46
N SER F 151 19.06 11.36 83.20
CA SER F 151 19.22 10.29 82.21
C SER F 151 20.71 9.95 82.00
N GLY F 152 20.99 8.68 81.68
CA GLY F 152 22.36 8.25 81.47
C GLY F 152 23.10 8.11 82.78
N THR F 153 22.61 8.84 83.77
CA THR F 153 23.16 8.81 85.11
C THR F 153 22.33 7.80 85.91
N PHE F 154 22.91 6.63 86.12
CA PHE F 154 22.26 5.52 86.81
C PHE F 154 22.95 5.06 88.11
N ILE F 155 22.19 4.85 89.18
CA ILE F 155 22.75 4.38 90.46
C ILE F 155 22.13 3.03 90.77
N THR F 156 22.97 2.06 91.12
CA THR F 156 22.45 0.73 91.41
C THR F 156 21.78 0.69 92.76
N ASP F 157 21.28 -0.49 93.13
CA ASP F 157 20.62 -0.66 94.40
C ASP F 157 21.62 -1.21 95.39
N ALA F 158 21.49 -0.79 96.66
CA ALA F 158 22.39 -1.23 97.72
C ALA F 158 22.60 -2.73 97.62
N THR F 159 23.84 -3.14 97.42
CA THR F 159 24.18 -4.57 97.31
C THR F 159 25.17 -5.00 98.40
N VAL F 160 24.62 -5.45 99.54
CA VAL F 160 25.47 -5.91 100.65
C VAL F 160 26.47 -6.95 100.15
N LEU F 161 27.56 -7.10 100.88
CA LEU F 161 28.59 -8.04 100.49
C LEU F 161 29.30 -8.57 101.74
N ASP F 162 29.96 -9.72 101.60
CA ASP F 162 30.68 -10.31 102.72
C ASP F 162 31.91 -11.08 102.22
N MET F 163 33.07 -10.80 102.83
CA MET F 163 34.35 -11.42 102.48
C MET F 163 34.56 -12.73 103.26
N LYS F 164 35.83 -13.07 103.44
CA LYS F 164 36.24 -14.28 104.18
C LYS F 164 36.70 -13.96 105.61
N ALA F 165 37.30 -12.79 105.80
CA ALA F 165 37.79 -12.48 107.13
C ALA F 165 37.38 -11.18 107.76
N MET F 166 36.86 -11.38 108.97
CA MET F 166 36.38 -10.36 109.88
C MET F 166 34.91 -10.11 109.73
N ASP F 167 34.58 -9.25 108.79
CA ASP F 167 33.20 -8.93 108.64
C ASP F 167 33.09 -8.52 107.21
N SER F 168 33.15 -7.22 107.02
CA SER F 168 33.08 -6.64 105.70
C SER F 168 31.62 -6.43 105.32
N LYS F 169 30.71 -6.70 106.26
CA LYS F 169 29.30 -6.49 105.97
C LYS F 169 29.22 -5.04 105.51
N SER F 170 29.17 -4.84 104.18
CA SER F 170 29.17 -3.51 103.63
C SER F 170 28.17 -3.35 102.49
N ASN F 171 27.44 -2.24 102.57
CA ASN F 171 26.47 -1.93 101.55
C ASN F 171 27.31 -1.17 100.53
N GLY F 172 26.75 -0.94 99.37
CA GLY F 172 27.49 -0.23 98.35
C GLY F 172 26.58 -0.05 97.17
N ALA F 173 26.60 1.14 96.59
CA ALA F 173 25.75 1.39 95.44
C ALA F 173 26.59 2.05 94.34
N ILE F 174 26.57 1.43 93.17
CA ILE F 174 27.33 1.94 92.05
C ILE F 174 26.53 3.01 91.30
N ALA F 175 27.27 3.89 90.65
CA ALA F 175 26.72 5.02 89.89
C ALA F 175 27.62 5.36 88.69
N TRP F 176 26.99 5.80 87.60
CA TRP F 176 27.69 6.19 86.36
C TRP F 176 26.81 7.00 85.43
N SER F 177 27.43 7.97 84.75
CA SER F 177 26.70 8.83 83.84
C SER F 177 27.52 9.10 82.60
N ASN F 178 26.82 9.46 81.53
CA ASN F 178 27.46 9.79 80.26
C ASN F 178 27.58 11.31 80.21
N GLN F 179 27.26 11.96 81.33
CA GLN F 179 27.29 13.41 81.39
C GLN F 179 28.59 14.00 81.89
N THR F 180 29.25 14.74 81.00
CA THR F 180 30.52 15.42 81.23
C THR F 180 31.27 14.90 82.44
N SER F 181 32.09 15.75 83.01
CA SER F 181 32.77 15.32 84.20
C SER F 181 31.76 15.67 85.25
N PHE F 182 31.02 14.67 85.68
CA PHE F 182 30.04 14.85 86.73
C PHE F 182 30.78 14.28 87.91
N THR F 183 30.64 14.91 89.05
CA THR F 183 31.36 14.40 90.18
C THR F 183 30.50 13.46 90.99
N CYS F 184 31.08 12.30 91.31
CA CYS F 184 30.40 11.33 92.14
C CYS F 184 29.98 12.24 93.27
N GLN F 185 30.94 13.08 93.65
CA GLN F 185 30.78 14.07 94.70
C GLN F 185 29.48 14.81 94.50
N ASP F 186 29.12 15.04 93.25
CA ASP F 186 27.90 15.73 92.97
C ASP F 186 26.71 14.79 93.02
N ILE F 187 26.72 13.80 92.12
CA ILE F 187 25.62 12.84 92.02
C ILE F 187 25.11 12.35 93.36
N PHE F 188 26.02 12.00 94.27
CA PHE F 188 25.60 11.55 95.59
C PHE F 188 25.39 12.80 96.47
N LYS F 189 24.33 13.57 96.17
CA LYS F 189 23.97 14.81 96.89
C LYS F 189 24.03 14.72 98.41
N GLU F 190 23.07 14.02 98.99
CA GLU F 190 23.03 13.85 100.42
C GLU F 190 23.75 12.56 100.78
N THR F 191 25.07 12.64 100.88
CA THR F 191 25.90 11.49 101.22
C THR F 191 27.09 11.96 102.05
N ASN F 192 28.12 11.12 102.18
CA ASN F 192 29.28 11.50 103.00
C ASN F 192 30.70 11.20 102.49
N ALA F 193 31.66 11.84 103.17
CA ALA F 193 33.12 11.74 102.98
C ALA F 193 33.71 11.25 101.65
N THR F 194 33.69 12.11 100.65
CA THR F 194 34.22 11.74 99.36
C THR F 194 35.72 12.03 99.21
N TYR F 195 36.49 11.00 98.88
CA TYR F 195 37.94 11.16 98.64
C TYR F 195 38.09 11.07 97.10
N PRO F 196 38.70 12.11 96.44
CA PRO F 196 38.98 12.31 95.00
C PRO F 196 40.17 11.62 94.34
N SER F 197 40.28 11.82 93.04
CA SER F 197 41.38 11.24 92.27
C SER F 197 42.62 12.13 92.26
N SER F 198 43.33 12.11 93.39
CA SER F 198 44.54 12.90 93.55
C SER F 198 45.61 12.02 94.20
N ASP F 199 46.06 11.01 93.44
CA ASP F 199 47.05 10.05 93.90
C ASP F 199 48.22 10.67 94.66
N VAL F 200 48.07 10.81 95.97
CA VAL F 200 49.10 11.38 96.81
C VAL F 200 50.32 10.47 96.88
N PRO F 201 51.53 11.04 97.07
CA PRO F 201 52.77 10.25 97.15
C PRO F 201 52.88 9.50 98.49
N CYS F 202 52.42 10.15 99.55
CA CYS F 202 52.46 9.58 100.89
C CYS F 202 51.34 10.17 101.75
N GLU G 1 17.99 -38.68 96.77
CA GLU G 1 18.13 -37.94 95.47
C GLU G 1 16.83 -37.21 95.13
N ALA G 2 16.09 -37.75 94.16
CA ALA G 2 14.81 -37.18 93.70
C ALA G 2 15.06 -35.86 92.94
N ALA G 3 15.63 -35.97 91.73
CA ALA G 3 15.94 -34.80 90.91
C ALA G 3 14.82 -34.29 90.00
N VAL G 4 14.64 -32.96 89.95
CA VAL G 4 13.64 -32.30 89.10
C VAL G 4 14.39 -31.60 87.98
N THR G 5 14.77 -32.36 86.97
CA THR G 5 15.51 -31.81 85.86
C THR G 5 14.57 -31.01 84.94
N GLN G 6 14.88 -29.72 84.77
CA GLN G 6 14.05 -28.84 83.96
C GLN G 6 14.79 -28.17 82.81
N SER G 7 14.61 -28.71 81.61
CA SER G 7 15.30 -28.16 80.44
C SER G 7 14.38 -27.84 79.25
N PRO G 8 14.75 -26.79 78.49
CA PRO G 8 15.95 -25.97 78.71
C PRO G 8 15.74 -25.08 79.93
N ARG G 9 16.79 -24.38 80.35
CA ARG G 9 16.66 -23.48 81.49
C ARG G 9 16.61 -22.04 81.00
N ASN G 10 16.70 -21.86 79.68
CA ASN G 10 16.65 -20.53 79.09
C ASN G 10 16.47 -20.56 77.59
N LYS G 11 15.77 -19.55 77.06
CA LYS G 11 15.51 -19.46 75.65
C LYS G 11 15.03 -18.08 75.27
N VAL G 12 15.52 -17.63 74.11
CA VAL G 12 15.13 -16.37 73.52
C VAL G 12 14.43 -16.82 72.26
N ALA G 13 13.11 -16.78 72.26
CA ALA G 13 12.37 -17.23 71.10
C ALA G 13 11.65 -16.06 70.47
N VAL G 14 11.16 -16.31 69.27
CA VAL G 14 10.44 -15.34 68.47
C VAL G 14 8.92 -15.42 68.71
N THR G 15 8.22 -14.32 68.41
CA THR G 15 6.77 -14.31 68.56
C THR G 15 6.28 -15.43 67.63
N GLY G 16 5.03 -15.84 67.80
CA GLY G 16 4.49 -16.90 66.96
C GLY G 16 5.44 -18.08 66.84
N GLY G 17 6.11 -18.39 67.94
CA GLY G 17 7.05 -19.50 67.91
C GLY G 17 6.53 -20.63 68.78
N LYS G 18 6.71 -21.88 68.33
CA LYS G 18 6.28 -23.00 69.14
C LYS G 18 7.46 -23.48 69.99
N VAL G 19 7.34 -23.23 71.30
CA VAL G 19 8.36 -23.57 72.28
C VAL G 19 7.88 -24.59 73.29
N THR G 20 8.69 -25.61 73.47
CA THR G 20 8.38 -26.66 74.43
C THR G 20 9.52 -26.83 75.41
N LEU G 21 9.14 -26.84 76.69
CA LEU G 21 10.08 -27.02 77.79
C LEU G 21 9.70 -28.38 78.33
N SER G 22 10.70 -29.15 78.72
CA SER G 22 10.49 -30.49 79.24
C SER G 22 10.97 -30.58 80.69
N CYS G 23 10.38 -31.50 81.45
CA CYS G 23 10.78 -31.70 82.83
C CYS G 23 10.97 -33.19 83.10
N ASN G 24 12.21 -33.59 83.42
CA ASN G 24 12.50 -34.98 83.72
C ASN G 24 12.63 -35.07 85.23
N GLN G 25 12.07 -36.13 85.81
CA GLN G 25 12.14 -36.31 87.24
C GLN G 25 12.69 -37.70 87.60
N THR G 26 12.73 -37.99 88.90
CA THR G 26 13.20 -39.27 89.42
C THR G 26 12.66 -39.35 90.85
N ASN G 27 11.49 -38.77 91.04
CA ASN G 27 10.82 -38.75 92.33
C ASN G 27 9.68 -39.74 92.30
N ASN G 28 9.36 -40.22 91.10
CA ASN G 28 8.28 -41.18 90.92
C ASN G 28 6.96 -40.56 91.30
N HIS G 29 6.98 -39.26 91.56
CA HIS G 29 5.78 -38.53 91.94
C HIS G 29 4.84 -38.42 90.75
N ASN G 30 3.67 -39.04 90.87
CA ASN G 30 2.70 -38.98 89.79
C ASN G 30 2.34 -37.55 89.43
N ASN G 31 2.08 -36.72 90.43
CA ASN G 31 1.68 -35.33 90.20
C ASN G 31 2.76 -34.35 89.78
N MET G 32 2.68 -33.97 88.50
CA MET G 32 3.59 -33.04 87.83
C MET G 32 2.92 -31.68 87.60
N TYR G 33 3.73 -30.63 87.46
CA TYR G 33 3.14 -29.31 87.24
C TYR G 33 3.98 -28.31 86.43
N TRP G 34 3.34 -27.18 86.13
CA TRP G 34 3.94 -26.07 85.41
C TRP G 34 3.34 -24.78 85.97
N TYR G 35 4.17 -24.04 86.70
CA TYR G 35 3.80 -22.80 87.34
C TYR G 35 4.63 -21.67 86.74
N ARG G 36 4.15 -20.43 86.87
CA ARG G 36 4.92 -19.33 86.30
C ARG G 36 5.23 -18.20 87.28
N GLN G 37 6.53 -18.01 87.54
CA GLN G 37 7.01 -16.98 88.45
C GLN G 37 7.06 -15.60 87.76
N ASP G 38 6.16 -14.71 88.18
CA ASP G 38 6.06 -13.35 87.65
C ASP G 38 5.70 -12.42 88.81
N THR G 39 6.31 -11.25 88.87
CA THR G 39 6.06 -10.30 89.95
C THR G 39 4.62 -9.83 90.08
N GLY G 40 4.23 -9.51 91.32
CA GLY G 40 2.87 -9.04 91.60
C GLY G 40 1.85 -10.17 91.63
N HIS G 41 2.29 -11.35 91.19
CA HIS G 41 1.45 -12.54 91.14
C HIS G 41 2.20 -13.75 91.65
N GLY G 42 3.49 -13.57 91.94
CA GLY G 42 4.28 -14.69 92.40
C GLY G 42 4.12 -15.82 91.41
N LEU G 43 4.08 -17.05 91.91
CA LEU G 43 3.94 -18.21 91.05
C LEU G 43 2.48 -18.45 90.72
N ARG G 44 2.23 -19.14 89.60
CA ARG G 44 0.87 -19.45 89.21
C ARG G 44 0.81 -20.74 88.40
N LEU G 45 -0.27 -21.50 88.58
CA LEU G 45 -0.44 -22.80 87.93
C LEU G 45 -0.93 -22.84 86.51
N ILE G 46 -0.10 -23.44 85.68
CA ILE G 46 -0.42 -23.54 84.28
C ILE G 46 -1.18 -24.82 84.02
N HIS G 47 -0.46 -25.95 84.09
CA HIS G 47 -1.04 -27.27 83.85
C HIS G 47 -0.58 -28.35 84.85
N TYR G 48 -1.39 -29.40 85.00
CA TYR G 48 -1.04 -30.48 85.90
C TYR G 48 -1.52 -31.88 85.52
N SER G 49 -0.72 -32.87 85.87
CA SER G 49 -1.00 -34.28 85.58
C SER G 49 -1.01 -35.19 86.83
N TYR G 50 -1.51 -36.41 86.64
CA TYR G 50 -1.59 -37.41 87.69
C TYR G 50 -0.85 -38.71 87.29
N GLY G 51 -0.26 -38.73 86.11
CA GLY G 51 0.41 -39.92 85.62
C GLY G 51 0.17 -39.93 84.12
N ALA G 52 1.03 -40.62 83.36
CA ALA G 52 0.91 -40.68 81.89
C ALA G 52 -0.53 -40.53 81.35
N GLY G 53 -0.74 -39.50 80.53
CA GLY G 53 -2.05 -39.28 79.95
C GLY G 53 -2.91 -38.31 80.73
N SER G 54 -3.00 -38.52 82.03
CA SER G 54 -3.80 -37.64 82.86
C SER G 54 -3.31 -36.22 82.65
N THR G 55 -4.22 -35.36 82.22
CA THR G 55 -3.87 -33.97 81.97
C THR G 55 -5.06 -33.07 82.17
N GLU G 56 -4.83 -31.94 82.83
CA GLU G 56 -5.88 -30.97 83.10
C GLU G 56 -5.38 -29.54 83.09
N LYS G 57 -6.33 -28.60 83.12
CA LYS G 57 -6.04 -27.17 83.09
C LYS G 57 -5.77 -26.54 84.45
N GLY G 58 -4.84 -25.60 84.49
CA GLY G 58 -4.53 -24.93 85.75
C GLY G 58 -5.36 -23.67 85.94
N ASP G 59 -4.71 -22.55 86.19
CA ASP G 59 -5.42 -21.29 86.37
C ASP G 59 -5.02 -20.31 85.29
N ILE G 60 -3.83 -20.55 84.74
CA ILE G 60 -3.31 -19.73 83.66
C ILE G 60 -3.24 -20.75 82.54
N PRO G 61 -4.31 -20.86 81.75
CA PRO G 61 -4.38 -21.80 80.64
C PRO G 61 -4.13 -21.26 79.22
N ASP G 62 -4.66 -20.08 78.92
CA ASP G 62 -4.53 -19.49 77.59
C ASP G 62 -3.15 -19.67 76.95
N GLY G 63 -3.15 -20.28 75.76
CA GLY G 63 -1.92 -20.50 75.01
C GLY G 63 -1.05 -21.68 75.37
N TYR G 64 -1.17 -22.17 76.60
CA TYR G 64 -0.35 -23.29 77.02
C TYR G 64 -1.05 -24.62 76.86
N LYS G 65 -0.25 -25.64 76.55
CA LYS G 65 -0.70 -27.02 76.38
C LYS G 65 0.34 -27.92 77.08
N ALA G 66 0.04 -29.19 77.29
CA ALA G 66 1.00 -30.05 77.97
C ALA G 66 0.91 -31.54 77.60
N SER G 67 2.05 -32.22 77.73
CA SER G 67 2.13 -33.64 77.40
C SER G 67 2.68 -34.48 78.55
N ARG G 68 2.09 -35.66 78.72
CA ARG G 68 2.47 -36.61 79.76
C ARG G 68 2.63 -38.02 79.18
N PRO G 69 3.79 -38.30 78.54
CA PRO G 69 4.07 -39.60 77.92
C PRO G 69 4.60 -40.65 78.92
N SER G 70 5.59 -40.25 79.70
CA SER G 70 6.20 -41.14 80.68
C SER G 70 5.87 -40.74 82.13
N GLN G 71 6.17 -41.61 83.08
CA GLN G 71 5.90 -41.30 84.49
C GLN G 71 7.00 -40.32 84.81
N GLU G 72 7.66 -39.87 83.75
CA GLU G 72 8.76 -38.96 83.91
C GLU G 72 8.64 -37.65 83.12
N ASN G 73 8.69 -37.76 81.80
CA ASN G 73 8.61 -36.58 80.96
C ASN G 73 7.29 -35.82 80.94
N PHE G 74 7.32 -34.58 81.41
CA PHE G 74 6.15 -33.70 81.37
C PHE G 74 6.63 -32.51 80.51
N SER G 75 5.71 -31.75 79.94
CA SER G 75 6.16 -30.65 79.09
C SER G 75 5.10 -29.61 78.74
N LEU G 76 5.42 -28.37 79.08
CA LEU G 76 4.55 -27.24 78.81
C LEU G 76 4.84 -26.77 77.40
N ILE G 77 3.81 -26.77 76.56
CA ILE G 77 3.93 -26.38 75.14
C ILE G 77 3.23 -25.09 74.69
N LEU G 78 4.02 -24.17 74.12
CA LEU G 78 3.52 -22.90 73.61
C LEU G 78 3.73 -22.82 72.09
N GLU G 79 2.63 -22.80 71.34
CA GLU G 79 2.67 -22.73 69.86
C GLU G 79 2.58 -21.30 69.32
N LEU G 80 1.50 -20.65 69.73
CA LEU G 80 1.17 -19.28 69.37
C LEU G 80 1.82 -18.39 70.43
N ALA G 81 3.15 -18.45 70.50
CA ALA G 81 3.91 -17.70 71.48
C ALA G 81 3.78 -16.18 71.39
N THR G 82 3.55 -15.54 72.53
CA THR G 82 3.45 -14.08 72.62
C THR G 82 4.25 -13.69 73.87
N PRO G 83 4.96 -12.56 73.83
CA PRO G 83 5.76 -12.15 74.99
C PRO G 83 5.05 -12.13 76.35
N SER G 84 3.72 -12.16 76.36
CA SER G 84 2.98 -12.18 77.63
C SER G 84 3.47 -13.40 78.36
N GLN G 85 3.83 -14.40 77.57
CA GLN G 85 4.34 -15.66 78.08
C GLN G 85 5.80 -15.52 78.39
N THR G 86 6.19 -14.34 78.86
CA THR G 86 7.58 -14.10 79.20
C THR G 86 7.64 -14.27 80.70
N SER G 87 8.55 -15.12 81.17
CA SER G 87 8.65 -15.37 82.62
C SER G 87 9.63 -16.50 82.98
N VAL G 88 9.73 -16.77 84.27
CA VAL G 88 10.55 -17.86 84.75
C VAL G 88 9.55 -18.99 84.90
N TYR G 89 9.78 -20.05 84.17
CA TYR G 89 8.85 -21.13 84.24
C TYR G 89 9.42 -22.16 85.18
N PHE G 90 8.52 -22.75 85.95
CA PHE G 90 8.85 -23.76 86.93
C PHE G 90 7.85 -24.91 86.81
N CYS G 91 8.35 -26.13 86.94
CA CYS G 91 7.53 -27.33 86.88
C CYS G 91 7.74 -27.97 88.26
N ALA G 92 7.15 -29.14 88.49
CA ALA G 92 7.34 -29.80 89.79
C ALA G 92 6.62 -31.12 89.91
N SER G 93 7.10 -31.96 90.82
CA SER G 93 6.48 -33.26 91.08
C SER G 93 5.87 -33.13 92.46
N GLY G 94 4.85 -33.92 92.76
CA GLY G 94 4.26 -33.82 94.09
C GLY G 94 3.26 -34.84 94.61
N GLY G 95 3.48 -35.28 95.84
CA GLY G 95 2.59 -36.23 96.47
C GLY G 95 1.74 -35.55 97.51
N GLY G 96 0.49 -35.27 97.14
CA GLY G 96 -0.48 -34.66 98.05
C GLY G 96 -0.29 -33.19 98.32
N GLY G 97 0.98 -32.76 98.33
CA GLY G 97 1.31 -31.39 98.59
C GLY G 97 2.77 -31.23 99.01
N THR G 98 3.61 -32.13 98.49
CA THR G 98 5.02 -32.05 98.80
C THR G 98 5.71 -31.76 97.47
N LEU G 99 5.37 -30.61 96.88
CA LEU G 99 5.90 -30.20 95.59
C LEU G 99 7.41 -30.07 95.58
N TYR G 100 8.02 -30.68 94.58
CA TYR G 100 9.45 -30.62 94.44
C TYR G 100 9.67 -29.85 93.16
N PHE G 101 10.08 -28.59 93.32
CA PHE G 101 10.30 -27.69 92.22
C PHE G 101 11.63 -27.90 91.51
N GLY G 102 11.81 -27.22 90.37
CA GLY G 102 13.02 -27.33 89.59
C GLY G 102 13.81 -26.04 89.39
N ALA G 103 14.94 -26.17 88.69
CA ALA G 103 15.85 -25.05 88.42
C ALA G 103 15.20 -23.81 87.81
N GLY G 104 14.26 -24.02 86.89
CA GLY G 104 13.60 -22.88 86.28
C GLY G 104 13.95 -22.73 84.82
N THR G 105 13.39 -21.69 84.21
CA THR G 105 13.61 -21.39 82.78
C THR G 105 13.34 -19.91 82.53
N ARG G 106 14.30 -19.22 81.93
CA ARG G 106 14.11 -17.81 81.64
C ARG G 106 13.48 -17.76 80.27
N LEU G 107 12.19 -17.48 80.22
CA LEU G 107 11.49 -17.47 78.94
C LEU G 107 11.33 -16.08 78.40
N SER G 108 12.08 -15.80 77.35
CA SER G 108 12.07 -14.49 76.71
C SER G 108 11.75 -14.57 75.19
N VAL G 109 10.46 -14.46 74.86
CA VAL G 109 10.04 -14.48 73.45
C VAL G 109 9.96 -13.03 73.00
N LEU G 110 10.34 -12.73 71.76
CA LEU G 110 10.30 -11.34 71.38
C LEU G 110 9.53 -11.00 70.13
N GLU G 111 9.50 -9.70 69.86
CA GLU G 111 8.86 -9.16 68.69
C GLU G 111 9.88 -9.16 67.54
N ASP G 112 11.15 -8.94 67.87
CA ASP G 112 12.20 -8.96 66.85
C ASP G 112 13.40 -9.70 67.39
N LEU G 113 13.84 -10.73 66.67
CA LEU G 113 14.98 -11.49 67.14
C LEU G 113 16.32 -10.78 66.92
N ARG G 114 16.28 -9.65 66.20
CA ARG G 114 17.49 -8.87 65.93
C ARG G 114 17.82 -7.85 67.04
N ASN G 115 16.78 -7.42 67.78
CA ASN G 115 17.00 -6.46 68.88
C ASN G 115 17.76 -7.29 69.88
N VAL G 116 19.07 -7.17 69.79
CA VAL G 116 19.92 -7.95 70.64
C VAL G 116 21.22 -7.26 70.95
N THR G 117 22.06 -7.97 71.68
CA THR G 117 23.38 -7.49 72.07
C THR G 117 24.11 -8.31 73.13
N PRO G 118 25.00 -9.21 72.68
CA PRO G 118 25.73 -9.96 73.72
C PRO G 118 26.34 -8.83 74.63
N PRO G 119 26.52 -9.11 75.93
CA PRO G 119 27.07 -8.15 76.89
C PRO G 119 28.46 -7.59 76.62
N LYS G 120 28.59 -6.28 76.80
CA LYS G 120 29.86 -5.60 76.63
C LYS G 120 30.25 -5.31 78.08
N VAL G 121 31.16 -6.13 78.59
CA VAL G 121 31.59 -5.93 79.97
C VAL G 121 33.04 -5.50 79.95
N SER G 122 33.43 -4.78 81.01
CA SER G 122 34.80 -4.26 81.17
C SER G 122 35.21 -4.28 82.65
N LEU G 123 36.47 -4.59 82.88
CA LEU G 123 36.97 -4.67 84.24
C LEU G 123 37.50 -3.34 84.74
N PHE G 124 37.10 -2.99 85.96
CA PHE G 124 37.58 -1.76 86.58
C PHE G 124 38.58 -2.17 87.65
N GLU G 125 39.33 -1.20 88.15
CA GLU G 125 40.32 -1.53 89.16
C GLU G 125 40.15 -0.79 90.51
N PRO G 126 40.80 -1.28 91.55
CA PRO G 126 40.73 -0.69 92.90
C PRO G 126 41.35 0.68 93.13
N SER G 127 40.59 1.53 93.83
CA SER G 127 41.05 2.87 94.20
C SER G 127 42.16 2.65 95.23
N LYS G 128 43.33 3.19 94.92
CA LYS G 128 44.50 3.06 95.78
C LYS G 128 44.12 3.48 97.19
N ALA G 129 43.27 4.49 97.29
CA ALA G 129 42.80 4.95 98.59
C ALA G 129 42.25 3.70 99.26
N GLU G 130 41.30 3.05 98.60
CA GLU G 130 40.75 1.83 99.17
C GLU G 130 41.90 0.88 99.52
N ILE G 131 42.71 0.61 98.49
CA ILE G 131 43.86 -0.28 98.59
C ILE G 131 44.68 0.02 99.84
N ALA G 132 45.23 1.22 99.89
CA ALA G 132 46.06 1.67 101.01
C ALA G 132 45.19 1.87 102.23
N ASN G 133 44.43 2.96 102.16
CA ASN G 133 43.52 3.39 103.20
C ASN G 133 42.82 2.23 103.91
N LYS G 134 42.73 1.05 103.28
CA LYS G 134 42.04 -0.04 103.96
C LYS G 134 42.50 -1.49 103.71
N GLN G 135 43.64 -1.64 103.05
CA GLN G 135 44.21 -2.97 102.81
C GLN G 135 43.36 -4.07 102.16
N LYS G 136 42.32 -3.70 101.43
CA LYS G 136 41.51 -4.70 100.72
C LYS G 136 41.35 -4.12 99.33
N ALA G 137 40.79 -4.89 98.40
CA ALA G 137 40.65 -4.39 97.04
C ALA G 137 39.39 -4.83 96.31
N THR G 138 38.40 -3.94 96.26
CA THR G 138 37.17 -4.20 95.54
C THR G 138 37.56 -4.02 94.08
N LEU G 139 36.93 -4.80 93.21
CA LEU G 139 37.20 -4.69 91.78
C LEU G 139 35.87 -4.95 91.09
N VAL G 140 34.99 -3.97 91.11
CA VAL G 140 33.67 -4.14 90.50
C VAL G 140 33.77 -4.49 89.00
N CYS G 141 32.82 -5.29 88.50
CA CYS G 141 32.80 -5.67 87.07
C CYS G 141 31.47 -5.28 86.40
N LEU G 142 31.54 -4.33 85.49
CA LEU G 142 30.34 -3.86 84.83
C LEU G 142 30.01 -4.65 83.55
N ALA G 143 28.75 -4.57 83.13
CA ALA G 143 28.26 -5.24 81.94
C ALA G 143 27.25 -4.31 81.28
N ARG G 144 27.37 -4.11 79.97
CA ARG G 144 26.44 -3.21 79.28
C ARG G 144 25.85 -3.75 77.98
N GLY G 145 24.89 -3.01 77.42
CA GLY G 145 24.24 -3.35 76.16
C GLY G 145 23.96 -4.80 75.75
N PHE G 146 22.96 -5.41 76.39
CA PHE G 146 22.58 -6.78 76.06
C PHE G 146 21.08 -6.97 76.10
N PHE G 147 20.55 -7.77 75.16
CA PHE G 147 19.12 -7.95 75.06
C PHE G 147 18.42 -8.98 75.96
N PRO G 148 18.79 -10.27 75.89
CA PRO G 148 18.08 -11.19 76.78
C PRO G 148 18.90 -11.26 78.06
N ASP G 149 18.28 -10.77 79.14
CA ASP G 149 18.91 -10.71 80.46
C ASP G 149 19.24 -12.09 81.00
N HIS G 150 19.29 -13.05 80.08
CA HIS G 150 19.64 -14.44 80.38
C HIS G 150 21.15 -14.44 80.58
N VAL G 151 21.57 -13.84 81.70
CA VAL G 151 22.97 -13.67 82.04
C VAL G 151 23.27 -14.07 83.48
N GLU G 152 24.52 -14.48 83.69
CA GLU G 152 25.04 -14.94 84.98
C GLU G 152 26.54 -14.58 85.08
N LEU G 153 26.90 -13.65 85.96
CA LEU G 153 28.30 -13.23 86.09
C LEU G 153 29.10 -13.87 87.25
N SER G 154 30.17 -14.57 86.89
CA SER G 154 31.04 -15.25 87.86
C SER G 154 32.46 -14.70 87.88
N TRP G 155 33.16 -14.99 88.96
CA TRP G 155 34.53 -14.55 89.12
C TRP G 155 35.55 -15.74 89.00
N TRP G 156 36.78 -15.40 88.58
CA TRP G 156 37.81 -16.40 88.34
C TRP G 156 39.23 -16.03 88.72
N VAL G 157 39.52 -16.18 90.01
CA VAL G 157 40.86 -15.84 90.49
C VAL G 157 41.77 -17.07 90.34
N ASN G 158 43.03 -16.78 90.01
CA ASN G 158 44.11 -17.75 89.80
C ASN G 158 43.72 -19.08 89.16
N GLY G 159 42.64 -19.07 88.37
CA GLY G 159 42.20 -20.29 87.71
C GLY G 159 40.95 -20.97 88.26
N LYS G 160 40.45 -20.53 89.42
CA LYS G 160 39.22 -21.13 89.99
C LYS G 160 38.05 -20.09 90.17
N GLU G 161 36.82 -20.58 90.14
CA GLU G 161 35.66 -19.70 90.33
C GLU G 161 35.68 -19.13 91.74
N VAL G 162 35.08 -17.95 91.88
CA VAL G 162 35.08 -17.26 93.18
C VAL G 162 33.70 -17.13 93.79
N HIS G 163 33.70 -16.95 95.12
CA HIS G 163 32.49 -16.80 95.94
C HIS G 163 32.88 -16.04 97.21
N SER G 164 34.18 -15.98 97.47
CA SER G 164 34.71 -15.27 98.63
C SER G 164 34.49 -13.80 98.40
N GLY G 165 33.85 -13.13 99.37
CA GLY G 165 33.59 -11.70 99.23
C GLY G 165 33.17 -11.27 97.83
N VAL G 166 32.24 -11.97 97.20
CA VAL G 166 31.82 -11.57 95.85
C VAL G 166 30.33 -11.29 95.86
N SER G 167 29.89 -10.19 95.21
CA SER G 167 28.44 -9.89 95.16
C SER G 167 28.00 -9.18 93.90
N THR G 168 27.01 -9.78 93.25
CA THR G 168 26.38 -9.31 92.02
C THR G 168 24.91 -8.96 92.31
N ASP G 169 24.38 -7.90 91.70
CA ASP G 169 22.96 -7.61 91.91
C ASP G 169 22.47 -8.79 91.09
N PRO G 170 21.64 -9.68 91.67
CA PRO G 170 21.18 -10.82 90.86
C PRO G 170 20.41 -10.36 89.60
N GLN G 171 19.66 -9.27 89.75
CA GLN G 171 18.87 -8.73 88.64
C GLN G 171 19.56 -7.61 87.89
N ALA G 172 19.82 -7.84 86.61
CA ALA G 172 20.44 -6.82 85.79
C ALA G 172 19.44 -5.67 85.70
N TYR G 173 19.96 -4.44 85.69
CA TYR G 173 19.13 -3.23 85.64
C TYR G 173 18.91 -2.63 84.26
N LYS G 174 17.86 -1.80 84.18
CA LYS G 174 17.49 -1.13 82.95
C LYS G 174 18.57 -0.20 82.50
N GLU G 175 19.12 -0.39 81.32
CA GLU G 175 20.06 0.63 80.93
C GLU G 175 19.15 1.51 80.10
N SER G 176 18.80 1.03 78.91
CA SER G 176 17.94 1.79 78.04
C SER G 176 16.58 1.18 77.93
N ASN G 177 15.81 1.73 77.01
CA ASN G 177 14.52 1.18 76.80
C ASN G 177 14.84 -0.24 76.38
N TYR G 178 16.12 -0.52 76.15
CA TYR G 178 16.49 -1.88 75.80
C TYR G 178 17.77 -2.48 76.34
N SER G 179 18.83 -1.71 76.48
CA SER G 179 20.06 -2.30 76.97
C SER G 179 20.02 -2.51 78.47
N TYR G 180 20.19 -3.74 78.92
CA TYR G 180 20.23 -3.99 80.36
C TYR G 180 21.72 -3.80 80.75
N CYS G 181 21.99 -3.75 82.05
CA CYS G 181 23.36 -3.62 82.55
C CYS G 181 23.51 -4.40 83.87
N LEU G 182 24.67 -5.05 84.05
CA LEU G 182 24.99 -5.87 85.21
C LEU G 182 26.32 -5.52 85.86
N SER G 183 26.42 -5.71 87.17
CA SER G 183 27.66 -5.38 87.85
C SER G 183 27.86 -6.13 89.17
N SER G 184 29.12 -6.28 89.59
CA SER G 184 29.43 -6.94 90.88
C SER G 184 30.75 -6.43 91.42
N ARG G 185 31.08 -6.77 92.66
CA ARG G 185 32.32 -6.24 93.23
C ARG G 185 33.27 -7.17 93.99
N LEU G 186 34.01 -7.98 93.24
CA LEU G 186 34.98 -8.87 93.88
C LEU G 186 35.92 -8.01 94.76
N ARG G 187 36.29 -8.48 95.96
CA ARG G 187 37.19 -7.68 96.79
C ARG G 187 38.24 -8.48 97.56
N VAL G 188 39.44 -8.58 97.01
CA VAL G 188 40.51 -9.32 97.68
C VAL G 188 41.42 -8.35 98.42
N SER G 189 42.27 -8.89 99.29
CA SER G 189 43.21 -8.14 100.12
C SER G 189 44.26 -7.29 99.37
N ALA G 190 45.17 -6.69 100.14
CA ALA G 190 46.23 -5.88 99.53
C ALA G 190 47.33 -6.88 99.14
N THR G 191 47.77 -7.62 100.16
CA THR G 191 48.80 -8.66 100.05
C THR G 191 48.49 -9.47 98.80
N PHE G 192 47.26 -10.01 98.74
CA PHE G 192 46.84 -10.76 97.59
C PHE G 192 46.87 -9.92 96.30
N TRP G 193 46.12 -8.80 96.29
CA TRP G 193 46.03 -7.89 95.13
C TRP G 193 47.43 -7.59 94.60
N HIS G 194 48.26 -7.19 95.55
CA HIS G 194 49.62 -6.83 95.24
C HIS G 194 50.54 -7.92 94.72
N ASN G 195 50.00 -8.88 93.97
CA ASN G 195 50.92 -9.89 93.45
C ASN G 195 50.72 -10.19 91.97
N PRO G 196 51.57 -9.56 91.11
CA PRO G 196 51.56 -9.69 89.65
C PRO G 196 51.37 -11.11 89.12
N ARG G 197 51.46 -12.09 90.01
CA ARG G 197 51.29 -13.48 89.64
C ARG G 197 49.81 -13.85 89.71
N ASN G 198 49.19 -13.67 90.88
CA ASN G 198 47.79 -14.04 91.01
C ASN G 198 46.89 -13.22 90.12
N HIS G 199 46.24 -13.98 89.24
CA HIS G 199 45.32 -13.53 88.21
C HIS G 199 43.92 -13.21 88.72
N PHE G 200 43.17 -12.44 87.90
CA PHE G 200 41.78 -12.06 88.18
C PHE G 200 41.00 -12.04 86.88
N ARG G 201 39.90 -12.82 86.87
CA ARG G 201 39.02 -12.91 85.70
C ARG G 201 37.52 -12.67 85.97
N CYS G 202 36.86 -12.07 85.00
CA CYS G 202 35.46 -11.78 85.13
C CYS G 202 34.70 -12.31 83.95
N GLN G 203 33.74 -13.18 84.25
CA GLN G 203 32.96 -13.86 83.22
C GLN G 203 31.42 -13.67 83.26
N VAL G 204 30.86 -13.32 82.10
CA VAL G 204 29.42 -13.09 81.97
C VAL G 204 28.77 -14.05 80.95
N GLN G 205 28.42 -15.23 81.42
CA GLN G 205 27.78 -16.19 80.54
C GLN G 205 26.47 -15.52 80.13
N PHE G 206 26.30 -15.34 78.82
CA PHE G 206 25.11 -14.71 78.24
C PHE G 206 24.21 -15.81 77.58
N HIS G 207 22.92 -15.54 77.40
CA HIS G 207 22.04 -16.53 76.77
C HIS G 207 21.04 -15.94 75.79
N GLY G 208 21.25 -16.24 74.51
CA GLY G 208 20.38 -15.72 73.47
C GLY G 208 19.86 -16.74 72.47
N LEU G 209 20.45 -16.74 71.27
CA LEU G 209 20.05 -17.68 70.24
C LEU G 209 21.01 -18.84 70.23
N SER G 210 20.50 -19.96 69.76
CA SER G 210 21.32 -21.13 69.67
C SER G 210 21.54 -21.46 68.21
N GLU G 211 22.44 -22.41 68.00
CA GLU G 211 22.83 -22.89 66.70
C GLU G 211 21.85 -22.74 65.52
N GLU G 212 20.68 -23.34 65.60
CA GLU G 212 19.78 -23.26 64.46
C GLU G 212 18.77 -22.11 64.35
N ASP G 213 18.88 -21.11 65.21
CA ASP G 213 17.94 -19.99 65.15
C ASP G 213 18.07 -19.08 63.95
N LYS G 214 17.00 -18.34 63.65
CA LYS G 214 16.97 -17.42 62.50
C LYS G 214 17.67 -16.07 62.72
N TRP G 215 18.89 -15.96 62.20
CA TRP G 215 19.69 -14.73 62.30
C TRP G 215 19.78 -14.14 60.88
N PRO G 216 18.69 -13.51 60.42
CA PRO G 216 18.62 -12.91 59.09
C PRO G 216 19.46 -11.65 58.91
N GLU G 217 20.70 -11.71 59.38
CA GLU G 217 21.59 -10.56 59.24
C GLU G 217 22.99 -10.99 58.82
N GLY G 218 23.72 -10.04 58.23
CA GLY G 218 25.07 -10.32 57.79
C GLY G 218 26.06 -9.92 58.88
N SER G 219 25.50 -9.56 60.03
CA SER G 219 26.30 -9.13 61.18
C SER G 219 26.47 -10.26 62.20
N PRO G 220 27.56 -10.20 62.99
CA PRO G 220 27.87 -11.19 64.03
C PRO G 220 26.66 -11.81 64.76
N LYS G 221 26.67 -13.14 64.85
CA LYS G 221 25.60 -13.86 65.51
C LYS G 221 25.58 -13.67 67.04
N PRO G 222 24.41 -13.31 67.61
CA PRO G 222 24.21 -13.09 69.07
C PRO G 222 23.69 -14.35 69.80
N VAL G 223 24.58 -15.34 69.92
CA VAL G 223 24.27 -16.63 70.57
C VAL G 223 24.81 -16.73 71.99
N THR G 224 24.52 -17.84 72.66
CA THR G 224 25.00 -18.05 74.01
C THR G 224 26.52 -18.01 73.98
N GLN G 225 27.08 -16.91 74.48
CA GLN G 225 28.52 -16.76 74.50
C GLN G 225 29.03 -16.45 75.91
N ASN G 226 30.32 -16.15 75.99
CA ASN G 226 30.90 -15.85 77.29
C ASN G 226 32.01 -14.82 77.20
N ILE G 227 31.59 -13.59 76.93
CA ILE G 227 32.48 -12.44 76.83
C ILE G 227 32.99 -12.13 78.27
N SER G 228 34.27 -11.76 78.40
CA SER G 228 34.79 -11.47 79.73
C SER G 228 35.97 -10.47 79.81
N ALA G 229 36.23 -10.00 81.02
CA ALA G 229 37.33 -9.07 81.22
C ALA G 229 38.34 -9.73 82.15
N GLU G 230 39.54 -9.17 82.20
CA GLU G 230 40.60 -9.73 83.03
C GLU G 230 41.48 -8.66 83.63
N ALA G 231 42.02 -8.96 84.81
CA ALA G 231 42.91 -8.05 85.53
C ALA G 231 44.03 -8.86 86.20
N TRP G 232 44.96 -8.16 86.81
CA TRP G 232 46.08 -8.81 87.49
C TRP G 232 46.54 -8.02 88.71
N GLY G 233 47.24 -8.71 89.61
CA GLY G 233 47.74 -8.07 90.81
C GLY G 233 48.79 -7.02 90.53
N ARG G 234 48.49 -5.78 90.89
CA ARG G 234 49.41 -4.68 90.68
C ARG G 234 50.32 -4.51 91.88
N ALA G 235 51.52 -3.99 91.63
CA ALA G 235 52.50 -3.78 92.69
C ALA G 235 52.05 -2.81 93.76
N ASP G 236 52.92 -2.56 94.75
CA ASP G 236 52.63 -1.64 95.85
C ASP G 236 53.75 -0.64 96.00
N CYS G 237 53.73 0.40 95.16
CA CYS G 237 54.72 1.47 95.17
C CYS G 237 54.57 2.26 93.87
N GLY H 1 -19.66 -45.18 123.35
CA GLY H 1 -19.24 -46.43 122.61
C GLY H 1 -18.42 -46.12 121.37
N PRO H 2 -17.60 -47.07 120.87
CA PRO H 2 -16.81 -46.79 119.68
C PRO H 2 -17.66 -46.23 118.55
N HIS H 3 -17.03 -45.52 117.63
CA HIS H 3 -17.72 -44.93 116.49
C HIS H 3 -16.75 -44.88 115.31
N SER H 4 -17.31 -44.78 114.11
CA SER H 4 -16.45 -44.74 112.94
C SER H 4 -16.94 -43.74 111.89
N LEU H 5 -16.09 -43.54 110.89
CA LEU H 5 -16.37 -42.67 109.76
C LEU H 5 -15.46 -43.24 108.69
N ARG H 6 -16.00 -44.22 107.98
CA ARG H 6 -15.26 -44.89 106.94
C ARG H 6 -15.74 -44.43 105.57
N TYR H 7 -14.86 -44.57 104.58
CA TYR H 7 -15.19 -44.17 103.24
C TYR H 7 -14.92 -45.34 102.33
N PHE H 8 -15.89 -45.59 101.46
CA PHE H 8 -15.87 -46.68 100.52
C PHE H 8 -15.76 -46.10 99.13
N VAL H 9 -14.67 -46.38 98.43
CA VAL H 9 -14.51 -45.86 97.10
C VAL H 9 -14.42 -47.00 96.09
N THR H 10 -15.01 -46.82 94.90
CA THR H 10 -14.99 -47.84 93.86
C THR H 10 -15.03 -47.29 92.47
N ALA H 11 -14.08 -47.74 91.66
CA ALA H 11 -14.02 -47.33 90.27
C ALA H 11 -13.96 -48.63 89.48
N VAL H 12 -14.82 -48.72 88.48
CA VAL H 12 -14.87 -49.91 87.66
C VAL H 12 -14.81 -49.49 86.22
N SER H 13 -13.78 -49.98 85.53
CA SER H 13 -13.58 -49.63 84.14
C SER H 13 -14.50 -50.48 83.30
N ARG H 14 -15.21 -49.82 82.39
CA ARG H 14 -16.12 -50.48 81.49
C ARG H 14 -15.58 -50.13 80.15
N PRO H 15 -14.54 -50.86 79.74
CA PRO H 15 -13.90 -50.63 78.44
C PRO H 15 -14.97 -50.68 77.36
N GLY H 16 -15.02 -49.63 76.53
CA GLY H 16 -16.00 -49.59 75.45
C GLY H 16 -17.27 -48.86 75.81
N LEU H 17 -17.85 -49.28 76.93
CA LEU H 17 -19.07 -48.66 77.42
C LEU H 17 -18.72 -47.30 78.03
N GLY H 18 -17.52 -46.82 77.69
CA GLY H 18 -17.06 -45.52 78.16
C GLY H 18 -15.99 -45.48 79.23
N GLU H 19 -16.12 -44.48 80.10
CA GLU H 19 -15.21 -44.25 81.21
C GLU H 19 -15.75 -44.97 82.45
N PRO H 20 -14.86 -45.49 83.30
CA PRO H 20 -15.27 -46.21 84.51
C PRO H 20 -16.30 -45.58 85.43
N ARG H 21 -17.08 -46.43 86.10
CA ARG H 21 -18.05 -45.92 87.03
C ARG H 21 -17.22 -45.69 88.27
N TYR H 22 -17.43 -44.54 88.91
CA TYR H 22 -16.71 -44.20 90.12
C TYR H 22 -17.70 -43.59 91.12
N MET H 23 -17.54 -43.94 92.38
CA MET H 23 -18.42 -43.39 93.37
C MET H 23 -17.86 -43.74 94.74
N GLU H 24 -18.08 -42.83 95.67
CA GLU H 24 -17.62 -43.04 97.03
C GLU H 24 -18.84 -42.88 97.92
N VAL H 25 -18.87 -43.65 99.00
CA VAL H 25 -19.99 -43.62 99.89
C VAL H 25 -19.47 -43.31 101.28
N GLY H 26 -20.18 -42.45 102.01
CA GLY H 26 -19.73 -42.10 103.33
C GLY H 26 -20.52 -42.78 104.44
N TYR H 27 -19.81 -43.33 105.41
CA TYR H 27 -20.48 -43.99 106.51
C TYR H 27 -19.97 -43.65 107.90
N VAL H 28 -20.79 -42.89 108.65
CA VAL H 28 -20.49 -42.53 110.04
C VAL H 28 -21.16 -43.69 110.74
N ASP H 29 -20.33 -44.60 111.23
CA ASP H 29 -20.80 -45.82 111.90
C ASP H 29 -21.27 -46.72 110.77
N ASP H 30 -22.50 -47.17 110.80
CA ASP H 30 -22.94 -48.01 109.70
C ASP H 30 -24.09 -47.38 108.97
N THR H 31 -24.29 -46.09 109.23
CA THR H 31 -25.35 -45.36 108.56
C THR H 31 -24.72 -44.73 107.31
N GLU H 32 -25.49 -44.60 106.23
CA GLU H 32 -24.96 -43.99 105.02
C GLU H 32 -25.21 -42.50 105.15
N PHE H 33 -24.14 -41.72 105.19
CA PHE H 33 -24.33 -40.27 105.31
C PHE H 33 -24.05 -39.44 104.09
N VAL H 34 -23.38 -40.03 103.11
CA VAL H 34 -23.10 -39.29 101.89
C VAL H 34 -22.50 -40.19 100.84
N ARG H 35 -22.94 -39.99 99.61
CA ARG H 35 -22.39 -40.76 98.52
C ARG H 35 -22.26 -39.87 97.29
N PHE H 36 -21.62 -40.39 96.27
CA PHE H 36 -21.45 -39.62 95.07
C PHE H 36 -21.36 -40.67 94.00
N ASP H 37 -21.94 -40.39 92.84
CA ASP H 37 -21.98 -41.34 91.74
C ASP H 37 -21.59 -40.70 90.44
N SER H 38 -20.81 -41.40 89.64
CA SER H 38 -20.40 -40.86 88.36
C SER H 38 -21.59 -40.82 87.41
N ASP H 39 -22.36 -41.91 87.39
CA ASP H 39 -23.53 -42.00 86.52
C ASP H 39 -24.70 -41.17 86.99
N ALA H 40 -24.41 -40.24 87.90
CA ALA H 40 -25.46 -39.37 88.44
C ALA H 40 -25.89 -38.37 87.38
N GLU H 41 -27.16 -37.96 87.45
CA GLU H 41 -27.66 -36.99 86.50
C GLU H 41 -26.76 -35.76 86.62
N ASN H 42 -26.77 -35.17 87.80
CA ASN H 42 -25.98 -33.98 88.11
C ASN H 42 -24.90 -34.40 89.13
N PRO H 43 -23.76 -34.91 88.66
CA PRO H 43 -22.70 -35.33 89.60
C PRO H 43 -22.43 -34.31 90.71
N ARG H 44 -22.62 -34.77 91.95
CA ARG H 44 -22.42 -33.91 93.10
C ARG H 44 -22.53 -34.77 94.34
N TYR H 45 -21.75 -34.45 95.38
CA TYR H 45 -21.85 -35.23 96.63
C TYR H 45 -23.28 -35.06 97.15
N GLU H 46 -23.89 -36.17 97.52
CA GLU H 46 -25.25 -36.07 97.99
C GLU H 46 -25.48 -36.52 99.43
N PRO H 47 -26.22 -35.70 100.18
CA PRO H 47 -26.62 -35.90 101.59
C PRO H 47 -27.59 -37.09 101.72
N ARG H 48 -27.11 -38.17 102.34
CA ARG H 48 -27.95 -39.37 102.52
C ARG H 48 -28.56 -39.45 103.93
N ALA H 49 -28.95 -38.31 104.49
CA ALA H 49 -29.54 -38.25 105.82
C ALA H 49 -30.10 -36.86 106.08
N ARG H 50 -31.25 -36.76 106.74
CA ARG H 50 -31.83 -35.46 107.00
C ARG H 50 -30.83 -34.52 107.68
N TRP H 51 -30.34 -34.88 108.87
CA TRP H 51 -29.38 -34.02 109.55
C TRP H 51 -28.21 -33.47 108.69
N MET H 52 -27.79 -34.19 107.64
CA MET H 52 -26.68 -33.69 106.84
C MET H 52 -27.08 -32.38 106.21
N GLU H 53 -28.32 -31.98 106.47
CA GLU H 53 -28.88 -30.73 105.97
C GLU H 53 -28.13 -29.54 106.57
N GLN H 54 -27.63 -29.74 107.78
CA GLN H 54 -26.93 -28.69 108.49
C GLN H 54 -25.55 -28.37 107.93
N GLU H 55 -25.19 -29.06 106.85
CA GLU H 55 -23.91 -28.83 106.19
C GLU H 55 -24.08 -27.83 105.03
N GLY H 56 -23.27 -26.79 105.05
CA GLY H 56 -23.35 -25.75 104.03
C GLY H 56 -23.14 -26.13 102.56
N PRO H 57 -23.68 -25.30 101.66
CA PRO H 57 -23.55 -25.52 100.20
C PRO H 57 -22.07 -25.58 99.86
N GLU H 58 -21.29 -24.94 100.73
CA GLU H 58 -19.84 -24.91 100.58
C GLU H 58 -19.33 -26.35 100.73
N TYR H 59 -19.77 -27.00 101.80
CA TYR H 59 -19.38 -28.38 102.11
C TYR H 59 -19.59 -29.22 100.87
N TRP H 60 -20.80 -29.19 100.37
CA TRP H 60 -21.12 -29.96 99.20
C TRP H 60 -20.09 -29.61 98.15
N GLU H 61 -20.22 -28.40 97.59
CA GLU H 61 -19.32 -27.92 96.56
C GLU H 61 -17.92 -28.47 96.78
N ARG H 62 -17.42 -28.23 97.99
CA ARG H 62 -16.10 -28.68 98.35
C ARG H 62 -15.87 -30.13 97.98
N GLU H 63 -16.46 -31.03 98.76
CA GLU H 63 -16.27 -32.45 98.51
C GLU H 63 -16.64 -32.78 97.10
N THR H 64 -17.64 -32.07 96.58
CA THR H 64 -18.08 -32.29 95.20
C THR H 64 -16.79 -32.33 94.43
N GLN H 65 -16.10 -31.21 94.55
CA GLN H 65 -14.83 -31.01 93.90
C GLN H 65 -13.90 -32.17 94.23
N LYS H 66 -13.48 -32.20 95.49
CA LYS H 66 -12.58 -33.24 95.96
C LYS H 66 -12.91 -34.58 95.30
N ALA H 67 -14.21 -34.85 95.14
CA ALA H 67 -14.62 -36.09 94.54
C ALA H 67 -14.16 -36.19 93.10
N LYS H 68 -14.67 -35.29 92.28
CA LYS H 68 -14.32 -35.28 90.85
C LYS H 68 -12.82 -35.46 90.65
N GLY H 69 -12.05 -34.93 91.57
CA GLY H 69 -10.61 -35.10 91.49
C GLY H 69 -10.38 -36.60 91.56
N ASN H 70 -10.64 -37.17 92.74
CA ASN H 70 -10.48 -38.59 92.94
C ASN H 70 -11.14 -39.40 91.83
N GLU H 71 -12.11 -38.78 91.17
CA GLU H 71 -12.76 -39.44 90.08
C GLU H 71 -11.68 -39.80 89.08
N GLN H 72 -11.15 -38.77 88.43
CA GLN H 72 -10.12 -39.02 87.45
C GLN H 72 -8.86 -39.46 88.15
N SER H 73 -8.84 -39.35 89.48
CA SER H 73 -7.67 -39.78 90.20
C SER H 73 -7.60 -41.28 90.04
N PHE H 74 -8.72 -41.95 90.27
CA PHE H 74 -8.72 -43.38 90.15
C PHE H 74 -8.64 -43.85 88.71
N ARG H 75 -9.23 -43.08 87.81
CA ARG H 75 -9.17 -43.42 86.39
C ARG H 75 -7.74 -43.88 86.10
N VAL H 76 -6.80 -43.12 86.64
CA VAL H 76 -5.39 -43.42 86.49
C VAL H 76 -5.09 -44.81 87.02
N ASP H 77 -5.26 -44.97 88.33
CA ASP H 77 -5.00 -46.24 89.02
C ASP H 77 -5.28 -47.37 88.05
N LEU H 78 -6.54 -47.45 87.63
CA LEU H 78 -6.97 -48.47 86.71
C LEU H 78 -5.91 -48.75 85.62
N ARG H 79 -5.54 -47.73 84.86
CA ARG H 79 -4.54 -47.93 83.83
C ARG H 79 -3.32 -48.56 84.50
N THR H 80 -2.74 -47.83 85.43
CA THR H 80 -1.55 -48.28 86.17
C THR H 80 -1.58 -49.73 86.64
N LEU H 81 -2.70 -50.15 87.23
CA LEU H 81 -2.86 -51.49 87.70
C LEU H 81 -2.74 -52.44 86.54
N LEU H 82 -3.46 -52.11 85.47
CA LEU H 82 -3.48 -52.91 84.25
C LEU H 82 -2.07 -53.15 83.72
N GLY H 83 -1.30 -52.08 83.61
CA GLY H 83 0.06 -52.16 83.11
C GLY H 83 0.90 -53.07 83.96
N TYR H 84 0.77 -52.89 85.26
CA TYR H 84 1.50 -53.66 86.26
C TYR H 84 1.27 -55.17 86.13
N TYR H 85 0.06 -55.57 85.74
CA TYR H 85 -0.26 -56.98 85.67
C TYR H 85 -0.05 -57.64 84.33
N ASN H 86 0.25 -56.84 83.32
CA ASN H 86 0.51 -57.39 82.00
C ASN H 86 -0.76 -57.78 81.24
N GLN H 87 -1.91 -57.36 81.76
CA GLN H 87 -3.16 -57.67 81.11
C GLN H 87 -3.61 -56.55 80.17
N SER H 88 -3.89 -56.92 78.93
CA SER H 88 -4.30 -55.95 77.92
C SER H 88 -5.69 -55.37 78.19
N LYS H 89 -6.01 -54.28 77.51
CA LYS H 89 -7.31 -53.63 77.67
C LYS H 89 -8.43 -54.62 77.34
N GLY H 90 -9.63 -54.33 77.82
CA GLY H 90 -10.76 -55.22 77.57
C GLY H 90 -11.53 -55.66 78.79
N GLY H 91 -10.85 -56.38 79.70
CA GLY H 91 -11.52 -56.86 80.89
C GLY H 91 -11.92 -55.75 81.85
N SER H 92 -13.22 -55.55 82.03
CA SER H 92 -13.70 -54.52 82.93
C SER H 92 -13.21 -54.85 84.32
N HIS H 93 -12.59 -53.86 84.96
CA HIS H 93 -12.06 -54.11 86.28
C HIS H 93 -12.64 -53.20 87.33
N THR H 94 -12.47 -53.62 88.59
CA THR H 94 -12.99 -52.88 89.73
C THR H 94 -11.98 -52.58 90.83
N ILE H 95 -11.71 -51.30 91.02
CA ILE H 95 -10.80 -50.91 92.06
C ILE H 95 -11.73 -50.47 93.17
N GLN H 96 -11.33 -50.75 94.40
CA GLN H 96 -12.12 -50.40 95.56
C GLN H 96 -11.22 -50.07 96.75
N VAL H 97 -11.72 -49.22 97.64
CA VAL H 97 -10.95 -48.90 98.82
C VAL H 97 -11.80 -48.53 100.01
N ILE H 98 -11.23 -48.76 101.18
CA ILE H 98 -11.84 -48.43 102.43
C ILE H 98 -10.73 -47.70 103.16
N SER H 99 -11.03 -46.45 103.48
CA SER H 99 -10.11 -45.57 104.19
C SER H 99 -10.97 -45.21 105.38
N GLY H 100 -10.38 -45.07 106.56
CA GLY H 100 -11.23 -44.75 107.68
C GLY H 100 -10.52 -44.77 109.00
N CYS H 101 -11.26 -44.49 110.06
CA CYS H 101 -10.72 -44.42 111.40
C CYS H 101 -11.80 -44.86 112.40
N GLU H 102 -11.43 -44.95 113.68
CA GLU H 102 -12.36 -45.36 114.74
C GLU H 102 -12.03 -44.75 116.10
N VAL H 103 -12.85 -43.80 116.56
CA VAL H 103 -12.67 -43.15 117.88
C VAL H 103 -13.55 -43.80 118.94
N GLY H 104 -13.10 -43.82 120.19
CA GLY H 104 -13.91 -44.47 121.18
C GLY H 104 -14.20 -43.84 122.53
N SER H 105 -15.30 -43.10 122.61
CA SER H 105 -15.74 -42.46 123.85
C SER H 105 -14.78 -41.39 124.36
N ASP H 106 -13.53 -41.80 124.61
CA ASP H 106 -12.53 -40.87 125.09
C ASP H 106 -12.04 -40.04 123.91
N GLY H 107 -12.36 -40.53 122.71
CA GLY H 107 -11.95 -39.83 121.52
C GLY H 107 -10.66 -40.42 121.01
N ARG H 108 -9.97 -41.17 121.85
CA ARG H 108 -8.71 -41.78 121.45
C ARG H 108 -8.92 -42.53 120.13
N LEU H 109 -7.86 -42.63 119.33
CA LEU H 109 -7.98 -43.33 118.05
C LEU H 109 -7.75 -44.82 118.17
N LEU H 110 -8.82 -45.58 118.00
CA LEU H 110 -8.76 -47.03 118.07
C LEU H 110 -8.10 -47.63 116.84
N ARG H 111 -8.60 -47.32 115.64
CA ARG H 111 -7.97 -47.84 114.44
C ARG H 111 -8.12 -47.00 113.16
N GLY H 112 -7.05 -46.97 112.38
CA GLY H 112 -7.04 -46.23 111.13
C GLY H 112 -6.66 -47.19 110.02
N TYR H 113 -7.48 -47.23 108.96
CA TYR H 113 -7.25 -48.11 107.82
C TYR H 113 -7.51 -47.48 106.45
N GLN H 114 -6.72 -47.95 105.50
CA GLN H 114 -6.78 -47.55 104.10
C GLN H 114 -6.42 -48.86 103.42
N GLN H 115 -7.40 -49.49 102.76
CA GLN H 115 -7.14 -50.75 102.07
C GLN H 115 -7.58 -50.77 100.63
N TYR H 116 -6.65 -51.14 99.75
CA TYR H 116 -6.89 -51.21 98.32
C TYR H 116 -7.25 -52.60 97.84
N ALA H 117 -8.42 -52.71 97.25
CA ALA H 117 -8.91 -53.97 96.73
C ALA H 117 -9.00 -53.92 95.22
N TYR H 118 -8.34 -54.86 94.58
CA TYR H 118 -8.36 -54.90 93.14
C TYR H 118 -9.10 -56.11 92.60
N ASP H 119 -10.14 -55.83 91.80
CA ASP H 119 -10.94 -56.88 91.21
C ASP H 119 -11.42 -57.89 92.22
N GLY H 120 -11.49 -57.50 93.50
CA GLY H 120 -11.97 -58.43 94.52
C GLY H 120 -10.92 -59.13 95.37
N CYS H 121 -9.63 -58.89 95.10
CA CYS H 121 -8.58 -59.53 95.90
C CYS H 121 -7.55 -58.52 96.39
N ASP H 122 -7.37 -58.50 97.71
CA ASP H 122 -6.46 -57.57 98.40
C ASP H 122 -5.23 -57.07 97.63
N TYR H 123 -5.16 -55.77 97.39
CA TYR H 123 -3.99 -55.24 96.69
C TYR H 123 -2.92 -54.79 97.66
N ILE H 124 -3.22 -53.72 98.39
CA ILE H 124 -2.27 -53.19 99.36
C ILE H 124 -3.02 -52.52 100.52
N ALA H 125 -2.30 -52.16 101.58
CA ALA H 125 -2.95 -51.50 102.69
C ALA H 125 -1.99 -51.00 103.76
N LEU H 126 -2.46 -49.98 104.47
CA LEU H 126 -1.69 -49.36 105.53
C LEU H 126 -1.84 -50.12 106.84
N ASN H 127 -0.71 -50.58 107.35
CA ASN H 127 -0.63 -51.36 108.57
C ASN H 127 -1.15 -50.63 109.79
N GLU H 128 -1.34 -51.39 110.88
CA GLU H 128 -1.87 -50.87 112.13
C GLU H 128 -1.14 -49.64 112.61
N ASP H 129 0.18 -49.68 112.56
CA ASP H 129 1.01 -48.56 112.99
C ASP H 129 0.67 -47.25 112.32
N LEU H 130 0.34 -47.32 111.04
CA LEU H 130 0.01 -46.14 110.22
C LEU H 130 1.30 -45.57 109.64
N LYS H 131 2.28 -46.44 109.38
CA LYS H 131 3.56 -45.99 108.84
C LYS H 131 4.04 -46.81 107.63
N THR H 132 3.70 -48.09 107.61
CA THR H 132 4.12 -48.94 106.51
C THR H 132 2.94 -49.37 105.65
N TRP H 133 3.26 -50.19 104.66
CA TRP H 133 2.25 -50.72 103.76
C TRP H 133 2.53 -52.21 103.64
N THR H 134 1.48 -52.98 103.37
CA THR H 134 1.64 -54.40 103.19
C THR H 134 0.98 -54.69 101.87
N ALA H 135 1.68 -55.41 101.01
CA ALA H 135 1.14 -55.75 99.69
C ALA H 135 1.46 -57.18 99.26
N ALA H 136 0.59 -57.73 98.43
CA ALA H 136 0.75 -59.08 97.91
C ALA H 136 1.27 -58.95 96.48
N ASP H 137 1.68 -60.06 95.89
CA ASP H 137 2.19 -60.10 94.52
C ASP H 137 3.32 -59.12 94.18
N MET H 138 4.27 -59.61 93.39
CA MET H 138 5.44 -58.84 92.96
C MET H 138 5.09 -57.45 92.42
N ALA H 139 3.86 -57.30 91.98
CA ALA H 139 3.39 -56.03 91.43
C ALA H 139 3.12 -55.00 92.52
N ALA H 140 2.16 -55.30 93.39
CA ALA H 140 1.81 -54.38 94.46
C ALA H 140 3.05 -53.92 95.21
N LEU H 141 4.17 -54.57 94.93
CA LEU H 141 5.45 -54.23 95.54
C LEU H 141 5.83 -52.87 95.01
N ILE H 142 5.79 -52.75 93.69
CA ILE H 142 6.11 -51.52 93.01
C ILE H 142 5.34 -50.35 93.62
N THR H 143 4.08 -50.59 93.95
CA THR H 143 3.23 -49.55 94.51
C THR H 143 3.65 -49.02 95.88
N LYS H 144 4.05 -49.91 96.79
CA LYS H 144 4.46 -49.45 98.12
C LYS H 144 5.58 -48.43 98.02
N HIS H 145 6.71 -48.88 97.48
CA HIS H 145 7.86 -48.03 97.31
C HIS H 145 7.42 -46.63 96.89
N LYS H 146 6.35 -46.59 96.09
CA LYS H 146 5.78 -45.32 95.62
C LYS H 146 5.20 -44.52 96.79
N TRP H 147 4.06 -44.96 97.30
CA TRP H 147 3.41 -44.27 98.41
C TRP H 147 4.38 -43.97 99.57
N GLU H 148 5.43 -44.77 99.73
CA GLU H 148 6.34 -44.48 100.83
C GLU H 148 7.33 -43.39 100.45
N GLN H 149 7.96 -43.51 99.28
CA GLN H 149 8.93 -42.51 98.83
C GLN H 149 8.25 -41.20 98.45
N ALA H 150 7.08 -40.94 99.06
CA ALA H 150 6.33 -39.72 98.76
C ALA H 150 5.68 -39.13 100.02
N GLY H 151 5.85 -39.81 101.14
CA GLY H 151 5.29 -39.35 102.40
C GLY H 151 3.88 -39.85 102.70
N GLU H 152 3.20 -40.33 101.66
CA GLU H 152 1.83 -40.84 101.76
C GLU H 152 1.44 -41.31 103.17
N ALA H 153 2.22 -42.24 103.71
CA ALA H 153 1.96 -42.78 105.03
C ALA H 153 1.65 -41.66 106.00
N GLU H 154 2.55 -40.69 106.03
CA GLU H 154 2.41 -39.55 106.92
C GLU H 154 1.14 -38.77 106.62
N ARG H 155 1.07 -38.23 105.40
CA ARG H 155 -0.08 -37.42 105.02
C ARG H 155 -1.39 -38.12 105.28
N LEU H 156 -1.37 -39.42 105.06
CA LEU H 156 -2.55 -40.24 105.26
C LEU H 156 -2.82 -40.24 106.73
N ARG H 157 -1.75 -40.53 107.45
CA ARG H 157 -1.82 -40.62 108.87
C ARG H 157 -2.43 -39.37 109.47
N ALA H 158 -2.21 -38.23 108.82
CA ALA H 158 -2.75 -36.99 109.36
C ALA H 158 -4.27 -36.96 109.27
N TYR H 159 -4.76 -37.34 108.11
CA TYR H 159 -6.18 -37.37 107.86
C TYR H 159 -6.88 -38.18 108.95
N LEU H 160 -6.41 -39.41 109.09
CA LEU H 160 -6.93 -40.38 110.03
C LEU H 160 -6.92 -39.92 111.47
N GLU H 161 -5.74 -39.52 111.92
CA GLU H 161 -5.51 -39.07 113.29
C GLU H 161 -6.14 -37.71 113.59
N GLY H 162 -6.25 -36.87 112.57
CA GLY H 162 -6.81 -35.55 112.81
C GLY H 162 -8.09 -35.18 112.11
N THR H 163 -8.11 -35.32 110.78
CA THR H 163 -9.28 -34.96 110.03
C THR H 163 -10.49 -35.83 110.25
N CYS H 164 -10.41 -37.10 109.87
CA CYS H 164 -11.57 -37.96 110.04
C CYS H 164 -12.14 -37.90 111.43
N VAL H 165 -11.24 -37.67 112.39
CA VAL H 165 -11.66 -37.63 113.75
C VAL H 165 -12.44 -36.36 114.06
N GLU H 166 -11.80 -35.22 113.86
CA GLU H 166 -12.43 -33.93 114.13
C GLU H 166 -13.82 -33.88 113.51
N TRP H 167 -13.92 -34.47 112.33
CA TRP H 167 -15.16 -34.48 111.60
C TRP H 167 -16.14 -35.49 112.18
N LEU H 168 -15.69 -36.74 112.30
CA LEU H 168 -16.52 -37.83 112.83
C LEU H 168 -17.31 -37.30 114.02
N ARG H 169 -16.62 -36.50 114.81
CA ARG H 169 -17.22 -35.89 115.98
C ARG H 169 -18.36 -35.03 115.43
N ARG H 170 -18.00 -33.96 114.75
CA ARG H 170 -19.01 -33.05 114.18
C ARG H 170 -20.23 -33.77 113.67
N TYR H 171 -20.03 -34.78 112.82
CA TYR H 171 -21.16 -35.52 112.25
C TYR H 171 -22.03 -36.05 113.39
N LEU H 172 -21.39 -36.67 114.36
CA LEU H 172 -22.16 -37.18 115.48
C LEU H 172 -22.91 -36.04 116.16
N LYS H 173 -22.25 -34.89 116.26
CA LYS H 173 -22.87 -33.75 116.92
C LYS H 173 -24.28 -33.50 116.42
N ASN H 174 -24.45 -33.58 115.10
CA ASN H 174 -25.74 -33.31 114.49
C ASN H 174 -26.58 -34.53 114.12
N GLY H 175 -25.95 -35.70 113.99
CA GLY H 175 -26.71 -36.89 113.63
C GLY H 175 -27.28 -37.68 114.79
N ASN H 176 -26.73 -37.46 115.97
CA ASN H 176 -27.13 -38.12 117.20
C ASN H 176 -28.42 -38.92 117.09
N ALA H 177 -29.54 -38.30 117.49
CA ALA H 177 -30.84 -38.95 117.47
C ALA H 177 -30.86 -40.02 116.38
N THR H 178 -30.78 -39.58 115.14
CA THR H 178 -30.78 -40.49 114.02
C THR H 178 -29.79 -41.63 114.17
N LEU H 179 -28.65 -41.35 114.77
CA LEU H 179 -27.62 -42.37 114.95
C LEU H 179 -27.74 -43.11 116.27
N LEU H 180 -28.24 -42.42 117.28
CA LEU H 180 -28.38 -42.97 118.63
C LEU H 180 -29.74 -43.59 118.98
N ARG H 181 -30.71 -43.43 118.08
CA ARG H 181 -32.05 -43.95 118.30
C ARG H 181 -32.10 -45.46 118.30
N THR H 182 -33.16 -46.00 118.89
CA THR H 182 -33.34 -47.45 118.97
C THR H 182 -34.76 -47.83 118.59
N ASP H 183 -34.92 -49.09 118.24
CA ASP H 183 -36.21 -49.67 117.87
C ASP H 183 -36.14 -51.13 118.29
N SER H 184 -37.00 -51.51 119.23
CA SER H 184 -37.02 -52.88 119.74
C SER H 184 -37.61 -53.92 118.78
N PRO H 185 -36.86 -55.02 118.51
CA PRO H 185 -37.35 -56.04 117.59
C PRO H 185 -38.68 -56.58 118.02
N LYS H 186 -39.47 -57.00 117.04
CA LYS H 186 -40.76 -57.56 117.31
C LYS H 186 -40.64 -59.02 116.85
N ALA H 187 -40.78 -59.93 117.81
CA ALA H 187 -40.67 -61.34 117.53
C ALA H 187 -41.97 -62.08 117.72
N HIS H 188 -41.96 -63.33 117.27
CA HIS H 188 -43.09 -64.21 117.39
C HIS H 188 -42.53 -65.51 116.86
N VAL H 189 -43.31 -66.57 116.99
CA VAL H 189 -42.84 -67.88 116.54
C VAL H 189 -43.80 -68.57 115.54
N THR H 190 -43.27 -69.55 114.81
CA THR H 190 -44.10 -70.26 113.87
C THR H 190 -43.89 -71.75 113.97
N HIS H 191 -44.98 -72.46 113.73
CA HIS H 191 -45.01 -73.89 113.82
C HIS H 191 -45.17 -74.42 112.43
N HIS H 192 -44.13 -75.07 111.92
CA HIS H 192 -44.20 -75.60 110.56
C HIS H 192 -44.26 -77.11 110.51
N SER H 193 -45.48 -77.62 110.28
CA SER H 193 -45.76 -79.04 110.20
C SER H 193 -44.72 -79.76 109.34
N ARG H 194 -44.43 -81.01 109.68
CA ARG H 194 -43.43 -81.77 108.93
C ARG H 194 -43.55 -83.28 109.12
N PRO H 195 -43.28 -84.04 108.05
CA PRO H 195 -43.35 -85.50 108.07
C PRO H 195 -42.46 -86.11 109.14
N GLU H 196 -42.99 -87.13 109.80
CA GLU H 196 -42.31 -87.87 110.86
C GLU H 196 -42.54 -87.31 112.25
N ASP H 197 -43.73 -86.72 112.44
CA ASP H 197 -44.15 -86.17 113.72
C ASP H 197 -43.17 -85.14 114.27
N LYS H 198 -42.66 -84.29 113.39
CA LYS H 198 -41.71 -83.22 113.75
C LYS H 198 -42.19 -81.89 113.18
N VAL H 199 -41.75 -80.79 113.76
CA VAL H 199 -42.16 -79.48 113.26
C VAL H 199 -41.03 -78.45 113.32
N THR H 200 -41.13 -77.46 112.45
CA THR H 200 -40.12 -76.43 112.41
C THR H 200 -40.59 -75.23 113.21
N LEU H 201 -39.81 -74.89 114.22
CA LEU H 201 -40.10 -73.75 115.08
C LEU H 201 -39.19 -72.62 114.64
N ARG H 202 -39.78 -71.56 114.10
CA ARG H 202 -39.00 -70.43 113.64
C ARG H 202 -39.23 -69.16 114.46
N CYS H 203 -38.12 -68.60 114.95
CA CYS H 203 -38.19 -67.39 115.75
C CYS H 203 -37.95 -66.17 114.85
N TRP H 204 -39.00 -65.36 114.77
CA TRP H 204 -39.01 -64.14 113.98
C TRP H 204 -38.65 -62.94 114.82
N ALA H 205 -37.90 -62.04 114.22
CA ALA H 205 -37.53 -60.80 114.87
C ALA H 205 -37.51 -59.78 113.71
N LEU H 206 -38.17 -58.64 113.91
CA LEU H 206 -38.24 -57.61 112.88
C LEU H 206 -38.91 -56.31 113.31
N GLY H 207 -38.37 -55.20 112.81
CA GLY H 207 -38.89 -53.89 113.12
C GLY H 207 -37.89 -53.22 114.04
N PHE H 208 -36.80 -53.94 114.27
CA PHE H 208 -35.73 -53.49 115.13
C PHE H 208 -34.72 -52.61 114.44
N TYR H 209 -34.12 -51.66 115.17
CA TYR H 209 -33.14 -50.80 114.57
C TYR H 209 -31.71 -51.40 114.63
N PRO H 210 -30.67 -50.70 115.19
CA PRO H 210 -29.36 -51.35 115.16
C PRO H 210 -29.31 -52.74 114.54
N ALA H 211 -28.61 -52.86 113.42
CA ALA H 211 -28.57 -54.13 112.70
C ALA H 211 -27.95 -55.34 113.40
N ASP H 212 -27.30 -55.16 114.53
CA ASP H 212 -26.73 -56.33 115.19
C ASP H 212 -27.70 -56.91 116.18
N ILE H 213 -27.82 -58.23 116.15
CA ILE H 213 -28.72 -58.93 117.02
C ILE H 213 -28.28 -60.38 117.09
N THR H 214 -28.74 -61.08 118.11
CA THR H 214 -28.40 -62.48 118.28
C THR H 214 -29.64 -63.24 118.59
N LEU H 215 -29.77 -64.43 118.01
CA LEU H 215 -30.93 -65.27 118.26
C LEU H 215 -30.47 -66.64 118.64
N THR H 216 -31.21 -67.26 119.56
CA THR H 216 -30.87 -68.60 120.04
C THR H 216 -32.09 -69.45 120.40
N TRP H 217 -31.97 -70.74 120.19
CA TRP H 217 -33.05 -71.66 120.50
C TRP H 217 -32.63 -72.55 121.64
N GLN H 218 -33.52 -72.80 122.58
CA GLN H 218 -33.17 -73.62 123.71
C GLN H 218 -34.14 -74.70 124.08
N LEU H 219 -33.61 -75.69 124.79
CA LEU H 219 -34.40 -76.81 125.25
C LEU H 219 -34.03 -77.01 126.69
N ASN H 220 -34.46 -76.07 127.53
CA ASN H 220 -34.19 -76.09 128.96
C ASN H 220 -32.73 -75.74 129.25
N GLY H 221 -32.45 -74.44 129.21
CA GLY H 221 -31.12 -73.94 129.51
C GLY H 221 -29.90 -74.47 128.77
N GLU H 222 -30.05 -74.77 127.47
CA GLU H 222 -28.91 -75.26 126.69
C GLU H 222 -28.99 -74.73 125.27
N GLU H 223 -27.88 -74.16 124.81
CA GLU H 223 -27.79 -73.57 123.47
C GLU H 223 -28.01 -74.57 122.35
N LEU H 224 -28.65 -74.09 121.28
CA LEU H 224 -28.94 -74.93 120.14
C LEU H 224 -28.51 -74.29 118.83
N ILE H 225 -27.77 -73.19 118.94
CA ILE H 225 -27.28 -72.49 117.74
C ILE H 225 -26.60 -73.48 116.80
N GLN H 226 -26.20 -74.61 117.36
CA GLN H 226 -25.52 -75.68 116.62
C GLN H 226 -26.21 -76.12 115.32
N ASP H 227 -26.97 -77.20 115.39
CA ASP H 227 -27.67 -77.75 114.24
C ASP H 227 -28.91 -76.91 113.89
N MET H 228 -28.83 -75.63 114.19
CA MET H 228 -29.90 -74.67 113.95
C MET H 228 -29.88 -74.14 112.50
N GLU H 229 -30.84 -73.27 112.19
CA GLU H 229 -30.93 -72.65 110.86
C GLU H 229 -31.05 -71.14 110.95
N LEU H 230 -30.09 -70.45 110.34
CA LEU H 230 -30.05 -68.99 110.35
C LEU H 230 -30.07 -68.34 108.96
N VAL H 231 -30.32 -67.02 108.96
CA VAL H 231 -30.40 -66.20 107.76
C VAL H 231 -29.67 -64.89 108.01
N GLU H 232 -28.82 -64.43 107.08
CA GLU H 232 -28.14 -63.15 107.30
C GLU H 232 -29.25 -62.13 107.47
N THR H 233 -29.00 -61.10 108.27
CA THR H 233 -30.02 -60.10 108.52
C THR H 233 -30.56 -59.45 107.28
N ARG H 234 -31.86 -59.28 107.28
CA ARG H 234 -32.56 -58.70 106.13
C ARG H 234 -32.81 -57.21 106.27
N PRO H 235 -32.35 -56.42 105.31
CA PRO H 235 -32.62 -54.99 105.43
C PRO H 235 -34.13 -54.92 105.28
N ALA H 236 -34.84 -54.54 106.34
CA ALA H 236 -36.29 -54.48 106.25
C ALA H 236 -36.76 -53.50 105.21
N GLY H 237 -35.83 -52.72 104.65
CA GLY H 237 -36.23 -51.76 103.64
C GLY H 237 -37.15 -50.67 104.15
N ASP H 238 -36.66 -49.92 105.12
CA ASP H 238 -37.37 -48.80 105.72
C ASP H 238 -36.72 -48.39 107.02
N GLY H 239 -35.39 -48.42 107.02
CA GLY H 239 -34.62 -48.01 108.17
C GLY H 239 -34.56 -49.01 109.29
N THR H 240 -35.10 -50.21 109.05
CA THR H 240 -35.10 -51.24 110.06
C THR H 240 -34.79 -52.59 109.42
N PHE H 241 -34.65 -53.62 110.26
CA PHE H 241 -34.32 -54.95 109.74
C PHE H 241 -35.24 -56.14 110.10
N GLN H 242 -34.73 -57.32 109.76
CA GLN H 242 -35.45 -58.55 109.98
C GLN H 242 -34.47 -59.71 110.09
N LYS H 243 -34.84 -60.67 110.94
CA LYS H 243 -34.03 -61.85 111.13
C LYS H 243 -34.83 -62.96 111.81
N TRP H 244 -34.55 -64.20 111.41
CA TRP H 244 -35.17 -65.33 112.04
C TRP H 244 -34.26 -66.53 112.05
N ALA H 245 -34.62 -67.49 112.91
CA ALA H 245 -33.88 -68.73 113.10
C ALA H 245 -34.88 -69.74 113.53
N SER H 246 -34.56 -71.01 113.32
CA SER H 246 -35.47 -72.05 113.69
C SER H 246 -34.76 -73.36 113.90
N VAL H 247 -35.52 -74.36 114.32
CA VAL H 247 -34.99 -75.68 114.58
C VAL H 247 -36.11 -76.69 114.59
N VAL H 248 -35.75 -77.92 114.29
CA VAL H 248 -36.71 -79.02 114.25
C VAL H 248 -36.83 -79.65 115.63
N VAL H 249 -38.07 -79.90 116.02
CA VAL H 249 -38.34 -80.50 117.32
C VAL H 249 -39.52 -81.45 117.21
N PRO H 250 -39.46 -82.56 117.95
CA PRO H 250 -40.57 -83.52 117.91
C PRO H 250 -41.92 -82.84 118.13
N LEU H 251 -42.94 -83.39 117.52
CA LEU H 251 -44.27 -82.82 117.66
C LEU H 251 -44.65 -83.03 119.11
N GLY H 252 -45.43 -82.10 119.66
CA GLY H 252 -45.81 -82.21 121.05
C GLY H 252 -44.75 -81.61 121.97
N LYS H 253 -43.48 -81.86 121.66
CA LYS H 253 -42.35 -81.36 122.43
C LYS H 253 -42.07 -79.88 122.25
N GLU H 254 -43.05 -79.14 121.77
CA GLU H 254 -42.87 -77.72 121.53
C GLU H 254 -42.66 -76.88 122.78
N GLN H 255 -43.62 -76.93 123.69
CA GLN H 255 -43.59 -76.18 124.95
C GLN H 255 -42.25 -76.18 125.70
N TYR H 256 -41.40 -77.16 125.39
CA TYR H 256 -40.10 -77.29 126.05
C TYR H 256 -38.98 -76.54 125.31
N TYR H 257 -39.33 -75.81 124.25
CA TYR H 257 -38.34 -75.08 123.47
C TYR H 257 -38.52 -73.57 123.57
N THR H 258 -37.41 -72.87 123.74
CA THR H 258 -37.46 -71.43 123.91
C THR H 258 -36.46 -70.65 123.08
N CYS H 259 -36.95 -69.60 122.45
CA CYS H 259 -36.07 -68.80 121.65
C CYS H 259 -35.76 -67.53 122.37
N HIS H 260 -34.57 -66.98 122.12
CA HIS H 260 -34.12 -65.76 122.77
C HIS H 260 -33.65 -64.70 121.80
N VAL H 261 -34.14 -63.48 122.02
CA VAL H 261 -33.80 -62.32 121.21
C VAL H 261 -33.09 -61.25 122.05
N TYR H 262 -31.77 -61.14 121.90
CA TYR H 262 -31.00 -60.12 122.63
C TYR H 262 -30.73 -58.96 121.66
N HIS H 263 -31.25 -57.78 121.96
CA HIS H 263 -31.01 -56.60 121.11
C HIS H 263 -30.87 -55.35 121.98
N GLN H 264 -29.79 -54.62 121.77
CA GLN H 264 -29.50 -53.42 122.55
C GLN H 264 -30.64 -52.44 122.84
N GLY H 265 -31.75 -52.55 122.13
CA GLY H 265 -32.87 -51.66 122.38
C GLY H 265 -33.89 -52.39 123.23
N LEU H 266 -33.42 -53.37 123.99
CA LEU H 266 -34.30 -54.17 124.84
C LEU H 266 -33.99 -54.25 126.35
N PRO H 267 -34.82 -53.58 127.17
CA PRO H 267 -34.55 -53.67 128.60
C PRO H 267 -35.10 -55.07 128.91
N GLU H 268 -34.20 -56.06 128.98
CA GLU H 268 -34.59 -57.47 129.22
C GLU H 268 -34.65 -58.13 127.86
N PRO H 269 -33.83 -59.17 127.64
CA PRO H 269 -33.87 -59.83 126.34
C PRO H 269 -35.31 -60.29 126.11
N LEU H 270 -35.69 -60.56 124.87
CA LEU H 270 -37.04 -61.03 124.56
C LEU H 270 -37.04 -62.55 124.68
N THR H 271 -38.10 -63.10 125.24
CA THR H 271 -38.17 -64.55 125.40
C THR H 271 -39.50 -65.15 124.99
N LEU H 272 -39.45 -66.03 123.98
CA LEU H 272 -40.65 -66.68 123.44
C LEU H 272 -40.56 -68.20 123.48
N ARG H 273 -41.73 -68.82 123.63
CA ARG H 273 -41.88 -70.27 123.72
C ARG H 273 -43.18 -70.63 123.01
N TRP H 274 -43.36 -71.88 122.61
CA TRP H 274 -44.62 -72.26 121.97
C TRP H 274 -45.58 -72.91 122.97
N GLU I 1 -15.80 -35.76 105.63
CA GLU I 1 -14.81 -35.05 104.77
C GLU I 1 -13.79 -36.06 104.33
N GLN I 2 -13.60 -36.17 103.03
CA GLN I 2 -12.71 -37.19 102.51
C GLN I 2 -11.31 -36.84 102.12
N TYR I 3 -10.51 -37.90 102.07
CA TYR I 3 -9.10 -37.86 101.72
C TYR I 3 -8.94 -37.49 100.26
N LYS I 4 -7.69 -37.24 99.87
CA LYS I 4 -7.32 -36.90 98.48
C LYS I 4 -6.31 -37.97 98.01
N PHE I 5 -6.78 -39.21 97.94
CA PHE I 5 -6.00 -40.38 97.55
C PHE I 5 -4.85 -40.15 96.59
N TYR I 6 -3.85 -41.04 96.68
CA TYR I 6 -2.70 -41.02 95.79
C TYR I 6 -2.86 -42.14 94.75
N SER I 7 -2.06 -42.09 93.68
CA SER I 7 -2.11 -43.09 92.60
C SER I 7 -1.42 -44.38 93.00
N VAL I 8 -1.05 -45.21 92.03
CA VAL I 8 -0.44 -46.50 92.39
C VAL I 8 0.70 -47.07 91.51
N ILE J 1 -13.39 -60.85 91.48
CA ILE J 1 -13.28 -62.32 91.31
C ILE J 1 -14.68 -62.92 91.32
N GLN J 2 -14.78 -64.17 90.90
CA GLN J 2 -16.05 -64.84 90.86
C GLN J 2 -16.54 -65.15 92.27
N LYS J 3 -17.70 -64.59 92.62
CA LYS J 3 -18.28 -64.82 93.94
C LYS J 3 -19.79 -64.88 93.78
N THR J 4 -20.36 -66.08 93.90
CA THR J 4 -21.80 -66.29 93.74
C THR J 4 -22.66 -65.52 94.72
N PRO J 5 -23.61 -64.73 94.21
CA PRO J 5 -24.56 -63.88 94.94
C PRO J 5 -25.60 -64.59 95.82
N GLN J 6 -25.81 -64.03 97.00
CA GLN J 6 -26.77 -64.58 97.94
C GLN J 6 -28.08 -63.83 97.76
N ILE J 7 -29.17 -64.57 97.63
CA ILE J 7 -30.48 -63.96 97.45
C ILE J 7 -31.53 -64.36 98.47
N GLN J 8 -32.23 -63.34 98.95
CA GLN J 8 -33.30 -63.52 99.88
C GLN J 8 -34.42 -62.66 99.31
N VAL J 9 -35.64 -63.15 99.49
CA VAL J 9 -36.82 -62.45 99.00
C VAL J 9 -37.79 -62.47 100.16
N TYR J 10 -38.49 -61.35 100.35
CA TYR J 10 -39.43 -61.24 101.43
C TYR J 10 -40.15 -59.89 101.42
N SER J 11 -41.12 -59.75 102.30
CA SER J 11 -41.89 -58.53 102.43
C SER J 11 -41.51 -57.83 103.71
N ARG J 12 -42.00 -56.62 103.86
CA ARG J 12 -41.71 -55.86 105.05
C ARG J 12 -42.53 -56.45 106.12
N HIS J 13 -43.77 -56.00 106.19
CA HIS J 13 -44.69 -56.47 107.19
C HIS J 13 -44.96 -57.95 107.00
N PRO J 14 -45.84 -58.52 107.81
CA PRO J 14 -46.13 -59.95 107.66
C PRO J 14 -46.97 -60.13 106.40
N PRO J 15 -46.82 -61.27 105.72
CA PRO J 15 -47.58 -61.53 104.50
C PRO J 15 -49.08 -61.70 104.73
N GLU J 16 -49.80 -60.59 104.93
CA GLU J 16 -51.23 -60.67 105.10
C GLU J 16 -51.78 -61.02 103.71
N ASN J 17 -52.95 -60.49 103.36
CA ASN J 17 -53.55 -60.75 102.04
C ASN J 17 -54.61 -59.72 101.72
N GLY J 18 -54.74 -59.37 100.45
CA GLY J 18 -55.73 -58.38 100.06
C GLY J 18 -55.47 -57.10 100.81
N LYS J 19 -54.22 -56.94 101.25
CA LYS J 19 -53.77 -55.77 101.99
C LYS J 19 -52.40 -55.42 101.44
N PRO J 20 -52.19 -54.15 101.05
CA PRO J 20 -50.90 -53.70 100.49
C PRO J 20 -49.69 -53.88 101.38
N ASN J 21 -48.57 -54.24 100.75
CA ASN J 21 -47.31 -54.45 101.42
C ASN J 21 -46.21 -54.07 100.43
N ILE J 22 -45.05 -54.72 100.54
CA ILE J 22 -43.93 -54.44 99.67
C ILE J 22 -43.06 -55.68 99.60
N LEU J 23 -42.28 -55.82 98.54
CA LEU J 23 -41.45 -57.01 98.36
C LEU J 23 -40.02 -56.69 98.01
N ASN J 24 -39.08 -57.44 98.57
CA ASN J 24 -37.65 -57.22 98.32
C ASN J 24 -36.91 -58.38 97.72
N CYS J 25 -35.67 -58.12 97.29
CA CYS J 25 -34.81 -59.12 96.69
C CYS J 25 -33.34 -58.74 96.99
N TYR J 26 -33.02 -58.93 98.26
CA TYR J 26 -31.69 -58.67 98.79
C TYR J 26 -30.67 -59.63 98.18
N VAL J 27 -29.73 -59.10 97.40
CA VAL J 27 -28.70 -59.96 96.86
C VAL J 27 -27.35 -59.46 97.38
N THR J 28 -26.50 -60.41 97.77
CA THR J 28 -25.20 -60.06 98.31
C THR J 28 -24.13 -61.07 97.92
N GLN J 29 -23.01 -61.03 98.64
CA GLN J 29 -21.85 -61.89 98.48
C GLN J 29 -21.43 -62.24 97.05
N PHE J 30 -21.64 -61.32 96.11
CA PHE J 30 -21.26 -61.56 94.72
C PHE J 30 -20.20 -60.56 94.32
N HIS J 31 -19.32 -60.86 93.37
CA HIS J 31 -18.38 -59.78 93.10
C HIS J 31 -18.57 -58.83 91.92
N PRO J 32 -17.90 -59.05 90.75
CA PRO J 32 -18.11 -58.06 89.68
C PRO J 32 -19.46 -57.38 89.86
N PRO J 33 -19.45 -56.18 90.50
CA PRO J 33 -20.54 -55.27 90.85
C PRO J 33 -21.71 -55.21 89.92
N HIS J 34 -21.48 -55.53 88.65
CA HIS J 34 -22.52 -55.51 87.62
C HIS J 34 -23.49 -56.71 87.65
N ILE J 35 -24.77 -56.42 87.81
CA ILE J 35 -25.75 -57.48 87.88
C ILE J 35 -27.14 -57.13 87.38
N GLU J 36 -27.84 -58.18 86.97
CA GLU J 36 -29.19 -58.06 86.48
C GLU J 36 -30.05 -58.78 87.52
N ILE J 37 -30.98 -58.02 88.09
CA ILE J 37 -31.88 -58.52 89.13
C ILE J 37 -33.31 -58.33 88.67
N GLN J 38 -34.07 -59.43 88.54
CA GLN J 38 -35.44 -59.35 88.08
C GLN J 38 -36.52 -59.93 88.98
N MET J 39 -37.46 -59.06 89.32
CA MET J 39 -38.61 -59.37 90.18
C MET J 39 -39.81 -59.70 89.32
N LEU J 40 -40.31 -60.91 89.45
CA LEU J 40 -41.44 -61.35 88.63
C LEU J 40 -42.70 -61.75 89.40
N LYS J 41 -43.82 -61.76 88.69
CA LYS J 41 -45.13 -62.11 89.23
C LYS J 41 -45.80 -63.08 88.26
N ASN J 42 -45.46 -64.37 88.37
CA ASN J 42 -46.00 -65.44 87.53
C ASN J 42 -45.10 -65.70 86.31
N GLY J 43 -43.79 -65.56 86.50
CA GLY J 43 -42.87 -65.79 85.40
C GLY J 43 -42.73 -64.56 84.55
N LYS J 44 -43.58 -63.57 84.80
CA LYS J 44 -43.57 -62.31 84.06
C LYS J 44 -43.01 -61.16 84.90
N LYS J 45 -42.03 -60.43 84.35
CA LYS J 45 -41.41 -59.30 85.07
C LYS J 45 -42.41 -58.23 85.47
N ILE J 46 -42.06 -57.50 86.51
CA ILE J 46 -42.90 -56.42 87.02
C ILE J 46 -42.36 -55.12 86.46
N PRO J 47 -43.23 -54.11 86.29
CA PRO J 47 -42.83 -52.79 85.77
C PRO J 47 -41.86 -52.01 86.66
N LYS J 48 -42.26 -51.76 87.91
CA LYS J 48 -41.44 -50.99 88.86
C LYS J 48 -40.43 -51.82 89.66
N VAL J 49 -39.18 -51.86 89.18
CA VAL J 49 -38.16 -52.63 89.85
C VAL J 49 -37.35 -51.80 90.84
N GLU J 50 -38.00 -50.82 91.44
CA GLU J 50 -37.39 -49.94 92.45
C GLU J 50 -36.06 -50.46 93.02
N MET J 51 -34.93 -50.13 92.40
CA MET J 51 -33.66 -50.63 92.91
C MET J 51 -32.84 -49.61 93.74
N SER J 52 -32.03 -50.12 94.65
CA SER J 52 -31.22 -49.26 95.51
C SER J 52 -29.84 -48.95 94.96
N ASP J 53 -29.19 -47.95 95.57
CA ASP J 53 -27.86 -47.53 95.17
C ASP J 53 -26.81 -48.51 95.64
N MET J 54 -25.99 -48.98 94.71
CA MET J 54 -24.95 -49.96 94.95
C MET J 54 -24.03 -49.71 96.14
N SER J 55 -23.65 -50.79 96.80
CA SER J 55 -22.76 -50.71 97.96
C SER J 55 -21.76 -51.89 98.01
N PHE J 56 -21.13 -52.10 99.17
CA PHE J 56 -20.15 -53.16 99.36
C PHE J 56 -19.88 -53.36 100.83
N SER J 57 -19.18 -54.44 101.15
CA SER J 57 -18.86 -54.73 102.53
C SER J 57 -17.41 -55.16 102.73
N LYS J 58 -16.98 -55.01 103.97
CA LYS J 58 -15.64 -55.34 104.46
C LYS J 58 -14.81 -56.41 103.74
N ASP J 59 -15.46 -57.33 103.03
CA ASP J 59 -14.71 -58.37 102.33
C ASP J 59 -14.76 -58.10 100.85
N TRP J 60 -14.96 -56.83 100.51
CA TRP J 60 -15.01 -56.36 99.13
C TRP J 60 -16.30 -56.61 98.37
N SER J 61 -17.06 -57.61 98.79
CA SER J 61 -18.31 -57.97 98.13
C SER J 61 -19.32 -56.81 97.98
N PHE J 62 -20.34 -57.04 97.16
CA PHE J 62 -21.36 -56.04 96.89
C PHE J 62 -22.80 -56.43 97.27
N TYR J 63 -23.50 -55.49 97.89
CA TYR J 63 -24.88 -55.74 98.26
C TYR J 63 -25.81 -54.79 97.55
N ILE J 64 -27.08 -55.16 97.47
CA ILE J 64 -28.05 -54.32 96.80
C ILE J 64 -29.48 -54.81 97.10
N LEU J 65 -30.40 -53.88 97.30
CA LEU J 65 -31.77 -54.21 97.65
C LEU J 65 -32.87 -53.89 96.68
N ALA J 66 -33.26 -54.87 95.87
CA ALA J 66 -34.33 -54.66 94.91
C ALA J 66 -35.62 -54.71 95.70
N HIS J 67 -36.59 -53.90 95.31
CA HIS J 67 -37.88 -53.90 95.98
C HIS J 67 -39.02 -53.40 95.08
N THR J 68 -40.01 -54.25 94.85
CA THR J 68 -41.15 -53.86 94.03
C THR J 68 -42.16 -53.12 94.90
N GLU J 69 -43.33 -53.75 95.09
CA GLU J 69 -44.41 -53.16 95.86
C GLU J 69 -45.61 -54.02 95.48
N PHE J 70 -46.41 -54.46 96.45
CA PHE J 70 -47.59 -55.30 96.14
C PHE J 70 -48.66 -55.51 97.19
N THR J 71 -49.69 -56.19 96.73
CA THR J 71 -50.83 -56.58 97.54
C THR J 71 -50.90 -58.05 97.12
N PRO J 72 -50.59 -58.96 98.05
CA PRO J 72 -50.63 -60.39 97.74
C PRO J 72 -51.95 -61.08 97.99
N THR J 73 -52.07 -62.27 97.40
CA THR J 73 -53.23 -63.13 97.53
C THR J 73 -52.69 -64.55 97.32
N GLU J 74 -53.10 -65.47 98.19
CA GLU J 74 -52.63 -66.87 98.14
C GLU J 74 -52.41 -67.49 96.76
N THR J 75 -53.14 -67.02 95.76
CA THR J 75 -53.06 -67.52 94.38
C THR J 75 -51.74 -67.33 93.60
N ASP J 76 -51.21 -66.11 93.60
CA ASP J 76 -49.99 -65.76 92.87
C ASP J 76 -48.73 -66.59 93.16
N THR J 77 -47.58 -66.03 92.79
CA THR J 77 -46.27 -66.67 92.99
C THR J 77 -45.16 -65.70 92.59
N TYR J 78 -44.67 -64.93 93.56
CA TYR J 78 -43.61 -63.98 93.27
C TYR J 78 -42.25 -64.63 93.49
N ALA J 79 -41.24 -64.14 92.79
CA ALA J 79 -39.89 -64.67 92.91
C ALA J 79 -38.86 -63.74 92.27
N CYS J 80 -37.66 -64.24 92.04
CA CYS J 80 -36.63 -63.40 91.45
C CYS J 80 -35.48 -64.19 90.82
N ARG J 81 -35.00 -63.65 89.72
CA ARG J 81 -33.91 -64.26 89.00
C ARG J 81 -32.80 -63.25 89.06
N VAL J 82 -31.57 -63.74 89.08
CA VAL J 82 -30.46 -62.83 89.16
C VAL J 82 -29.31 -63.24 88.26
N LYS J 83 -29.16 -62.48 87.17
CA LYS J 83 -28.11 -62.73 86.18
C LYS J 83 -26.79 -62.18 86.68
N HIS J 84 -25.79 -63.05 86.73
CA HIS J 84 -24.47 -62.68 87.20
C HIS J 84 -23.47 -63.66 86.62
N ASP J 85 -22.25 -63.19 86.41
CA ASP J 85 -21.20 -64.01 85.82
C ASP J 85 -20.59 -65.07 86.71
N SER J 86 -21.08 -65.22 87.94
CA SER J 86 -20.53 -66.24 88.82
C SER J 86 -21.20 -67.56 88.46
N MET J 87 -22.53 -67.53 88.39
CA MET J 87 -23.32 -68.69 88.04
C MET J 87 -23.52 -68.71 86.53
N ALA J 88 -23.75 -69.89 85.98
CA ALA J 88 -23.97 -70.05 84.55
C ALA J 88 -25.37 -69.57 84.22
N GLU J 89 -26.36 -70.24 84.79
CA GLU J 89 -27.73 -69.84 84.55
C GLU J 89 -28.23 -69.05 85.75
N PRO J 90 -28.99 -67.98 85.49
CA PRO J 90 -29.64 -66.96 86.33
C PRO J 90 -30.18 -67.21 87.77
N LYS J 91 -30.37 -68.46 88.18
CA LYS J 91 -30.89 -68.73 89.53
C LYS J 91 -32.13 -67.91 89.92
N THR J 92 -33.24 -68.60 90.12
CA THR J 92 -34.46 -67.93 90.55
C THR J 92 -34.66 -68.26 91.99
N VAL J 93 -35.42 -67.42 92.64
CA VAL J 93 -35.71 -67.63 94.04
C VAL J 93 -37.17 -67.24 94.26
N TYR J 94 -37.90 -68.13 94.93
CA TYR J 94 -39.30 -67.92 95.19
C TYR J 94 -39.65 -67.30 96.55
N TRP J 95 -40.55 -66.31 96.52
CA TRP J 95 -41.00 -65.64 97.72
C TRP J 95 -41.68 -66.72 98.54
N ASP J 96 -41.18 -67.02 99.74
CA ASP J 96 -41.82 -68.05 100.55
C ASP J 96 -42.78 -67.58 101.63
N ARG J 97 -43.45 -66.46 101.42
CA ARG J 97 -44.41 -65.98 102.42
C ARG J 97 -43.91 -66.18 103.85
N ASP J 98 -44.72 -66.88 104.64
CA ASP J 98 -44.34 -67.20 106.01
C ASP J 98 -43.14 -68.11 105.86
N MET J 99 -42.01 -67.53 105.46
CA MET J 99 -40.80 -68.30 105.28
C MET J 99 -40.56 -69.18 106.49
#